data_3EJG
# 
_entry.id   3EJG 
# 
_audit_conform.dict_name       mmcif_pdbx.dic 
_audit_conform.dict_version    5.387 
_audit_conform.dict_location   http://mmcif.pdb.org/dictionaries/ascii/mmcif_pdbx.dic 
# 
loop_
_database_2.database_id 
_database_2.database_code 
_database_2.pdbx_database_accession 
_database_2.pdbx_DOI 
PDB   3EJG         pdb_00003ejg 10.2210/pdb3ejg/pdb 
RCSB  RCSB049398   ?            ?                   
WWPDB D_1000049398 ?            ?                   
# 
loop_
_pdbx_audit_revision_history.ordinal 
_pdbx_audit_revision_history.data_content_type 
_pdbx_audit_revision_history.major_revision 
_pdbx_audit_revision_history.minor_revision 
_pdbx_audit_revision_history.revision_date 
1 'Structure model' 1 0 2008-09-30 
2 'Structure model' 1 1 2011-07-13 
3 'Structure model' 1 2 2018-03-07 
4 'Structure model' 1 3 2024-02-21 
# 
_pdbx_audit_revision_details.ordinal             1 
_pdbx_audit_revision_details.revision_ordinal    1 
_pdbx_audit_revision_details.data_content_type   'Structure model' 
_pdbx_audit_revision_details.provider            repository 
_pdbx_audit_revision_details.type                'Initial release' 
_pdbx_audit_revision_details.description         ? 
_pdbx_audit_revision_details.details             ? 
# 
loop_
_pdbx_audit_revision_group.ordinal 
_pdbx_audit_revision_group.revision_ordinal 
_pdbx_audit_revision_group.data_content_type 
_pdbx_audit_revision_group.group 
1 2 'Structure model' 'Version format compliance' 
2 3 'Structure model' 'Data collection'           
3 4 'Structure model' 'Data collection'           
4 4 'Structure model' 'Database references'       
# 
loop_
_pdbx_audit_revision_category.ordinal 
_pdbx_audit_revision_category.revision_ordinal 
_pdbx_audit_revision_category.data_content_type 
_pdbx_audit_revision_category.category 
1 3 'Structure model' diffrn_source      
2 4 'Structure model' chem_comp_atom     
3 4 'Structure model' chem_comp_bond     
4 4 'Structure model' database_2         
5 4 'Structure model' struct_ref_seq_dif 
# 
loop_
_pdbx_audit_revision_item.ordinal 
_pdbx_audit_revision_item.revision_ordinal 
_pdbx_audit_revision_item.data_content_type 
_pdbx_audit_revision_item.item 
1 3 'Structure model' '_diffrn_source.pdbx_synchrotron_site' 
2 4 'Structure model' '_database_2.pdbx_DOI'                 
3 4 'Structure model' '_database_2.pdbx_database_accession'  
4 4 'Structure model' '_struct_ref_seq_dif.details'          
# 
_pdbx_database_status.entry_id                        3EJG 
_pdbx_database_status.deposit_site                    RCSB 
_pdbx_database_status.process_site                    RCSB 
_pdbx_database_status.recvd_initial_deposition_date   2008-09-18 
_pdbx_database_status.status_code                     REL 
_pdbx_database_status.status_code_sf                  REL 
_pdbx_database_status.status_code_mr                  ? 
_pdbx_database_status.SG_entry                        ? 
_pdbx_database_status.pdb_format_compatible           Y 
_pdbx_database_status.status_code_cs                  ? 
_pdbx_database_status.methods_development_category    ? 
_pdbx_database_status.status_code_nmr_data            ? 
# 
loop_
_pdbx_database_related.db_name 
_pdbx_database_related.db_id 
_pdbx_database_related.details 
_pdbx_database_related.content_type 
PDB 3EJF . unspecified 
PDB 3EJG . unspecified 
# 
loop_
_audit_author.name 
_audit_author.pdbx_ordinal 
'Piotrowski, Y.' 1 
'Hansen, G.'     2 
'Hilgenfeld, R.' 3 
# 
_citation.id                        primary 
_citation.title                     
;Crystal structures of the X-domains of a Group-1 and a Group-3 coronavirus reveal that ADP-ribose-binding may not be a conserved property.
;
_citation.journal_abbrev            'Protein Sci.' 
_citation.journal_volume            18 
_citation.page_first                6 
_citation.page_last                 16 
_citation.year                      2009 
_citation.journal_id_ASTM           PRCIEI 
_citation.country                   US 
_citation.journal_id_ISSN           0961-8368 
_citation.journal_id_CSD            0795 
_citation.book_publisher            ? 
_citation.pdbx_database_id_PubMed   19177346 
_citation.pdbx_database_id_DOI      10.1002/pro.15 
# 
loop_
_citation_author.citation_id 
_citation_author.name 
_citation_author.ordinal 
_citation_author.identifier_ORCID 
primary 'Piotrowski, Y.'                1 ? 
primary 'Hansen, G.'                    2 ? 
primary 'Boomaars-van der Zanden, A.L.' 3 ? 
primary 'Snijder, E.J.'                 4 ? 
primary 'Gorbalenya, A.E.'              5 ? 
primary 'Hilgenfeld, R.'                6 ? 
# 
loop_
_entity.id 
_entity.type 
_entity.src_method 
_entity.pdbx_description 
_entity.formula_weight 
_entity.pdbx_number_of_molecules 
_entity.pdbx_ec 
_entity.pdbx_mutation 
_entity.pdbx_fragment 
_entity.details 
1 polymer man 'Non-structural protein 3' 21343.428 1   3.4.22.- ? 'Macro domain, UNP residues 1270-1434' ? 
2 water   nat water                      18.015    146 ?        ? ?                                      ? 
# 
_entity_name_com.entity_id   1 
_entity_name_com.name        'nsp3, PP1AB, ORF1AB Polyprotein' 
# 
_entity_poly.entity_id                      1 
_entity_poly.type                           'polypeptide(L)' 
_entity_poly.nstd_linkage                   no 
_entity_poly.nstd_monomer                   no 
_entity_poly.pdbx_seq_one_letter_code       
;MKHHHHHHPMSDYDIPTTENLYFQGAMAEKLNAFLVHDNVAFYQGDVDTVVNGVDFDFIVNAANENLAHGGGLAKALDVY
TKGKLQRLSKEHIGLAGKVKVGTGVMVECDSLRIFNVVGPRKGKHERDLLIKAYNTINNEQGTPLTPILSCGIFGIKLET
SLEVLLDVCNTKEVKVFVYTDTEVCKVKDFVSG
;
_entity_poly.pdbx_seq_one_letter_code_can   
;MKHHHHHHPMSDYDIPTTENLYFQGAMAEKLNAFLVHDNVAFYQGDVDTVVNGVDFDFIVNAANENLAHGGGLAKALDVY
TKGKLQRLSKEHIGLAGKVKVGTGVMVECDSLRIFNVVGPRKGKHERDLLIKAYNTINNEQGTPLTPILSCGIFGIKLET
SLEVLLDVCNTKEVKVFVYTDTEVCKVKDFVSG
;
_entity_poly.pdbx_strand_id                 A 
_entity_poly.pdbx_target_identifier         ? 
# 
_pdbx_entity_nonpoly.entity_id   2 
_pdbx_entity_nonpoly.name        water 
_pdbx_entity_nonpoly.comp_id     HOH 
# 
loop_
_entity_poly_seq.entity_id 
_entity_poly_seq.num 
_entity_poly_seq.mon_id 
_entity_poly_seq.hetero 
1 1   MET n 
1 2   LYS n 
1 3   HIS n 
1 4   HIS n 
1 5   HIS n 
1 6   HIS n 
1 7   HIS n 
1 8   HIS n 
1 9   PRO n 
1 10  MET n 
1 11  SER n 
1 12  ASP n 
1 13  TYR n 
1 14  ASP n 
1 15  ILE n 
1 16  PRO n 
1 17  THR n 
1 18  THR n 
1 19  GLU n 
1 20  ASN n 
1 21  LEU n 
1 22  TYR n 
1 23  PHE n 
1 24  GLN n 
1 25  GLY n 
1 26  ALA n 
1 27  MET n 
1 28  ALA n 
1 29  GLU n 
1 30  LYS n 
1 31  LEU n 
1 32  ASN n 
1 33  ALA n 
1 34  PHE n 
1 35  LEU n 
1 36  VAL n 
1 37  HIS n 
1 38  ASP n 
1 39  ASN n 
1 40  VAL n 
1 41  ALA n 
1 42  PHE n 
1 43  TYR n 
1 44  GLN n 
1 45  GLY n 
1 46  ASP n 
1 47  VAL n 
1 48  ASP n 
1 49  THR n 
1 50  VAL n 
1 51  VAL n 
1 52  ASN n 
1 53  GLY n 
1 54  VAL n 
1 55  ASP n 
1 56  PHE n 
1 57  ASP n 
1 58  PHE n 
1 59  ILE n 
1 60  VAL n 
1 61  ASN n 
1 62  ALA n 
1 63  ALA n 
1 64  ASN n 
1 65  GLU n 
1 66  ASN n 
1 67  LEU n 
1 68  ALA n 
1 69  HIS n 
1 70  GLY n 
1 71  GLY n 
1 72  GLY n 
1 73  LEU n 
1 74  ALA n 
1 75  LYS n 
1 76  ALA n 
1 77  LEU n 
1 78  ASP n 
1 79  VAL n 
1 80  TYR n 
1 81  THR n 
1 82  LYS n 
1 83  GLY n 
1 84  LYS n 
1 85  LEU n 
1 86  GLN n 
1 87  ARG n 
1 88  LEU n 
1 89  SER n 
1 90  LYS n 
1 91  GLU n 
1 92  HIS n 
1 93  ILE n 
1 94  GLY n 
1 95  LEU n 
1 96  ALA n 
1 97  GLY n 
1 98  LYS n 
1 99  VAL n 
1 100 LYS n 
1 101 VAL n 
1 102 GLY n 
1 103 THR n 
1 104 GLY n 
1 105 VAL n 
1 106 MET n 
1 107 VAL n 
1 108 GLU n 
1 109 CYS n 
1 110 ASP n 
1 111 SER n 
1 112 LEU n 
1 113 ARG n 
1 114 ILE n 
1 115 PHE n 
1 116 ASN n 
1 117 VAL n 
1 118 VAL n 
1 119 GLY n 
1 120 PRO n 
1 121 ARG n 
1 122 LYS n 
1 123 GLY n 
1 124 LYS n 
1 125 HIS n 
1 126 GLU n 
1 127 ARG n 
1 128 ASP n 
1 129 LEU n 
1 130 LEU n 
1 131 ILE n 
1 132 LYS n 
1 133 ALA n 
1 134 TYR n 
1 135 ASN n 
1 136 THR n 
1 137 ILE n 
1 138 ASN n 
1 139 ASN n 
1 140 GLU n 
1 141 GLN n 
1 142 GLY n 
1 143 THR n 
1 144 PRO n 
1 145 LEU n 
1 146 THR n 
1 147 PRO n 
1 148 ILE n 
1 149 LEU n 
1 150 SER n 
1 151 CYS n 
1 152 GLY n 
1 153 ILE n 
1 154 PHE n 
1 155 GLY n 
1 156 ILE n 
1 157 LYS n 
1 158 LEU n 
1 159 GLU n 
1 160 THR n 
1 161 SER n 
1 162 LEU n 
1 163 GLU n 
1 164 VAL n 
1 165 LEU n 
1 166 LEU n 
1 167 ASP n 
1 168 VAL n 
1 169 CYS n 
1 170 ASN n 
1 171 THR n 
1 172 LYS n 
1 173 GLU n 
1 174 VAL n 
1 175 LYS n 
1 176 VAL n 
1 177 PHE n 
1 178 VAL n 
1 179 TYR n 
1 180 THR n 
1 181 ASP n 
1 182 THR n 
1 183 GLU n 
1 184 VAL n 
1 185 CYS n 
1 186 LYS n 
1 187 VAL n 
1 188 LYS n 
1 189 ASP n 
1 190 PHE n 
1 191 VAL n 
1 192 SER n 
1 193 GLY n 
# 
_entity_src_gen.entity_id                          1 
_entity_src_gen.pdbx_src_id                        1 
_entity_src_gen.pdbx_alt_source_flag               sample 
_entity_src_gen.pdbx_seq_type                      ? 
_entity_src_gen.pdbx_beg_seq_num                   ? 
_entity_src_gen.pdbx_end_seq_num                   ? 
_entity_src_gen.gene_src_common_name               HCoV-229E 
_entity_src_gen.gene_src_genus                     ? 
_entity_src_gen.pdbx_gene_src_gene                 1a 
_entity_src_gen.gene_src_species                   ? 
_entity_src_gen.gene_src_strain                    ? 
_entity_src_gen.gene_src_tissue                    ? 
_entity_src_gen.gene_src_tissue_fraction           ? 
_entity_src_gen.gene_src_details                   ? 
_entity_src_gen.pdbx_gene_src_fragment             ? 
_entity_src_gen.pdbx_gene_src_scientific_name      'Human coronavirus 229E' 
_entity_src_gen.pdbx_gene_src_ncbi_taxonomy_id     11137 
_entity_src_gen.pdbx_gene_src_variant              ? 
_entity_src_gen.pdbx_gene_src_cell_line            ? 
_entity_src_gen.pdbx_gene_src_atcc                 ? 
_entity_src_gen.pdbx_gene_src_organ                ? 
_entity_src_gen.pdbx_gene_src_organelle            ? 
_entity_src_gen.pdbx_gene_src_cell                 ? 
_entity_src_gen.pdbx_gene_src_cellular_location    ? 
_entity_src_gen.host_org_common_name               ? 
_entity_src_gen.pdbx_host_org_scientific_name      'Escherichia coli' 
_entity_src_gen.pdbx_host_org_ncbi_taxonomy_id     562 
_entity_src_gen.host_org_genus                     ? 
_entity_src_gen.pdbx_host_org_gene                 ? 
_entity_src_gen.pdbx_host_org_organ                ? 
_entity_src_gen.host_org_species                   ? 
_entity_src_gen.pdbx_host_org_tissue               ? 
_entity_src_gen.pdbx_host_org_tissue_fraction      ? 
_entity_src_gen.pdbx_host_org_strain               'BL21 (DE3)' 
_entity_src_gen.pdbx_host_org_variant              ? 
_entity_src_gen.pdbx_host_org_cell_line            ? 
_entity_src_gen.pdbx_host_org_atcc                 ? 
_entity_src_gen.pdbx_host_org_culture_collection   ? 
_entity_src_gen.pdbx_host_org_cell                 ? 
_entity_src_gen.pdbx_host_org_organelle            ? 
_entity_src_gen.pdbx_host_org_cellular_location    ? 
_entity_src_gen.pdbx_host_org_vector_type          plasmid 
_entity_src_gen.pdbx_host_org_vector               ? 
_entity_src_gen.host_org_details                   ? 
_entity_src_gen.expression_system_id               ? 
_entity_src_gen.plasmid_name                       pETM11 
_entity_src_gen.plasmid_details                    ? 
_entity_src_gen.pdbx_description                   ? 
# 
loop_
_chem_comp.id 
_chem_comp.type 
_chem_comp.mon_nstd_flag 
_chem_comp.name 
_chem_comp.pdbx_synonyms 
_chem_comp.formula 
_chem_comp.formula_weight 
ALA 'L-peptide linking' y ALANINE         ? 'C3 H7 N O2'     89.093  
ARG 'L-peptide linking' y ARGININE        ? 'C6 H15 N4 O2 1' 175.209 
ASN 'L-peptide linking' y ASPARAGINE      ? 'C4 H8 N2 O3'    132.118 
ASP 'L-peptide linking' y 'ASPARTIC ACID' ? 'C4 H7 N O4'     133.103 
CYS 'L-peptide linking' y CYSTEINE        ? 'C3 H7 N O2 S'   121.158 
GLN 'L-peptide linking' y GLUTAMINE       ? 'C5 H10 N2 O3'   146.144 
GLU 'L-peptide linking' y 'GLUTAMIC ACID' ? 'C5 H9 N O4'     147.129 
GLY 'peptide linking'   y GLYCINE         ? 'C2 H5 N O2'     75.067  
HIS 'L-peptide linking' y HISTIDINE       ? 'C6 H10 N3 O2 1' 156.162 
HOH non-polymer         . WATER           ? 'H2 O'           18.015  
ILE 'L-peptide linking' y ISOLEUCINE      ? 'C6 H13 N O2'    131.173 
LEU 'L-peptide linking' y LEUCINE         ? 'C6 H13 N O2'    131.173 
LYS 'L-peptide linking' y LYSINE          ? 'C6 H15 N2 O2 1' 147.195 
MET 'L-peptide linking' y METHIONINE      ? 'C5 H11 N O2 S'  149.211 
PHE 'L-peptide linking' y PHENYLALANINE   ? 'C9 H11 N O2'    165.189 
PRO 'L-peptide linking' y PROLINE         ? 'C5 H9 N O2'     115.130 
SER 'L-peptide linking' y SERINE          ? 'C3 H7 N O3'     105.093 
THR 'L-peptide linking' y THREONINE       ? 'C4 H9 N O3'     119.119 
TYR 'L-peptide linking' y TYROSINE        ? 'C9 H11 N O3'    181.189 
VAL 'L-peptide linking' y VALINE          ? 'C5 H11 N O2'    117.146 
# 
loop_
_pdbx_poly_seq_scheme.asym_id 
_pdbx_poly_seq_scheme.entity_id 
_pdbx_poly_seq_scheme.seq_id 
_pdbx_poly_seq_scheme.mon_id 
_pdbx_poly_seq_scheme.ndb_seq_num 
_pdbx_poly_seq_scheme.pdb_seq_num 
_pdbx_poly_seq_scheme.auth_seq_num 
_pdbx_poly_seq_scheme.pdb_mon_id 
_pdbx_poly_seq_scheme.auth_mon_id 
_pdbx_poly_seq_scheme.pdb_strand_id 
_pdbx_poly_seq_scheme.pdb_ins_code 
_pdbx_poly_seq_scheme.hetero 
A 1 1   MET 1   -27 ?   ?   ?   A . n 
A 1 2   LYS 2   -26 ?   ?   ?   A . n 
A 1 3   HIS 3   -25 ?   ?   ?   A . n 
A 1 4   HIS 4   -24 ?   ?   ?   A . n 
A 1 5   HIS 5   -23 ?   ?   ?   A . n 
A 1 6   HIS 6   -22 ?   ?   ?   A . n 
A 1 7   HIS 7   -21 ?   ?   ?   A . n 
A 1 8   HIS 8   -20 ?   ?   ?   A . n 
A 1 9   PRO 9   -19 ?   ?   ?   A . n 
A 1 10  MET 10  -18 ?   ?   ?   A . n 
A 1 11  SER 11  -17 ?   ?   ?   A . n 
A 1 12  ASP 12  -16 ?   ?   ?   A . n 
A 1 13  TYR 13  -15 ?   ?   ?   A . n 
A 1 14  ASP 14  -14 ?   ?   ?   A . n 
A 1 15  ILE 15  -13 ?   ?   ?   A . n 
A 1 16  PRO 16  -12 ?   ?   ?   A . n 
A 1 17  THR 17  -11 ?   ?   ?   A . n 
A 1 18  THR 18  -10 ?   ?   ?   A . n 
A 1 19  GLU 19  -9  ?   ?   ?   A . n 
A 1 20  ASN 20  -8  ?   ?   ?   A . n 
A 1 21  LEU 21  -7  ?   ?   ?   A . n 
A 1 22  TYR 22  -6  ?   ?   ?   A . n 
A 1 23  PHE 23  -5  ?   ?   ?   A . n 
A 1 24  GLN 24  -4  ?   ?   ?   A . n 
A 1 25  GLY 25  -3  ?   ?   ?   A . n 
A 1 26  ALA 26  -2  ?   ?   ?   A . n 
A 1 27  MET 27  -1  ?   ?   ?   A . n 
A 1 28  ALA 28  0   ?   ?   ?   A . n 
A 1 29  GLU 29  1   1   GLU GLU A . n 
A 1 30  LYS 30  2   2   LYS LYS A . n 
A 1 31  LEU 31  3   3   LEU LEU A . n 
A 1 32  ASN 32  4   4   ASN ASN A . n 
A 1 33  ALA 33  5   5   ALA ALA A . n 
A 1 34  PHE 34  6   6   PHE PHE A . n 
A 1 35  LEU 35  7   7   LEU LEU A . n 
A 1 36  VAL 36  8   8   VAL VAL A . n 
A 1 37  HIS 37  9   9   HIS HIS A . n 
A 1 38  ASP 38  10  10  ASP ASP A . n 
A 1 39  ASN 39  11  11  ASN ASN A . n 
A 1 40  VAL 40  12  12  VAL VAL A . n 
A 1 41  ALA 41  13  13  ALA ALA A . n 
A 1 42  PHE 42  14  14  PHE PHE A . n 
A 1 43  TYR 43  15  15  TYR TYR A . n 
A 1 44  GLN 44  16  16  GLN GLN A . n 
A 1 45  GLY 45  17  17  GLY GLY A . n 
A 1 46  ASP 46  18  18  ASP ASP A . n 
A 1 47  VAL 47  19  19  VAL VAL A . n 
A 1 48  ASP 48  20  20  ASP ASP A . n 
A 1 49  THR 49  21  21  THR THR A . n 
A 1 50  VAL 50  22  22  VAL VAL A . n 
A 1 51  VAL 51  23  23  VAL VAL A . n 
A 1 52  ASN 52  24  24  ASN ASN A . n 
A 1 53  GLY 53  25  25  GLY GLY A . n 
A 1 54  VAL 54  26  26  VAL VAL A . n 
A 1 55  ASP 55  27  27  ASP ASP A . n 
A 1 56  PHE 56  28  28  PHE PHE A . n 
A 1 57  ASP 57  29  29  ASP ASP A . n 
A 1 58  PHE 58  30  30  PHE PHE A . n 
A 1 59  ILE 59  31  31  ILE ILE A . n 
A 1 60  VAL 60  32  32  VAL VAL A . n 
A 1 61  ASN 61  33  33  ASN ASN A . n 
A 1 62  ALA 62  34  34  ALA ALA A . n 
A 1 63  ALA 63  35  35  ALA ALA A . n 
A 1 64  ASN 64  36  36  ASN ASN A . n 
A 1 65  GLU 65  37  37  GLU GLU A . n 
A 1 66  ASN 66  38  38  ASN ASN A . n 
A 1 67  LEU 67  39  39  LEU LEU A . n 
A 1 68  ALA 68  40  40  ALA ALA A . n 
A 1 69  HIS 69  41  41  HIS HIS A . n 
A 1 70  GLY 70  42  42  GLY GLY A . n 
A 1 71  GLY 71  43  43  GLY GLY A . n 
A 1 72  GLY 72  44  44  GLY GLY A . n 
A 1 73  LEU 73  45  45  LEU LEU A . n 
A 1 74  ALA 74  46  46  ALA ALA A . n 
A 1 75  LYS 75  47  47  LYS LYS A . n 
A 1 76  ALA 76  48  48  ALA ALA A . n 
A 1 77  LEU 77  49  49  LEU LEU A . n 
A 1 78  ASP 78  50  50  ASP ASP A . n 
A 1 79  VAL 79  51  51  VAL VAL A . n 
A 1 80  TYR 80  52  52  TYR TYR A . n 
A 1 81  THR 81  53  53  THR THR A . n 
A 1 82  LYS 82  54  54  LYS LYS A . n 
A 1 83  GLY 83  55  55  GLY GLY A . n 
A 1 84  LYS 84  56  56  LYS LYS A . n 
A 1 85  LEU 85  57  57  LEU LEU A . n 
A 1 86  GLN 86  58  58  GLN GLN A . n 
A 1 87  ARG 87  59  59  ARG ARG A . n 
A 1 88  LEU 88  60  60  LEU LEU A . n 
A 1 89  SER 89  61  61  SER SER A . n 
A 1 90  LYS 90  62  62  LYS LYS A . n 
A 1 91  GLU 91  63  63  GLU GLU A . n 
A 1 92  HIS 92  64  64  HIS HIS A . n 
A 1 93  ILE 93  65  65  ILE ILE A . n 
A 1 94  GLY 94  66  66  GLY GLY A . n 
A 1 95  LEU 95  67  67  LEU LEU A . n 
A 1 96  ALA 96  68  68  ALA ALA A . n 
A 1 97  GLY 97  69  69  GLY GLY A . n 
A 1 98  LYS 98  70  70  LYS LYS A . n 
A 1 99  VAL 99  71  71  VAL VAL A . n 
A 1 100 LYS 100 72  72  LYS LYS A . n 
A 1 101 VAL 101 73  73  VAL VAL A . n 
A 1 102 GLY 102 74  74  GLY GLY A . n 
A 1 103 THR 103 75  75  THR THR A . n 
A 1 104 GLY 104 76  76  GLY GLY A . n 
A 1 105 VAL 105 77  77  VAL VAL A . n 
A 1 106 MET 106 78  78  MET MET A . n 
A 1 107 VAL 107 79  79  VAL VAL A . n 
A 1 108 GLU 108 80  80  GLU GLU A . n 
A 1 109 CYS 109 81  81  CYS CYS A . n 
A 1 110 ASP 110 82  82  ASP ASP A . n 
A 1 111 SER 111 83  83  SER SER A . n 
A 1 112 LEU 112 84  84  LEU LEU A . n 
A 1 113 ARG 113 85  85  ARG ARG A . n 
A 1 114 ILE 114 86  86  ILE ILE A . n 
A 1 115 PHE 115 87  87  PHE PHE A . n 
A 1 116 ASN 116 88  88  ASN ASN A . n 
A 1 117 VAL 117 89  89  VAL VAL A . n 
A 1 118 VAL 118 90  90  VAL VAL A . n 
A 1 119 GLY 119 91  91  GLY GLY A . n 
A 1 120 PRO 120 92  92  PRO PRO A . n 
A 1 121 ARG 121 93  93  ARG ARG A . n 
A 1 122 LYS 122 94  94  LYS LYS A . n 
A 1 123 GLY 123 95  95  GLY GLY A . n 
A 1 124 LYS 124 96  96  LYS LYS A . n 
A 1 125 HIS 125 97  97  HIS HIS A . n 
A 1 126 GLU 126 98  98  GLU GLU A . n 
A 1 127 ARG 127 99  99  ARG ARG A . n 
A 1 128 ASP 128 100 100 ASP ASP A . n 
A 1 129 LEU 129 101 101 LEU LEU A . n 
A 1 130 LEU 130 102 102 LEU LEU A . n 
A 1 131 ILE 131 103 103 ILE ILE A . n 
A 1 132 LYS 132 104 104 LYS LYS A . n 
A 1 133 ALA 133 105 105 ALA ALA A . n 
A 1 134 TYR 134 106 106 TYR TYR A . n 
A 1 135 ASN 135 107 107 ASN ASN A . n 
A 1 136 THR 136 108 108 THR THR A . n 
A 1 137 ILE 137 109 109 ILE ILE A . n 
A 1 138 ASN 138 110 110 ASN ASN A . n 
A 1 139 ASN 139 111 111 ASN ASN A . n 
A 1 140 GLU 140 112 112 GLU GLU A . n 
A 1 141 GLN 141 113 113 GLN GLN A . n 
A 1 142 GLY 142 114 114 GLY GLY A . n 
A 1 143 THR 143 115 115 THR THR A . n 
A 1 144 PRO 144 116 116 PRO PRO A . n 
A 1 145 LEU 145 117 117 LEU LEU A . n 
A 1 146 THR 146 118 118 THR THR A . n 
A 1 147 PRO 147 119 119 PRO PRO A . n 
A 1 148 ILE 148 120 120 ILE ILE A . n 
A 1 149 LEU 149 121 121 LEU LEU A . n 
A 1 150 SER 150 122 122 SER SER A . n 
A 1 151 CYS 151 123 123 CYS CYS A . n 
A 1 152 GLY 152 124 124 GLY GLY A . n 
A 1 153 ILE 153 125 125 ILE ILE A . n 
A 1 154 PHE 154 126 126 PHE PHE A . n 
A 1 155 GLY 155 127 127 GLY GLY A . n 
A 1 156 ILE 156 128 128 ILE ILE A . n 
A 1 157 LYS 157 129 129 LYS LYS A . n 
A 1 158 LEU 158 130 130 LEU LEU A . n 
A 1 159 GLU 159 131 131 GLU GLU A . n 
A 1 160 THR 160 132 132 THR THR A . n 
A 1 161 SER 161 133 133 SER SER A . n 
A 1 162 LEU 162 134 134 LEU LEU A . n 
A 1 163 GLU 163 135 135 GLU GLU A . n 
A 1 164 VAL 164 136 136 VAL VAL A . n 
A 1 165 LEU 165 137 137 LEU LEU A . n 
A 1 166 LEU 166 138 138 LEU LEU A . n 
A 1 167 ASP 167 139 139 ASP ASP A . n 
A 1 168 VAL 168 140 140 VAL VAL A . n 
A 1 169 CYS 169 141 141 CYS CYS A . n 
A 1 170 ASN 170 142 142 ASN ASN A . n 
A 1 171 THR 171 143 143 THR THR A . n 
A 1 172 LYS 172 144 144 LYS LYS A . n 
A 1 173 GLU 173 145 145 GLU GLU A . n 
A 1 174 VAL 174 146 146 VAL VAL A . n 
A 1 175 LYS 175 147 147 LYS LYS A . n 
A 1 176 VAL 176 148 148 VAL VAL A . n 
A 1 177 PHE 177 149 149 PHE PHE A . n 
A 1 178 VAL 178 150 150 VAL VAL A . n 
A 1 179 TYR 179 151 151 TYR TYR A . n 
A 1 180 THR 180 152 152 THR THR A . n 
A 1 181 ASP 181 153 153 ASP ASP A . n 
A 1 182 THR 182 154 154 THR THR A . n 
A 1 183 GLU 183 155 155 GLU GLU A . n 
A 1 184 VAL 184 156 156 VAL VAL A . n 
A 1 185 CYS 185 157 157 CYS CYS A . n 
A 1 186 LYS 186 158 158 LYS LYS A . n 
A 1 187 VAL 187 159 159 VAL VAL A . n 
A 1 188 LYS 188 160 160 LYS LYS A . n 
A 1 189 ASP 189 161 161 ASP ASP A . n 
A 1 190 PHE 190 162 162 PHE PHE A . n 
A 1 191 VAL 191 163 163 VAL VAL A . n 
A 1 192 SER 192 164 164 SER SER A . n 
A 1 193 GLY 193 165 165 GLY GLY A . n 
# 
loop_
_pdbx_nonpoly_scheme.asym_id 
_pdbx_nonpoly_scheme.entity_id 
_pdbx_nonpoly_scheme.mon_id 
_pdbx_nonpoly_scheme.ndb_seq_num 
_pdbx_nonpoly_scheme.pdb_seq_num 
_pdbx_nonpoly_scheme.auth_seq_num 
_pdbx_nonpoly_scheme.pdb_mon_id 
_pdbx_nonpoly_scheme.auth_mon_id 
_pdbx_nonpoly_scheme.pdb_strand_id 
_pdbx_nonpoly_scheme.pdb_ins_code 
B 2 HOH 1   166 166 HOH HOH A . 
B 2 HOH 2   167 167 HOH HOH A . 
B 2 HOH 3   168 168 HOH HOH A . 
B 2 HOH 4   169 169 HOH HOH A . 
B 2 HOH 5   170 170 HOH HOH A . 
B 2 HOH 6   171 171 HOH HOH A . 
B 2 HOH 7   172 172 HOH HOH A . 
B 2 HOH 8   173 173 HOH HOH A . 
B 2 HOH 9   174 174 HOH HOH A . 
B 2 HOH 10  175 175 HOH HOH A . 
B 2 HOH 11  176 176 HOH HOH A . 
B 2 HOH 12  177 177 HOH HOH A . 
B 2 HOH 13  178 178 HOH HOH A . 
B 2 HOH 14  179 179 HOH HOH A . 
B 2 HOH 15  180 180 HOH HOH A . 
B 2 HOH 16  181 181 HOH HOH A . 
B 2 HOH 17  182 182 HOH HOH A . 
B 2 HOH 18  183 183 HOH HOH A . 
B 2 HOH 19  184 184 HOH HOH A . 
B 2 HOH 20  185 185 HOH HOH A . 
B 2 HOH 21  186 186 HOH HOH A . 
B 2 HOH 22  187 187 HOH HOH A . 
B 2 HOH 23  188 188 HOH HOH A . 
B 2 HOH 24  189 189 HOH HOH A . 
B 2 HOH 25  190 190 HOH HOH A . 
B 2 HOH 26  191 191 HOH HOH A . 
B 2 HOH 27  192 192 HOH HOH A . 
B 2 HOH 28  193 193 HOH HOH A . 
B 2 HOH 29  194 194 HOH HOH A . 
B 2 HOH 30  195 195 HOH HOH A . 
B 2 HOH 31  196 196 HOH HOH A . 
B 2 HOH 32  197 197 HOH HOH A . 
B 2 HOH 33  198 198 HOH HOH A . 
B 2 HOH 34  199 199 HOH HOH A . 
B 2 HOH 35  200 200 HOH HOH A . 
B 2 HOH 36  201 201 HOH HOH A . 
B 2 HOH 37  202 202 HOH HOH A . 
B 2 HOH 38  203 203 HOH HOH A . 
B 2 HOH 39  204 204 HOH HOH A . 
B 2 HOH 40  205 205 HOH HOH A . 
B 2 HOH 41  206 206 HOH HOH A . 
B 2 HOH 42  207 207 HOH HOH A . 
B 2 HOH 43  208 208 HOH HOH A . 
B 2 HOH 44  209 209 HOH HOH A . 
B 2 HOH 45  210 210 HOH HOH A . 
B 2 HOH 46  211 211 HOH HOH A . 
B 2 HOH 47  212 212 HOH HOH A . 
B 2 HOH 48  213 213 HOH HOH A . 
B 2 HOH 49  214 214 HOH HOH A . 
B 2 HOH 50  215 215 HOH HOH A . 
B 2 HOH 51  216 216 HOH HOH A . 
B 2 HOH 52  217 217 HOH HOH A . 
B 2 HOH 53  218 218 HOH HOH A . 
B 2 HOH 54  219 219 HOH HOH A . 
B 2 HOH 55  220 220 HOH HOH A . 
B 2 HOH 56  221 221 HOH HOH A . 
B 2 HOH 57  222 222 HOH HOH A . 
B 2 HOH 58  223 223 HOH HOH A . 
B 2 HOH 59  224 224 HOH HOH A . 
B 2 HOH 60  225 225 HOH HOH A . 
B 2 HOH 61  226 226 HOH HOH A . 
B 2 HOH 62  227 227 HOH HOH A . 
B 2 HOH 63  228 228 HOH HOH A . 
B 2 HOH 64  229 229 HOH HOH A . 
B 2 HOH 65  230 230 HOH HOH A . 
B 2 HOH 66  231 231 HOH HOH A . 
B 2 HOH 67  232 232 HOH HOH A . 
B 2 HOH 68  233 233 HOH HOH A . 
B 2 HOH 69  234 234 HOH HOH A . 
B 2 HOH 70  235 235 HOH HOH A . 
B 2 HOH 71  236 236 HOH HOH A . 
B 2 HOH 72  237 237 HOH HOH A . 
B 2 HOH 73  238 238 HOH HOH A . 
B 2 HOH 74  239 239 HOH HOH A . 
B 2 HOH 75  240 240 HOH HOH A . 
B 2 HOH 76  241 241 HOH HOH A . 
B 2 HOH 77  242 242 HOH HOH A . 
B 2 HOH 78  243 243 HOH HOH A . 
B 2 HOH 79  244 244 HOH HOH A . 
B 2 HOH 80  245 245 HOH HOH A . 
B 2 HOH 81  246 246 HOH HOH A . 
B 2 HOH 82  247 247 HOH HOH A . 
B 2 HOH 83  248 248 HOH HOH A . 
B 2 HOH 84  249 249 HOH HOH A . 
B 2 HOH 85  250 250 HOH HOH A . 
B 2 HOH 86  251 251 HOH HOH A . 
B 2 HOH 87  252 252 HOH HOH A . 
B 2 HOH 88  253 253 HOH HOH A . 
B 2 HOH 89  254 254 HOH HOH A . 
B 2 HOH 90  255 255 HOH HOH A . 
B 2 HOH 91  256 256 HOH HOH A . 
B 2 HOH 92  257 257 HOH HOH A . 
B 2 HOH 93  258 258 HOH HOH A . 
B 2 HOH 94  259 259 HOH HOH A . 
B 2 HOH 95  260 260 HOH HOH A . 
B 2 HOH 96  261 261 HOH HOH A . 
B 2 HOH 97  262 262 HOH HOH A . 
B 2 HOH 98  263 263 HOH HOH A . 
B 2 HOH 99  264 264 HOH HOH A . 
B 2 HOH 100 265 265 HOH HOH A . 
B 2 HOH 101 266 266 HOH HOH A . 
B 2 HOH 102 267 267 HOH HOH A . 
B 2 HOH 103 268 268 HOH HOH A . 
B 2 HOH 104 269 269 HOH HOH A . 
B 2 HOH 105 270 270 HOH HOH A . 
B 2 HOH 106 271 271 HOH HOH A . 
B 2 HOH 107 272 272 HOH HOH A . 
B 2 HOH 108 273 273 HOH HOH A . 
B 2 HOH 109 274 274 HOH HOH A . 
B 2 HOH 110 275 275 HOH HOH A . 
B 2 HOH 111 276 276 HOH HOH A . 
B 2 HOH 112 277 277 HOH HOH A . 
B 2 HOH 113 278 278 HOH HOH A . 
B 2 HOH 114 279 279 HOH HOH A . 
B 2 HOH 115 280 280 HOH HOH A . 
B 2 HOH 116 281 281 HOH HOH A . 
B 2 HOH 117 282 282 HOH HOH A . 
B 2 HOH 118 283 283 HOH HOH A . 
B 2 HOH 119 284 284 HOH HOH A . 
B 2 HOH 120 285 285 HOH HOH A . 
B 2 HOH 121 286 286 HOH HOH A . 
B 2 HOH 122 287 287 HOH HOH A . 
B 2 HOH 123 288 288 HOH HOH A . 
B 2 HOH 124 289 289 HOH HOH A . 
B 2 HOH 125 290 290 HOH HOH A . 
B 2 HOH 126 291 291 HOH HOH A . 
B 2 HOH 127 292 292 HOH HOH A . 
B 2 HOH 128 293 293 HOH HOH A . 
B 2 HOH 129 294 294 HOH HOH A . 
B 2 HOH 130 295 295 HOH HOH A . 
B 2 HOH 131 296 296 HOH HOH A . 
B 2 HOH 132 297 297 HOH HOH A . 
B 2 HOH 133 298 298 HOH HOH A . 
B 2 HOH 134 299 299 HOH HOH A . 
B 2 HOH 135 300 300 HOH HOH A . 
B 2 HOH 136 301 301 HOH HOH A . 
B 2 HOH 137 302 302 HOH HOH A . 
B 2 HOH 138 303 303 HOH HOH A . 
B 2 HOH 139 304 304 HOH HOH A . 
B 2 HOH 140 305 305 HOH HOH A . 
B 2 HOH 141 306 306 HOH HOH A . 
B 2 HOH 142 307 307 HOH HOH A . 
B 2 HOH 143 308 308 HOH HOH A . 
B 2 HOH 144 309 309 HOH HOH A . 
B 2 HOH 145 310 310 HOH HOH A . 
B 2 HOH 146 311 311 HOH HOH A . 
# 
loop_
_software.name 
_software.version 
_software.date 
_software.type 
_software.contact_author 
_software.contact_author_email 
_software.classification 
_software.location 
_software.language 
_software.citation_id 
_software.pdbx_ordinal 
SCALA       3.2.25   21/9/2006       other   'Phil R. Evans'      pre@mrc-lmb.cam.ac.uk 'data scaling'    
http://www.ccp4.ac.uk/dist/html/scala.html   Fortran_77 ? 1 
REFMAC      5.3.0037 ?               program 'Garib N. Murshudov' garib@ysbl.york.ac.uk refinement        
http://www.ccp4.ac.uk/dist/html/refmac5.html Fortran_77 ? 2 
PDB_EXTRACT 3.006    'June 11, 2008' package PDB                  help@deposit.rcsb.org 'data extraction' 
http://sw-tools.pdb.org/apps/PDB_EXTRACT/    C++        ? 3 
MOSFLM      .        ?               ?       ?                    ?                     'data reduction'  ? ?          ? 4 
PHASER      .        ?               ?       ?                    ?                     phasing           ? ?          ? 5 
# 
_cell.entry_id           3EJG 
_cell.length_a           33.560 
_cell.length_b           65.890 
_cell.length_c           38.020 
_cell.angle_alpha        90.00 
_cell.angle_beta         110.07 
_cell.angle_gamma        90.00 
_cell.Z_PDB              2 
_cell.pdbx_unique_axis   ? 
_cell.length_a_esd       ? 
_cell.length_b_esd       ? 
_cell.length_c_esd       ? 
_cell.angle_alpha_esd    ? 
_cell.angle_beta_esd     ? 
_cell.angle_gamma_esd    ? 
# 
_symmetry.entry_id                         3EJG 
_symmetry.space_group_name_H-M             'P 1 21 1' 
_symmetry.pdbx_full_space_group_name_H-M   ? 
_symmetry.cell_setting                     ? 
_symmetry.Int_Tables_number                4 
_symmetry.space_group_name_Hall            ? 
# 
_exptl.entry_id          3EJG 
_exptl.method            'X-RAY DIFFRACTION' 
_exptl.crystals_number   1 
# 
_exptl_crystal.id                    1 
_exptl_crystal.density_meas          ? 
_exptl_crystal.density_Matthews      1.86 
_exptl_crystal.density_percent_sol   33.73 
_exptl_crystal.description           ? 
_exptl_crystal.F_000                 ? 
_exptl_crystal.preparation           ? 
# 
_exptl_crystal_grow.crystal_id      1 
_exptl_crystal_grow.method          ? 
_exptl_crystal_grow.temp            285.15 
_exptl_crystal_grow.temp_details    ? 
_exptl_crystal_grow.pH              8.5 
_exptl_crystal_grow.pdbx_pH_range   ? 
_exptl_crystal_grow.pdbx_details    '20% PEG 8000, 0.1 M TRIS PH 8.5, 5% MPD, temperature 285.15K' 
# 
_diffrn.id                     1 
_diffrn.ambient_temp           100 
_diffrn.ambient_temp_details   ? 
_diffrn.crystal_id             1 
# 
_diffrn_detector.diffrn_id              1 
_diffrn_detector.detector               CCD 
_diffrn_detector.type                   MARRESEARCH 
_diffrn_detector.pdbx_collection_date   2008-04-04 
_diffrn_detector.details                ? 
# 
_diffrn_radiation.diffrn_id                        1 
_diffrn_radiation.wavelength_id                    1 
_diffrn_radiation.pdbx_monochromatic_or_laue_m_l   M 
_diffrn_radiation.monochromator                    ? 
_diffrn_radiation.pdbx_diffrn_protocol             'SINGLE WAVELENGTH' 
_diffrn_radiation.pdbx_scattering_type             x-ray 
# 
_diffrn_radiation_wavelength.id           1 
_diffrn_radiation_wavelength.wavelength   1.04 
_diffrn_radiation_wavelength.wt           1.0 
# 
_diffrn_source.diffrn_id                   1 
_diffrn_source.source                      SYNCHROTRON 
_diffrn_source.type                        'MAX II BEAMLINE I911-2' 
_diffrn_source.pdbx_synchrotron_site       'MAX II' 
_diffrn_source.pdbx_synchrotron_beamline   I911-2 
_diffrn_source.pdbx_wavelength             1.04 
_diffrn_source.pdbx_wavelength_list        ? 
# 
_reflns.entry_id                     3EJG 
_reflns.observed_criterion_sigma_I   ? 
_reflns.observed_criterion_sigma_F   ? 
_reflns.d_resolution_low             65.940 
_reflns.d_resolution_high            1.780 
_reflns.number_obs                   14479 
_reflns.number_all                   ? 
_reflns.percent_possible_obs         96.9 
_reflns.pdbx_Rmerge_I_obs            0.05200 
_reflns.pdbx_Rsym_value              0.05200 
_reflns.pdbx_netI_over_sigmaI        9.0670 
_reflns.B_iso_Wilson_estimate        16.8 
_reflns.pdbx_redundancy              4.200 
_reflns.R_free_details               ? 
_reflns.limit_h_max                  ? 
_reflns.limit_h_min                  ? 
_reflns.limit_k_max                  ? 
_reflns.limit_k_min                  ? 
_reflns.limit_l_max                  ? 
_reflns.limit_l_min                  ? 
_reflns.observed_criterion_F_max     ? 
_reflns.observed_criterion_F_min     ? 
_reflns.pdbx_chi_squared             ? 
_reflns.pdbx_scaling_rejects         ? 
_reflns.pdbx_diffrn_id               1 
_reflns.pdbx_ordinal                 1 
# 
_reflns_shell.d_res_high             1.78 
_reflns_shell.d_res_low              1.88 
_reflns_shell.percent_possible_all   89.9 
_reflns_shell.Rmerge_I_obs           0.15500 
_reflns_shell.pdbx_Rsym_value        0.15500 
_reflns_shell.meanI_over_sigI_obs    4.400 
_reflns_shell.pdbx_redundancy        3.80 
_reflns_shell.percent_possible_obs   ? 
_reflns_shell.number_unique_all      ? 
_reflns_shell.number_measured_all    ? 
_reflns_shell.number_measured_obs    ? 
_reflns_shell.number_unique_obs      ? 
_reflns_shell.pdbx_chi_squared       ? 
_reflns_shell.pdbx_diffrn_id         ? 
_reflns_shell.pdbx_ordinal           1 
# 
_refine.entry_id                                 3EJG 
_refine.ls_number_reflns_obs                     14478 
_refine.ls_number_reflns_all                     13620 
_refine.pdbx_ls_sigma_I                          ? 
_refine.pdbx_ls_sigma_F                          0.000 
_refine.pdbx_data_cutoff_high_absF               ? 
_refine.pdbx_data_cutoff_low_absF                ? 
_refine.pdbx_data_cutoff_high_rms_absF           ? 
_refine.ls_d_res_low                             65.94 
_refine.ls_d_res_high                            1.78 
_refine.ls_percent_reflns_obs                    97.1 
_refine.ls_R_factor_obs                          0.167 
_refine.ls_R_factor_all                          ? 
_refine.ls_R_factor_R_work                       0.165 
_refine.ls_R_factor_R_free                       0.205 
_refine.ls_R_factor_R_free_error                 ? 
_refine.ls_R_factor_R_free_error_details         ? 
_refine.ls_percent_reflns_R_free                 5.900 
_refine.ls_number_reflns_R_free                  858 
_refine.ls_number_parameters                     ? 
_refine.ls_number_restraints                     ? 
_refine.occupancy_min                            0.50 
_refine.occupancy_max                            1.00 
_refine.correlation_coeff_Fo_to_Fc               0.954 
_refine.correlation_coeff_Fo_to_Fc_free          0.934 
_refine.B_iso_mean                               15.23 
_refine.aniso_B[1][1]                            -0.35000 
_refine.aniso_B[2][2]                            -0.07000 
_refine.aniso_B[3][3]                            0.67000 
_refine.aniso_B[1][2]                            0.00000 
_refine.aniso_B[1][3]                            0.36000 
_refine.aniso_B[2][3]                            0.00000 
_refine.solvent_model_details                    MASK 
_refine.solvent_model_param_ksol                 ? 
_refine.solvent_model_param_bsol                 ? 
_refine.pdbx_solvent_vdw_probe_radii             1.20 
_refine.pdbx_solvent_ion_probe_radii             0.80 
_refine.pdbx_solvent_shrinkage_radii             0.80 
_refine.pdbx_ls_cross_valid_method               THROUGHOUT 
_refine.details                                  'HYDROGENS HAVE BEEN ADDED IN THE RIDING POSITIONS' 
_refine.pdbx_starting_model                      ? 
_refine.pdbx_method_to_determine_struct          'MOLECULAR REPLACEMENT' 
_refine.pdbx_isotropic_thermal_model             ? 
_refine.pdbx_stereochemistry_target_values       'MAXIMUM LIKELIHOOD' 
_refine.pdbx_stereochem_target_val_spec_case     ? 
_refine.pdbx_R_Free_selection_details            RANDOM 
_refine.pdbx_overall_ESU_R                       0.129 
_refine.pdbx_overall_ESU_R_Free                  0.122 
_refine.overall_SU_ML                            0.072 
_refine.pdbx_overall_phase_error                 ? 
_refine.overall_SU_B                             2.190 
_refine.pdbx_refine_id                           'X-RAY DIFFRACTION' 
_refine.ls_redundancy_reflns_obs                 ? 
_refine.B_iso_min                                ? 
_refine.B_iso_max                                ? 
_refine.overall_SU_R_Cruickshank_DPI             ? 
_refine.overall_SU_R_free                        ? 
_refine.ls_wR_factor_R_free                      ? 
_refine.ls_wR_factor_R_work                      ? 
_refine.overall_FOM_free_R_set                   ? 
_refine.overall_FOM_work_R_set                   ? 
_refine.pdbx_diffrn_id                           1 
_refine.pdbx_TLS_residual_ADP_flag               ? 
_refine.pdbx_overall_SU_R_free_Cruickshank_DPI   ? 
_refine.pdbx_overall_SU_R_Blow_DPI               ? 
_refine.pdbx_overall_SU_R_free_Blow_DPI          ? 
# 
_refine_hist.pdbx_refine_id                   'X-RAY DIFFRACTION' 
_refine_hist.cycle_id                         LAST 
_refine_hist.pdbx_number_atoms_protein        1283 
_refine_hist.pdbx_number_atoms_nucleic_acid   0 
_refine_hist.pdbx_number_atoms_ligand         0 
_refine_hist.number_atoms_solvent             146 
_refine_hist.number_atoms_total               1429 
_refine_hist.d_res_high                       1.78 
_refine_hist.d_res_low                        65.94 
# 
loop_
_refine_ls_restr.type 
_refine_ls_restr.dev_ideal 
_refine_ls_restr.dev_ideal_target 
_refine_ls_restr.weight 
_refine_ls_restr.number 
_refine_ls_restr.pdbx_refine_id 
_refine_ls_restr.pdbx_restraint_function 
r_bond_refined_d             0.013  0.022  ? 1305 'X-RAY DIFFRACTION' ? 
r_bond_other_d               0.001  0.020  ? 863  'X-RAY DIFFRACTION' ? 
r_angle_refined_deg          1.284  1.967  ? 1769 'X-RAY DIFFRACTION' ? 
r_angle_other_deg            0.899  3.000  ? 2136 'X-RAY DIFFRACTION' ? 
r_dihedral_angle_1_deg       6.103  5.000  ? 172  'X-RAY DIFFRACTION' ? 
r_dihedral_angle_2_deg       38.060 25.789 ? 57   'X-RAY DIFFRACTION' ? 
r_dihedral_angle_3_deg       11.931 15.000 ? 237  'X-RAY DIFFRACTION' ? 
r_dihedral_angle_4_deg       22.490 15.000 ? 4    'X-RAY DIFFRACTION' ? 
r_chiral_restr               0.075  0.200  ? 210  'X-RAY DIFFRACTION' ? 
r_gen_planes_refined         0.004  0.020  ? 1459 'X-RAY DIFFRACTION' ? 
r_gen_planes_other           0.001  0.020  ? 245  'X-RAY DIFFRACTION' ? 
r_nbd_refined                0.211  0.200  ? 225  'X-RAY DIFFRACTION' ? 
r_nbd_other                  0.171  0.200  ? 840  'X-RAY DIFFRACTION' ? 
r_nbtor_refined              0.172  0.200  ? 634  'X-RAY DIFFRACTION' ? 
r_nbtor_other                0.083  0.200  ? 631  'X-RAY DIFFRACTION' ? 
r_xyhbond_nbd_refined        0.121  0.200  ? 84   'X-RAY DIFFRACTION' ? 
r_xyhbond_nbd_other          ?      ?      ? ?    'X-RAY DIFFRACTION' ? 
r_metal_ion_refined          ?      ?      ? ?    'X-RAY DIFFRACTION' ? 
r_metal_ion_other            ?      ?      ? ?    'X-RAY DIFFRACTION' ? 
r_symmetry_vdw_refined       0.239  0.200  ? 16   'X-RAY DIFFRACTION' ? 
r_symmetry_vdw_other         0.201  0.200  ? 19   'X-RAY DIFFRACTION' ? 
r_symmetry_hbond_refined     0.133  0.200  ? 14   'X-RAY DIFFRACTION' ? 
r_symmetry_hbond_other       ?      ?      ? ?    'X-RAY DIFFRACTION' ? 
r_symmetry_metal_ion_refined ?      ?      ? ?    'X-RAY DIFFRACTION' ? 
r_symmetry_metal_ion_other   ?      ?      ? ?    'X-RAY DIFFRACTION' ? 
r_mcbond_it                  1.106  1.500  ? 1085 'X-RAY DIFFRACTION' ? 
r_mcbond_other               0.213  1.500  ? 346  'X-RAY DIFFRACTION' ? 
r_mcangle_it                 1.279  2.000  ? 1333 'X-RAY DIFFRACTION' ? 
r_scbond_it                  2.344  3.000  ? 552  'X-RAY DIFFRACTION' ? 
r_scangle_it                 3.323  4.500  ? 432  'X-RAY DIFFRACTION' ? 
r_rigid_bond_restr           ?      ?      ? ?    'X-RAY DIFFRACTION' ? 
r_sphericity_free            ?      ?      ? ?    'X-RAY DIFFRACTION' ? 
r_sphericity_bonded          ?      ?      ? ?    'X-RAY DIFFRACTION' ? 
# 
_refine_ls_shell.pdbx_total_number_of_bins_used   20 
_refine_ls_shell.d_res_high                       1.78 
_refine_ls_shell.d_res_low                        1.83 
_refine_ls_shell.number_reflns_R_work             907 
_refine_ls_shell.R_factor_R_work                  0.2100 
_refine_ls_shell.percent_reflns_obs               88.37 
_refine_ls_shell.R_factor_R_free                  0.2550 
_refine_ls_shell.R_factor_R_free_error            ? 
_refine_ls_shell.percent_reflns_R_free            ? 
_refine_ls_shell.number_reflns_R_free             66 
_refine_ls_shell.number_reflns_all                ? 
_refine_ls_shell.R_factor_all                     ? 
_refine_ls_shell.pdbx_refine_id                   'X-RAY DIFFRACTION' 
_refine_ls_shell.redundancy_reflns_obs            ? 
_refine_ls_shell.number_reflns_obs                ? 
# 
_struct.entry_id                  3EJG 
_struct.title                     'Crystal structure of HCoV-229E X-domain' 
_struct.pdbx_model_details        ? 
_struct.pdbx_CASP_flag            ? 
_struct.pdbx_model_type_details   ? 
# 
_struct_keywords.entry_id        3EJG 
_struct_keywords.text            
'HCoV 229E, human coronavirus, X-domain, macro domain, Nsp3, ADRP, Hydrolase, Ribosomal frameshifting, RNA-binding' 
_struct_keywords.pdbx_keywords   HYDROLASE 
# 
loop_
_struct_asym.id 
_struct_asym.pdbx_blank_PDB_chainid_flag 
_struct_asym.pdbx_modified 
_struct_asym.entity_id 
_struct_asym.details 
A N N 1 ? 
B N N 2 ? 
# 
_struct_ref.id                         1 
_struct_ref.db_name                    UNP 
_struct_ref.db_code                    R1A_CVH22 
_struct_ref.pdbx_db_accession          P0C6X1 
_struct_ref.entity_id                  1 
_struct_ref.pdbx_seq_one_letter_code   
;EKLNAFLVHDNVAFYQGDVDTVVNGVDFDFIVNAANENLAHGGGLAKALDVYTKGKLQRLSKEHIGLAGKVKVGTGVMVE
CDSLRIFNVVGPRKGKHERDLLIKAYNTINNEQGTPLTPILSCGIFGIKLETSLEVLLDVCNTKEVKVFVYTDTEVCKVK
DFVSG
;
_struct_ref.pdbx_align_begin           1270 
_struct_ref.pdbx_db_isoform            ? 
# 
_struct_ref_seq.align_id                      1 
_struct_ref_seq.ref_id                        1 
_struct_ref_seq.pdbx_PDB_id_code              3EJG 
_struct_ref_seq.pdbx_strand_id                A 
_struct_ref_seq.seq_align_beg                 29 
_struct_ref_seq.pdbx_seq_align_beg_ins_code   ? 
_struct_ref_seq.seq_align_end                 193 
_struct_ref_seq.pdbx_seq_align_end_ins_code   ? 
_struct_ref_seq.pdbx_db_accession             P0C6X1 
_struct_ref_seq.db_align_beg                  1270 
_struct_ref_seq.pdbx_db_align_beg_ins_code    ? 
_struct_ref_seq.db_align_end                  1434 
_struct_ref_seq.pdbx_db_align_end_ins_code    ? 
_struct_ref_seq.pdbx_auth_seq_align_beg       1 
_struct_ref_seq.pdbx_auth_seq_align_end       165 
# 
loop_
_struct_ref_seq_dif.align_id 
_struct_ref_seq_dif.pdbx_pdb_id_code 
_struct_ref_seq_dif.mon_id 
_struct_ref_seq_dif.pdbx_pdb_strand_id 
_struct_ref_seq_dif.seq_num 
_struct_ref_seq_dif.pdbx_pdb_ins_code 
_struct_ref_seq_dif.pdbx_seq_db_name 
_struct_ref_seq_dif.pdbx_seq_db_accession_code 
_struct_ref_seq_dif.db_mon_id 
_struct_ref_seq_dif.pdbx_seq_db_seq_num 
_struct_ref_seq_dif.details 
_struct_ref_seq_dif.pdbx_auth_seq_num 
_struct_ref_seq_dif.pdbx_ordinal 
1 3EJG MET A 1  ? UNP P0C6X1 ? ? 'expression tag' -27 1  
1 3EJG LYS A 2  ? UNP P0C6X1 ? ? 'expression tag' -26 2  
1 3EJG HIS A 3  ? UNP P0C6X1 ? ? 'expression tag' -25 3  
1 3EJG HIS A 4  ? UNP P0C6X1 ? ? 'expression tag' -24 4  
1 3EJG HIS A 5  ? UNP P0C6X1 ? ? 'expression tag' -23 5  
1 3EJG HIS A 6  ? UNP P0C6X1 ? ? 'expression tag' -22 6  
1 3EJG HIS A 7  ? UNP P0C6X1 ? ? 'expression tag' -21 7  
1 3EJG HIS A 8  ? UNP P0C6X1 ? ? 'expression tag' -20 8  
1 3EJG PRO A 9  ? UNP P0C6X1 ? ? 'expression tag' -19 9  
1 3EJG MET A 10 ? UNP P0C6X1 ? ? 'expression tag' -18 10 
1 3EJG SER A 11 ? UNP P0C6X1 ? ? 'expression tag' -17 11 
1 3EJG ASP A 12 ? UNP P0C6X1 ? ? 'expression tag' -16 12 
1 3EJG TYR A 13 ? UNP P0C6X1 ? ? 'expression tag' -15 13 
1 3EJG ASP A 14 ? UNP P0C6X1 ? ? 'expression tag' -14 14 
1 3EJG ILE A 15 ? UNP P0C6X1 ? ? 'expression tag' -13 15 
1 3EJG PRO A 16 ? UNP P0C6X1 ? ? 'expression tag' -12 16 
1 3EJG THR A 17 ? UNP P0C6X1 ? ? 'expression tag' -11 17 
1 3EJG THR A 18 ? UNP P0C6X1 ? ? 'expression tag' -10 18 
1 3EJG GLU A 19 ? UNP P0C6X1 ? ? 'expression tag' -9  19 
1 3EJG ASN A 20 ? UNP P0C6X1 ? ? 'expression tag' -8  20 
1 3EJG LEU A 21 ? UNP P0C6X1 ? ? 'expression tag' -7  21 
1 3EJG TYR A 22 ? UNP P0C6X1 ? ? 'expression tag' -6  22 
1 3EJG PHE A 23 ? UNP P0C6X1 ? ? 'expression tag' -5  23 
1 3EJG GLN A 24 ? UNP P0C6X1 ? ? 'expression tag' -4  24 
1 3EJG GLY A 25 ? UNP P0C6X1 ? ? 'expression tag' -3  25 
1 3EJG ALA A 26 ? UNP P0C6X1 ? ? 'expression tag' -2  26 
1 3EJG MET A 27 ? UNP P0C6X1 ? ? 'expression tag' -1  27 
1 3EJG ALA A 28 ? UNP P0C6X1 ? ? 'expression tag' 0   28 
# 
_pdbx_struct_assembly.id                   1 
_pdbx_struct_assembly.details              author_and_software_defined_assembly 
_pdbx_struct_assembly.method_details       PISA 
_pdbx_struct_assembly.oligomeric_details   monomeric 
_pdbx_struct_assembly.oligomeric_count     1 
# 
_pdbx_struct_assembly_gen.assembly_id       1 
_pdbx_struct_assembly_gen.oper_expression   1 
_pdbx_struct_assembly_gen.asym_id_list      A,B 
# 
_pdbx_struct_oper_list.id                   1 
_pdbx_struct_oper_list.type                 'identity operation' 
_pdbx_struct_oper_list.name                 1_555 
_pdbx_struct_oper_list.symmetry_operation   x,y,z 
_pdbx_struct_oper_list.matrix[1][1]         1.0000000000 
_pdbx_struct_oper_list.matrix[1][2]         0.0000000000 
_pdbx_struct_oper_list.matrix[1][3]         0.0000000000 
_pdbx_struct_oper_list.vector[1]            0.0000000000 
_pdbx_struct_oper_list.matrix[2][1]         0.0000000000 
_pdbx_struct_oper_list.matrix[2][2]         1.0000000000 
_pdbx_struct_oper_list.matrix[2][3]         0.0000000000 
_pdbx_struct_oper_list.vector[2]            0.0000000000 
_pdbx_struct_oper_list.matrix[3][1]         0.0000000000 
_pdbx_struct_oper_list.matrix[3][2]         0.0000000000 
_pdbx_struct_oper_list.matrix[3][3]         1.0000000000 
_pdbx_struct_oper_list.vector[3]            0.0000000000 
# 
_struct_biol.id        1 
_struct_biol.details   ? 
# 
loop_
_struct_conf.conf_type_id 
_struct_conf.id 
_struct_conf.pdbx_PDB_helix_id 
_struct_conf.beg_label_comp_id 
_struct_conf.beg_label_asym_id 
_struct_conf.beg_label_seq_id 
_struct_conf.pdbx_beg_PDB_ins_code 
_struct_conf.end_label_comp_id 
_struct_conf.end_label_asym_id 
_struct_conf.end_label_seq_id 
_struct_conf.pdbx_end_PDB_ins_code 
_struct_conf.beg_auth_comp_id 
_struct_conf.beg_auth_asym_id 
_struct_conf.beg_auth_seq_id 
_struct_conf.end_auth_comp_id 
_struct_conf.end_auth_asym_id 
_struct_conf.end_auth_seq_id 
_struct_conf.pdbx_PDB_helix_class 
_struct_conf.details 
_struct_conf.pdbx_PDB_helix_length 
HELX_P HELX_P1 1 ASP A 46  ? VAL A 54  ? ASP A 18  VAL A 26  1 ? 9  
HELX_P HELX_P2 2 GLY A 71  ? THR A 81  ? GLY A 43  THR A 53  1 ? 11 
HELX_P HELX_P3 3 GLY A 83  ? GLY A 97  ? GLY A 55  GLY A 69  1 ? 15 
HELX_P HELX_P4 4 HIS A 125 ? GLU A 140 ? HIS A 97  GLU A 112 1 ? 16 
HELX_P HELX_P5 5 CYS A 151 ? GLY A 155 ? CYS A 123 GLY A 127 5 ? 5  
HELX_P HELX_P6 6 LYS A 157 ? CYS A 169 ? LYS A 129 CYS A 141 1 ? 13 
HELX_P HELX_P7 7 THR A 180 ? GLY A 193 ? THR A 152 GLY A 165 1 ? 14 
# 
_struct_conf_type.id          HELX_P 
_struct_conf_type.criteria    ? 
_struct_conf_type.reference   ? 
# 
_struct_sheet.id               A 
_struct_sheet.type             ? 
_struct_sheet.number_strands   7 
_struct_sheet.details          ? 
# 
loop_
_struct_sheet_order.sheet_id 
_struct_sheet_order.range_id_1 
_struct_sheet_order.range_id_2 
_struct_sheet_order.offset 
_struct_sheet_order.sense 
A 1 2 ? anti-parallel 
A 2 3 ? parallel      
A 3 4 ? parallel      
A 4 5 ? parallel      
A 5 6 ? parallel      
A 6 7 ? anti-parallel 
# 
loop_
_struct_sheet_range.sheet_id 
_struct_sheet_range.id 
_struct_sheet_range.beg_label_comp_id 
_struct_sheet_range.beg_label_asym_id 
_struct_sheet_range.beg_label_seq_id 
_struct_sheet_range.pdbx_beg_PDB_ins_code 
_struct_sheet_range.end_label_comp_id 
_struct_sheet_range.end_label_asym_id 
_struct_sheet_range.end_label_seq_id 
_struct_sheet_range.pdbx_end_PDB_ins_code 
_struct_sheet_range.beg_auth_comp_id 
_struct_sheet_range.beg_auth_asym_id 
_struct_sheet_range.beg_auth_seq_id 
_struct_sheet_range.end_auth_comp_id 
_struct_sheet_range.end_auth_asym_id 
_struct_sheet_range.end_auth_seq_id 
A 1 LEU A 35  ? HIS A 37  ? LEU A 7   HIS A 9   
A 2 VAL A 40  ? GLN A 44  ? VAL A 12  GLN A 16  
A 3 VAL A 174 ? VAL A 178 ? VAL A 146 VAL A 150 
A 4 PRO A 144 ? THR A 146 ? PRO A 116 THR A 118 
A 5 PHE A 58  ? ALA A 63  ? PHE A 30  ALA A 35  
A 6 LEU A 112 ? VAL A 118 ? LEU A 84  VAL A 90  
A 7 GLY A 104 ? CYS A 109 ? GLY A 76  CYS A 81  
# 
loop_
_pdbx_struct_sheet_hbond.sheet_id 
_pdbx_struct_sheet_hbond.range_id_1 
_pdbx_struct_sheet_hbond.range_id_2 
_pdbx_struct_sheet_hbond.range_1_label_atom_id 
_pdbx_struct_sheet_hbond.range_1_label_comp_id 
_pdbx_struct_sheet_hbond.range_1_label_asym_id 
_pdbx_struct_sheet_hbond.range_1_label_seq_id 
_pdbx_struct_sheet_hbond.range_1_PDB_ins_code 
_pdbx_struct_sheet_hbond.range_1_auth_atom_id 
_pdbx_struct_sheet_hbond.range_1_auth_comp_id 
_pdbx_struct_sheet_hbond.range_1_auth_asym_id 
_pdbx_struct_sheet_hbond.range_1_auth_seq_id 
_pdbx_struct_sheet_hbond.range_2_label_atom_id 
_pdbx_struct_sheet_hbond.range_2_label_comp_id 
_pdbx_struct_sheet_hbond.range_2_label_asym_id 
_pdbx_struct_sheet_hbond.range_2_label_seq_id 
_pdbx_struct_sheet_hbond.range_2_PDB_ins_code 
_pdbx_struct_sheet_hbond.range_2_auth_atom_id 
_pdbx_struct_sheet_hbond.range_2_auth_comp_id 
_pdbx_struct_sheet_hbond.range_2_auth_asym_id 
_pdbx_struct_sheet_hbond.range_2_auth_seq_id 
A 1 2 N HIS A 37  ? N HIS A 9   O VAL A 40  ? O VAL A 12  
A 2 3 N TYR A 43  ? N TYR A 15  O VAL A 176 ? O VAL A 148 
A 3 4 O LYS A 175 ? O LYS A 147 N THR A 146 ? N THR A 118 
A 4 5 O LEU A 145 ? O LEU A 117 N VAL A 60  ? N VAL A 32  
A 5 6 N ILE A 59  ? N ILE A 31  O PHE A 115 ? O PHE A 87  
A 6 7 O LEU A 112 ? O LEU A 84  N CYS A 109 ? N CYS A 81  
# 
loop_
_pdbx_validate_torsion.id 
_pdbx_validate_torsion.PDB_model_num 
_pdbx_validate_torsion.auth_comp_id 
_pdbx_validate_torsion.auth_asym_id 
_pdbx_validate_torsion.auth_seq_id 
_pdbx_validate_torsion.PDB_ins_code 
_pdbx_validate_torsion.label_alt_id 
_pdbx_validate_torsion.phi 
_pdbx_validate_torsion.psi 
1 1 ASP A 10  ? ? 51.98   -114.63 
2 1 ASP A 10  ? ? 49.62   -113.48 
3 1 ASP A 82  ? ? 60.31   -122.83 
4 1 THR A 143 ? ? -128.02 -82.02  
# 
loop_
_pdbx_unobs_or_zero_occ_residues.id 
_pdbx_unobs_or_zero_occ_residues.PDB_model_num 
_pdbx_unobs_or_zero_occ_residues.polymer_flag 
_pdbx_unobs_or_zero_occ_residues.occupancy_flag 
_pdbx_unobs_or_zero_occ_residues.auth_asym_id 
_pdbx_unobs_or_zero_occ_residues.auth_comp_id 
_pdbx_unobs_or_zero_occ_residues.auth_seq_id 
_pdbx_unobs_or_zero_occ_residues.PDB_ins_code 
_pdbx_unobs_or_zero_occ_residues.label_asym_id 
_pdbx_unobs_or_zero_occ_residues.label_comp_id 
_pdbx_unobs_or_zero_occ_residues.label_seq_id 
1  1 Y 1 A MET -27 ? A MET 1  
2  1 Y 1 A LYS -26 ? A LYS 2  
3  1 Y 1 A HIS -25 ? A HIS 3  
4  1 Y 1 A HIS -24 ? A HIS 4  
5  1 Y 1 A HIS -23 ? A HIS 5  
6  1 Y 1 A HIS -22 ? A HIS 6  
7  1 Y 1 A HIS -21 ? A HIS 7  
8  1 Y 1 A HIS -20 ? A HIS 8  
9  1 Y 1 A PRO -19 ? A PRO 9  
10 1 Y 1 A MET -18 ? A MET 10 
11 1 Y 1 A SER -17 ? A SER 11 
12 1 Y 1 A ASP -16 ? A ASP 12 
13 1 Y 1 A TYR -15 ? A TYR 13 
14 1 Y 1 A ASP -14 ? A ASP 14 
15 1 Y 1 A ILE -13 ? A ILE 15 
16 1 Y 1 A PRO -12 ? A PRO 16 
17 1 Y 1 A THR -11 ? A THR 17 
18 1 Y 1 A THR -10 ? A THR 18 
19 1 Y 1 A GLU -9  ? A GLU 19 
20 1 Y 1 A ASN -8  ? A ASN 20 
21 1 Y 1 A LEU -7  ? A LEU 21 
22 1 Y 1 A TYR -6  ? A TYR 22 
23 1 Y 1 A PHE -5  ? A PHE 23 
24 1 Y 1 A GLN -4  ? A GLN 24 
25 1 Y 1 A GLY -3  ? A GLY 25 
26 1 Y 1 A ALA -2  ? A ALA 26 
27 1 Y 1 A MET -1  ? A MET 27 
28 1 Y 1 A ALA 0   ? A ALA 28 
# 
loop_
_chem_comp_atom.comp_id 
_chem_comp_atom.atom_id 
_chem_comp_atom.type_symbol 
_chem_comp_atom.pdbx_aromatic_flag 
_chem_comp_atom.pdbx_stereo_config 
_chem_comp_atom.pdbx_ordinal 
ALA N    N N N 1   
ALA CA   C N S 2   
ALA C    C N N 3   
ALA O    O N N 4   
ALA CB   C N N 5   
ALA OXT  O N N 6   
ALA H    H N N 7   
ALA H2   H N N 8   
ALA HA   H N N 9   
ALA HB1  H N N 10  
ALA HB2  H N N 11  
ALA HB3  H N N 12  
ALA HXT  H N N 13  
ARG N    N N N 14  
ARG CA   C N S 15  
ARG C    C N N 16  
ARG O    O N N 17  
ARG CB   C N N 18  
ARG CG   C N N 19  
ARG CD   C N N 20  
ARG NE   N N N 21  
ARG CZ   C N N 22  
ARG NH1  N N N 23  
ARG NH2  N N N 24  
ARG OXT  O N N 25  
ARG H    H N N 26  
ARG H2   H N N 27  
ARG HA   H N N 28  
ARG HB2  H N N 29  
ARG HB3  H N N 30  
ARG HG2  H N N 31  
ARG HG3  H N N 32  
ARG HD2  H N N 33  
ARG HD3  H N N 34  
ARG HE   H N N 35  
ARG HH11 H N N 36  
ARG HH12 H N N 37  
ARG HH21 H N N 38  
ARG HH22 H N N 39  
ARG HXT  H N N 40  
ASN N    N N N 41  
ASN CA   C N S 42  
ASN C    C N N 43  
ASN O    O N N 44  
ASN CB   C N N 45  
ASN CG   C N N 46  
ASN OD1  O N N 47  
ASN ND2  N N N 48  
ASN OXT  O N N 49  
ASN H    H N N 50  
ASN H2   H N N 51  
ASN HA   H N N 52  
ASN HB2  H N N 53  
ASN HB3  H N N 54  
ASN HD21 H N N 55  
ASN HD22 H N N 56  
ASN HXT  H N N 57  
ASP N    N N N 58  
ASP CA   C N S 59  
ASP C    C N N 60  
ASP O    O N N 61  
ASP CB   C N N 62  
ASP CG   C N N 63  
ASP OD1  O N N 64  
ASP OD2  O N N 65  
ASP OXT  O N N 66  
ASP H    H N N 67  
ASP H2   H N N 68  
ASP HA   H N N 69  
ASP HB2  H N N 70  
ASP HB3  H N N 71  
ASP HD2  H N N 72  
ASP HXT  H N N 73  
CYS N    N N N 74  
CYS CA   C N R 75  
CYS C    C N N 76  
CYS O    O N N 77  
CYS CB   C N N 78  
CYS SG   S N N 79  
CYS OXT  O N N 80  
CYS H    H N N 81  
CYS H2   H N N 82  
CYS HA   H N N 83  
CYS HB2  H N N 84  
CYS HB3  H N N 85  
CYS HG   H N N 86  
CYS HXT  H N N 87  
GLN N    N N N 88  
GLN CA   C N S 89  
GLN C    C N N 90  
GLN O    O N N 91  
GLN CB   C N N 92  
GLN CG   C N N 93  
GLN CD   C N N 94  
GLN OE1  O N N 95  
GLN NE2  N N N 96  
GLN OXT  O N N 97  
GLN H    H N N 98  
GLN H2   H N N 99  
GLN HA   H N N 100 
GLN HB2  H N N 101 
GLN HB3  H N N 102 
GLN HG2  H N N 103 
GLN HG3  H N N 104 
GLN HE21 H N N 105 
GLN HE22 H N N 106 
GLN HXT  H N N 107 
GLU N    N N N 108 
GLU CA   C N S 109 
GLU C    C N N 110 
GLU O    O N N 111 
GLU CB   C N N 112 
GLU CG   C N N 113 
GLU CD   C N N 114 
GLU OE1  O N N 115 
GLU OE2  O N N 116 
GLU OXT  O N N 117 
GLU H    H N N 118 
GLU H2   H N N 119 
GLU HA   H N N 120 
GLU HB2  H N N 121 
GLU HB3  H N N 122 
GLU HG2  H N N 123 
GLU HG3  H N N 124 
GLU HE2  H N N 125 
GLU HXT  H N N 126 
GLY N    N N N 127 
GLY CA   C N N 128 
GLY C    C N N 129 
GLY O    O N N 130 
GLY OXT  O N N 131 
GLY H    H N N 132 
GLY H2   H N N 133 
GLY HA2  H N N 134 
GLY HA3  H N N 135 
GLY HXT  H N N 136 
HIS N    N N N 137 
HIS CA   C N S 138 
HIS C    C N N 139 
HIS O    O N N 140 
HIS CB   C N N 141 
HIS CG   C Y N 142 
HIS ND1  N Y N 143 
HIS CD2  C Y N 144 
HIS CE1  C Y N 145 
HIS NE2  N Y N 146 
HIS OXT  O N N 147 
HIS H    H N N 148 
HIS H2   H N N 149 
HIS HA   H N N 150 
HIS HB2  H N N 151 
HIS HB3  H N N 152 
HIS HD1  H N N 153 
HIS HD2  H N N 154 
HIS HE1  H N N 155 
HIS HE2  H N N 156 
HIS HXT  H N N 157 
HOH O    O N N 158 
HOH H1   H N N 159 
HOH H2   H N N 160 
ILE N    N N N 161 
ILE CA   C N S 162 
ILE C    C N N 163 
ILE O    O N N 164 
ILE CB   C N S 165 
ILE CG1  C N N 166 
ILE CG2  C N N 167 
ILE CD1  C N N 168 
ILE OXT  O N N 169 
ILE H    H N N 170 
ILE H2   H N N 171 
ILE HA   H N N 172 
ILE HB   H N N 173 
ILE HG12 H N N 174 
ILE HG13 H N N 175 
ILE HG21 H N N 176 
ILE HG22 H N N 177 
ILE HG23 H N N 178 
ILE HD11 H N N 179 
ILE HD12 H N N 180 
ILE HD13 H N N 181 
ILE HXT  H N N 182 
LEU N    N N N 183 
LEU CA   C N S 184 
LEU C    C N N 185 
LEU O    O N N 186 
LEU CB   C N N 187 
LEU CG   C N N 188 
LEU CD1  C N N 189 
LEU CD2  C N N 190 
LEU OXT  O N N 191 
LEU H    H N N 192 
LEU H2   H N N 193 
LEU HA   H N N 194 
LEU HB2  H N N 195 
LEU HB3  H N N 196 
LEU HG   H N N 197 
LEU HD11 H N N 198 
LEU HD12 H N N 199 
LEU HD13 H N N 200 
LEU HD21 H N N 201 
LEU HD22 H N N 202 
LEU HD23 H N N 203 
LEU HXT  H N N 204 
LYS N    N N N 205 
LYS CA   C N S 206 
LYS C    C N N 207 
LYS O    O N N 208 
LYS CB   C N N 209 
LYS CG   C N N 210 
LYS CD   C N N 211 
LYS CE   C N N 212 
LYS NZ   N N N 213 
LYS OXT  O N N 214 
LYS H    H N N 215 
LYS H2   H N N 216 
LYS HA   H N N 217 
LYS HB2  H N N 218 
LYS HB3  H N N 219 
LYS HG2  H N N 220 
LYS HG3  H N N 221 
LYS HD2  H N N 222 
LYS HD3  H N N 223 
LYS HE2  H N N 224 
LYS HE3  H N N 225 
LYS HZ1  H N N 226 
LYS HZ2  H N N 227 
LYS HZ3  H N N 228 
LYS HXT  H N N 229 
MET N    N N N 230 
MET CA   C N S 231 
MET C    C N N 232 
MET O    O N N 233 
MET CB   C N N 234 
MET CG   C N N 235 
MET SD   S N N 236 
MET CE   C N N 237 
MET OXT  O N N 238 
MET H    H N N 239 
MET H2   H N N 240 
MET HA   H N N 241 
MET HB2  H N N 242 
MET HB3  H N N 243 
MET HG2  H N N 244 
MET HG3  H N N 245 
MET HE1  H N N 246 
MET HE2  H N N 247 
MET HE3  H N N 248 
MET HXT  H N N 249 
PHE N    N N N 250 
PHE CA   C N S 251 
PHE C    C N N 252 
PHE O    O N N 253 
PHE CB   C N N 254 
PHE CG   C Y N 255 
PHE CD1  C Y N 256 
PHE CD2  C Y N 257 
PHE CE1  C Y N 258 
PHE CE2  C Y N 259 
PHE CZ   C Y N 260 
PHE OXT  O N N 261 
PHE H    H N N 262 
PHE H2   H N N 263 
PHE HA   H N N 264 
PHE HB2  H N N 265 
PHE HB3  H N N 266 
PHE HD1  H N N 267 
PHE HD2  H N N 268 
PHE HE1  H N N 269 
PHE HE2  H N N 270 
PHE HZ   H N N 271 
PHE HXT  H N N 272 
PRO N    N N N 273 
PRO CA   C N S 274 
PRO C    C N N 275 
PRO O    O N N 276 
PRO CB   C N N 277 
PRO CG   C N N 278 
PRO CD   C N N 279 
PRO OXT  O N N 280 
PRO H    H N N 281 
PRO HA   H N N 282 
PRO HB2  H N N 283 
PRO HB3  H N N 284 
PRO HG2  H N N 285 
PRO HG3  H N N 286 
PRO HD2  H N N 287 
PRO HD3  H N N 288 
PRO HXT  H N N 289 
SER N    N N N 290 
SER CA   C N S 291 
SER C    C N N 292 
SER O    O N N 293 
SER CB   C N N 294 
SER OG   O N N 295 
SER OXT  O N N 296 
SER H    H N N 297 
SER H2   H N N 298 
SER HA   H N N 299 
SER HB2  H N N 300 
SER HB3  H N N 301 
SER HG   H N N 302 
SER HXT  H N N 303 
THR N    N N N 304 
THR CA   C N S 305 
THR C    C N N 306 
THR O    O N N 307 
THR CB   C N R 308 
THR OG1  O N N 309 
THR CG2  C N N 310 
THR OXT  O N N 311 
THR H    H N N 312 
THR H2   H N N 313 
THR HA   H N N 314 
THR HB   H N N 315 
THR HG1  H N N 316 
THR HG21 H N N 317 
THR HG22 H N N 318 
THR HG23 H N N 319 
THR HXT  H N N 320 
TYR N    N N N 321 
TYR CA   C N S 322 
TYR C    C N N 323 
TYR O    O N N 324 
TYR CB   C N N 325 
TYR CG   C Y N 326 
TYR CD1  C Y N 327 
TYR CD2  C Y N 328 
TYR CE1  C Y N 329 
TYR CE2  C Y N 330 
TYR CZ   C Y N 331 
TYR OH   O N N 332 
TYR OXT  O N N 333 
TYR H    H N N 334 
TYR H2   H N N 335 
TYR HA   H N N 336 
TYR HB2  H N N 337 
TYR HB3  H N N 338 
TYR HD1  H N N 339 
TYR HD2  H N N 340 
TYR HE1  H N N 341 
TYR HE2  H N N 342 
TYR HH   H N N 343 
TYR HXT  H N N 344 
VAL N    N N N 345 
VAL CA   C N S 346 
VAL C    C N N 347 
VAL O    O N N 348 
VAL CB   C N N 349 
VAL CG1  C N N 350 
VAL CG2  C N N 351 
VAL OXT  O N N 352 
VAL H    H N N 353 
VAL H2   H N N 354 
VAL HA   H N N 355 
VAL HB   H N N 356 
VAL HG11 H N N 357 
VAL HG12 H N N 358 
VAL HG13 H N N 359 
VAL HG21 H N N 360 
VAL HG22 H N N 361 
VAL HG23 H N N 362 
VAL HXT  H N N 363 
# 
loop_
_chem_comp_bond.comp_id 
_chem_comp_bond.atom_id_1 
_chem_comp_bond.atom_id_2 
_chem_comp_bond.value_order 
_chem_comp_bond.pdbx_aromatic_flag 
_chem_comp_bond.pdbx_stereo_config 
_chem_comp_bond.pdbx_ordinal 
ALA N   CA   sing N N 1   
ALA N   H    sing N N 2   
ALA N   H2   sing N N 3   
ALA CA  C    sing N N 4   
ALA CA  CB   sing N N 5   
ALA CA  HA   sing N N 6   
ALA C   O    doub N N 7   
ALA C   OXT  sing N N 8   
ALA CB  HB1  sing N N 9   
ALA CB  HB2  sing N N 10  
ALA CB  HB3  sing N N 11  
ALA OXT HXT  sing N N 12  
ARG N   CA   sing N N 13  
ARG N   H    sing N N 14  
ARG N   H2   sing N N 15  
ARG CA  C    sing N N 16  
ARG CA  CB   sing N N 17  
ARG CA  HA   sing N N 18  
ARG C   O    doub N N 19  
ARG C   OXT  sing N N 20  
ARG CB  CG   sing N N 21  
ARG CB  HB2  sing N N 22  
ARG CB  HB3  sing N N 23  
ARG CG  CD   sing N N 24  
ARG CG  HG2  sing N N 25  
ARG CG  HG3  sing N N 26  
ARG CD  NE   sing N N 27  
ARG CD  HD2  sing N N 28  
ARG CD  HD3  sing N N 29  
ARG NE  CZ   sing N N 30  
ARG NE  HE   sing N N 31  
ARG CZ  NH1  sing N N 32  
ARG CZ  NH2  doub N N 33  
ARG NH1 HH11 sing N N 34  
ARG NH1 HH12 sing N N 35  
ARG NH2 HH21 sing N N 36  
ARG NH2 HH22 sing N N 37  
ARG OXT HXT  sing N N 38  
ASN N   CA   sing N N 39  
ASN N   H    sing N N 40  
ASN N   H2   sing N N 41  
ASN CA  C    sing N N 42  
ASN CA  CB   sing N N 43  
ASN CA  HA   sing N N 44  
ASN C   O    doub N N 45  
ASN C   OXT  sing N N 46  
ASN CB  CG   sing N N 47  
ASN CB  HB2  sing N N 48  
ASN CB  HB3  sing N N 49  
ASN CG  OD1  doub N N 50  
ASN CG  ND2  sing N N 51  
ASN ND2 HD21 sing N N 52  
ASN ND2 HD22 sing N N 53  
ASN OXT HXT  sing N N 54  
ASP N   CA   sing N N 55  
ASP N   H    sing N N 56  
ASP N   H2   sing N N 57  
ASP CA  C    sing N N 58  
ASP CA  CB   sing N N 59  
ASP CA  HA   sing N N 60  
ASP C   O    doub N N 61  
ASP C   OXT  sing N N 62  
ASP CB  CG   sing N N 63  
ASP CB  HB2  sing N N 64  
ASP CB  HB3  sing N N 65  
ASP CG  OD1  doub N N 66  
ASP CG  OD2  sing N N 67  
ASP OD2 HD2  sing N N 68  
ASP OXT HXT  sing N N 69  
CYS N   CA   sing N N 70  
CYS N   H    sing N N 71  
CYS N   H2   sing N N 72  
CYS CA  C    sing N N 73  
CYS CA  CB   sing N N 74  
CYS CA  HA   sing N N 75  
CYS C   O    doub N N 76  
CYS C   OXT  sing N N 77  
CYS CB  SG   sing N N 78  
CYS CB  HB2  sing N N 79  
CYS CB  HB3  sing N N 80  
CYS SG  HG   sing N N 81  
CYS OXT HXT  sing N N 82  
GLN N   CA   sing N N 83  
GLN N   H    sing N N 84  
GLN N   H2   sing N N 85  
GLN CA  C    sing N N 86  
GLN CA  CB   sing N N 87  
GLN CA  HA   sing N N 88  
GLN C   O    doub N N 89  
GLN C   OXT  sing N N 90  
GLN CB  CG   sing N N 91  
GLN CB  HB2  sing N N 92  
GLN CB  HB3  sing N N 93  
GLN CG  CD   sing N N 94  
GLN CG  HG2  sing N N 95  
GLN CG  HG3  sing N N 96  
GLN CD  OE1  doub N N 97  
GLN CD  NE2  sing N N 98  
GLN NE2 HE21 sing N N 99  
GLN NE2 HE22 sing N N 100 
GLN OXT HXT  sing N N 101 
GLU N   CA   sing N N 102 
GLU N   H    sing N N 103 
GLU N   H2   sing N N 104 
GLU CA  C    sing N N 105 
GLU CA  CB   sing N N 106 
GLU CA  HA   sing N N 107 
GLU C   O    doub N N 108 
GLU C   OXT  sing N N 109 
GLU CB  CG   sing N N 110 
GLU CB  HB2  sing N N 111 
GLU CB  HB3  sing N N 112 
GLU CG  CD   sing N N 113 
GLU CG  HG2  sing N N 114 
GLU CG  HG3  sing N N 115 
GLU CD  OE1  doub N N 116 
GLU CD  OE2  sing N N 117 
GLU OE2 HE2  sing N N 118 
GLU OXT HXT  sing N N 119 
GLY N   CA   sing N N 120 
GLY N   H    sing N N 121 
GLY N   H2   sing N N 122 
GLY CA  C    sing N N 123 
GLY CA  HA2  sing N N 124 
GLY CA  HA3  sing N N 125 
GLY C   O    doub N N 126 
GLY C   OXT  sing N N 127 
GLY OXT HXT  sing N N 128 
HIS N   CA   sing N N 129 
HIS N   H    sing N N 130 
HIS N   H2   sing N N 131 
HIS CA  C    sing N N 132 
HIS CA  CB   sing N N 133 
HIS CA  HA   sing N N 134 
HIS C   O    doub N N 135 
HIS C   OXT  sing N N 136 
HIS CB  CG   sing N N 137 
HIS CB  HB2  sing N N 138 
HIS CB  HB3  sing N N 139 
HIS CG  ND1  sing Y N 140 
HIS CG  CD2  doub Y N 141 
HIS ND1 CE1  doub Y N 142 
HIS ND1 HD1  sing N N 143 
HIS CD2 NE2  sing Y N 144 
HIS CD2 HD2  sing N N 145 
HIS CE1 NE2  sing Y N 146 
HIS CE1 HE1  sing N N 147 
HIS NE2 HE2  sing N N 148 
HIS OXT HXT  sing N N 149 
HOH O   H1   sing N N 150 
HOH O   H2   sing N N 151 
ILE N   CA   sing N N 152 
ILE N   H    sing N N 153 
ILE N   H2   sing N N 154 
ILE CA  C    sing N N 155 
ILE CA  CB   sing N N 156 
ILE CA  HA   sing N N 157 
ILE C   O    doub N N 158 
ILE C   OXT  sing N N 159 
ILE CB  CG1  sing N N 160 
ILE CB  CG2  sing N N 161 
ILE CB  HB   sing N N 162 
ILE CG1 CD1  sing N N 163 
ILE CG1 HG12 sing N N 164 
ILE CG1 HG13 sing N N 165 
ILE CG2 HG21 sing N N 166 
ILE CG2 HG22 sing N N 167 
ILE CG2 HG23 sing N N 168 
ILE CD1 HD11 sing N N 169 
ILE CD1 HD12 sing N N 170 
ILE CD1 HD13 sing N N 171 
ILE OXT HXT  sing N N 172 
LEU N   CA   sing N N 173 
LEU N   H    sing N N 174 
LEU N   H2   sing N N 175 
LEU CA  C    sing N N 176 
LEU CA  CB   sing N N 177 
LEU CA  HA   sing N N 178 
LEU C   O    doub N N 179 
LEU C   OXT  sing N N 180 
LEU CB  CG   sing N N 181 
LEU CB  HB2  sing N N 182 
LEU CB  HB3  sing N N 183 
LEU CG  CD1  sing N N 184 
LEU CG  CD2  sing N N 185 
LEU CG  HG   sing N N 186 
LEU CD1 HD11 sing N N 187 
LEU CD1 HD12 sing N N 188 
LEU CD1 HD13 sing N N 189 
LEU CD2 HD21 sing N N 190 
LEU CD2 HD22 sing N N 191 
LEU CD2 HD23 sing N N 192 
LEU OXT HXT  sing N N 193 
LYS N   CA   sing N N 194 
LYS N   H    sing N N 195 
LYS N   H2   sing N N 196 
LYS CA  C    sing N N 197 
LYS CA  CB   sing N N 198 
LYS CA  HA   sing N N 199 
LYS C   O    doub N N 200 
LYS C   OXT  sing N N 201 
LYS CB  CG   sing N N 202 
LYS CB  HB2  sing N N 203 
LYS CB  HB3  sing N N 204 
LYS CG  CD   sing N N 205 
LYS CG  HG2  sing N N 206 
LYS CG  HG3  sing N N 207 
LYS CD  CE   sing N N 208 
LYS CD  HD2  sing N N 209 
LYS CD  HD3  sing N N 210 
LYS CE  NZ   sing N N 211 
LYS CE  HE2  sing N N 212 
LYS CE  HE3  sing N N 213 
LYS NZ  HZ1  sing N N 214 
LYS NZ  HZ2  sing N N 215 
LYS NZ  HZ3  sing N N 216 
LYS OXT HXT  sing N N 217 
MET N   CA   sing N N 218 
MET N   H    sing N N 219 
MET N   H2   sing N N 220 
MET CA  C    sing N N 221 
MET CA  CB   sing N N 222 
MET CA  HA   sing N N 223 
MET C   O    doub N N 224 
MET C   OXT  sing N N 225 
MET CB  CG   sing N N 226 
MET CB  HB2  sing N N 227 
MET CB  HB3  sing N N 228 
MET CG  SD   sing N N 229 
MET CG  HG2  sing N N 230 
MET CG  HG3  sing N N 231 
MET SD  CE   sing N N 232 
MET CE  HE1  sing N N 233 
MET CE  HE2  sing N N 234 
MET CE  HE3  sing N N 235 
MET OXT HXT  sing N N 236 
PHE N   CA   sing N N 237 
PHE N   H    sing N N 238 
PHE N   H2   sing N N 239 
PHE CA  C    sing N N 240 
PHE CA  CB   sing N N 241 
PHE CA  HA   sing N N 242 
PHE C   O    doub N N 243 
PHE C   OXT  sing N N 244 
PHE CB  CG   sing N N 245 
PHE CB  HB2  sing N N 246 
PHE CB  HB3  sing N N 247 
PHE CG  CD1  doub Y N 248 
PHE CG  CD2  sing Y N 249 
PHE CD1 CE1  sing Y N 250 
PHE CD1 HD1  sing N N 251 
PHE CD2 CE2  doub Y N 252 
PHE CD2 HD2  sing N N 253 
PHE CE1 CZ   doub Y N 254 
PHE CE1 HE1  sing N N 255 
PHE CE2 CZ   sing Y N 256 
PHE CE2 HE2  sing N N 257 
PHE CZ  HZ   sing N N 258 
PHE OXT HXT  sing N N 259 
PRO N   CA   sing N N 260 
PRO N   CD   sing N N 261 
PRO N   H    sing N N 262 
PRO CA  C    sing N N 263 
PRO CA  CB   sing N N 264 
PRO CA  HA   sing N N 265 
PRO C   O    doub N N 266 
PRO C   OXT  sing N N 267 
PRO CB  CG   sing N N 268 
PRO CB  HB2  sing N N 269 
PRO CB  HB3  sing N N 270 
PRO CG  CD   sing N N 271 
PRO CG  HG2  sing N N 272 
PRO CG  HG3  sing N N 273 
PRO CD  HD2  sing N N 274 
PRO CD  HD3  sing N N 275 
PRO OXT HXT  sing N N 276 
SER N   CA   sing N N 277 
SER N   H    sing N N 278 
SER N   H2   sing N N 279 
SER CA  C    sing N N 280 
SER CA  CB   sing N N 281 
SER CA  HA   sing N N 282 
SER C   O    doub N N 283 
SER C   OXT  sing N N 284 
SER CB  OG   sing N N 285 
SER CB  HB2  sing N N 286 
SER CB  HB3  sing N N 287 
SER OG  HG   sing N N 288 
SER OXT HXT  sing N N 289 
THR N   CA   sing N N 290 
THR N   H    sing N N 291 
THR N   H2   sing N N 292 
THR CA  C    sing N N 293 
THR CA  CB   sing N N 294 
THR CA  HA   sing N N 295 
THR C   O    doub N N 296 
THR C   OXT  sing N N 297 
THR CB  OG1  sing N N 298 
THR CB  CG2  sing N N 299 
THR CB  HB   sing N N 300 
THR OG1 HG1  sing N N 301 
THR CG2 HG21 sing N N 302 
THR CG2 HG22 sing N N 303 
THR CG2 HG23 sing N N 304 
THR OXT HXT  sing N N 305 
TYR N   CA   sing N N 306 
TYR N   H    sing N N 307 
TYR N   H2   sing N N 308 
TYR CA  C    sing N N 309 
TYR CA  CB   sing N N 310 
TYR CA  HA   sing N N 311 
TYR C   O    doub N N 312 
TYR C   OXT  sing N N 313 
TYR CB  CG   sing N N 314 
TYR CB  HB2  sing N N 315 
TYR CB  HB3  sing N N 316 
TYR CG  CD1  doub Y N 317 
TYR CG  CD2  sing Y N 318 
TYR CD1 CE1  sing Y N 319 
TYR CD1 HD1  sing N N 320 
TYR CD2 CE2  doub Y N 321 
TYR CD2 HD2  sing N N 322 
TYR CE1 CZ   doub Y N 323 
TYR CE1 HE1  sing N N 324 
TYR CE2 CZ   sing Y N 325 
TYR CE2 HE2  sing N N 326 
TYR CZ  OH   sing N N 327 
TYR OH  HH   sing N N 328 
TYR OXT HXT  sing N N 329 
VAL N   CA   sing N N 330 
VAL N   H    sing N N 331 
VAL N   H2   sing N N 332 
VAL CA  C    sing N N 333 
VAL CA  CB   sing N N 334 
VAL CA  HA   sing N N 335 
VAL C   O    doub N N 336 
VAL C   OXT  sing N N 337 
VAL CB  CG1  sing N N 338 
VAL CB  CG2  sing N N 339 
VAL CB  HB   sing N N 340 
VAL CG1 HG11 sing N N 341 
VAL CG1 HG12 sing N N 342 
VAL CG1 HG13 sing N N 343 
VAL CG2 HG21 sing N N 344 
VAL CG2 HG22 sing N N 345 
VAL CG2 HG23 sing N N 346 
VAL OXT HXT  sing N N 347 
# 
_atom_sites.entry_id                    3EJG 
_atom_sites.fract_transf_matrix[1][1]   -0.01815991 
_atom_sites.fract_transf_matrix[1][2]   0.01483540 
_atom_sites.fract_transf_matrix[1][3]   0.02136625 
_atom_sites.fract_transf_matrix[2][1]   0.00259302 
_atom_sites.fract_transf_matrix[2][2]   0.01322540 
_atom_sites.fract_transf_matrix[2][3]   -0.00697900 
_atom_sites.fract_transf_matrix[3][1]   -0.02659340 
_atom_sites.fract_transf_matrix[3][2]   0.00059714 
_atom_sites.fract_transf_matrix[3][3]   -0.00874907 
_atom_sites.fract_transf_vector[1]      -0.301494 
_atom_sites.fract_transf_vector[2]      -0.009414 
_atom_sites.fract_transf_vector[3]      -0.017050 
# 
loop_
_atom_type.symbol 
C 
N 
O 
S 
# 
loop_
_atom_site.group_PDB 
_atom_site.id 
_atom_site.type_symbol 
_atom_site.label_atom_id 
_atom_site.label_alt_id 
_atom_site.label_comp_id 
_atom_site.label_asym_id 
_atom_site.label_entity_id 
_atom_site.label_seq_id 
_atom_site.pdbx_PDB_ins_code 
_atom_site.Cartn_x 
_atom_site.Cartn_y 
_atom_site.Cartn_z 
_atom_site.occupancy 
_atom_site.B_iso_or_equiv 
_atom_site.pdbx_formal_charge 
_atom_site.auth_seq_id 
_atom_site.auth_comp_id 
_atom_site.auth_asym_id 
_atom_site.auth_atom_id 
_atom_site.pdbx_PDB_model_num 
ATOM   1    N N   . GLU A 1 29  ? -5.352  4.631   -18.676 1.00 20.90 ? 1   GLU A N   1 
ATOM   2    C CA  . GLU A 1 29  ? -5.435  5.469   -17.450 1.00 19.83 ? 1   GLU A CA  1 
ATOM   3    C C   . GLU A 1 29  ? -4.923  6.877   -17.724 1.00 20.68 ? 1   GLU A C   1 
ATOM   4    O O   . GLU A 1 29  ? -4.102  7.094   -18.631 1.00 21.70 ? 1   GLU A O   1 
ATOM   5    C CB  . GLU A 1 29  ? -4.639  4.811   -16.305 1.00 20.42 ? 1   GLU A CB  1 
ATOM   6    C CG  . GLU A 1 29  ? -3.137  4.811   -16.498 1.00 18.02 ? 1   GLU A CG  1 
ATOM   7    C CD  . GLU A 1 29  ? -2.410  3.697   -15.724 1.00 16.56 ? 1   GLU A CD  1 
ATOM   8    O OE1 . GLU A 1 29  ? -3.010  3.025   -14.846 1.00 11.85 ? 1   GLU A OE1 1 
ATOM   9    O OE2 . GLU A 1 29  ? -1.220  3.497   -16.004 1.00 11.47 ? 1   GLU A OE2 1 
ATOM   10   N N   . LYS A 1 30  ? -5.383  7.829   -16.923 1.00 20.76 ? 2   LYS A N   1 
ATOM   11   C CA  . LYS A 1 30  ? -5.083  9.242   -17.155 1.00 20.85 ? 2   LYS A CA  1 
ATOM   12   C C   . LYS A 1 30  ? -3.729  9.678   -16.578 1.00 20.13 ? 2   LYS A C   1 
ATOM   13   O O   . LYS A 1 30  ? -3.097  10.600  -17.106 1.00 20.04 ? 2   LYS A O   1 
ATOM   14   C CB  . LYS A 1 30  ? -6.203  10.114  -16.597 1.00 21.77 ? 2   LYS A CB  1 
ATOM   15   C CG  . LYS A 1 30  ? -7.563  9.724   -17.142 1.00 23.54 ? 2   LYS A CG  1 
ATOM   16   C CD  . LYS A 1 30  ? -8.583  10.833  -17.052 1.00 24.68 ? 2   LYS A CD  1 
ATOM   17   C CE  . LYS A 1 30  ? -8.902  11.418  -18.423 1.00 27.76 ? 2   LYS A CE  1 
ATOM   18   N NZ  . LYS A 1 30  ? -9.687  10.452  -19.253 1.00 29.92 ? 2   LYS A NZ  1 
ATOM   19   N N   . LEU A 1 31  ? -3.277  9.028   -15.500 1.00 18.80 ? 3   LEU A N   1 
ATOM   20   C CA  . LEU A 1 31  ? -2.017  9.386   -14.866 1.00 18.21 ? 3   LEU A CA  1 
ATOM   21   C C   . LEU A 1 31  ? -0.872  8.576   -15.460 1.00 18.26 ? 3   LEU A C   1 
ATOM   22   O O   . LEU A 1 31  ? -0.901  7.348   -15.424 1.00 19.42 ? 3   LEU A O   1 
ATOM   23   C CB  . LEU A 1 31  ? -2.127  9.154   -13.349 1.00 18.32 ? 3   LEU A CB  1 
ATOM   24   C CG  . LEU A 1 31  ? -1.022  9.651   -12.440 1.00 18.66 ? 3   LEU A CG  1 
ATOM   25   C CD1 . LEU A 1 31  ? -0.962  11.188  -12.494 1.00 21.16 ? 3   LEU A CD1 1 
ATOM   26   C CD2 . LEU A 1 31  ? -1.262  9.164   -11.027 1.00 16.75 ? 3   LEU A CD2 1 
ATOM   27   N N   . ASN A 1 32  ? 0.148   9.232   -15.998 1.00 17.08 ? 4   ASN A N   1 
ATOM   28   C CA  . ASN A 1 32  ? 1.296   8.476   -16.487 1.00 17.00 ? 4   ASN A CA  1 
ATOM   29   C C   . ASN A 1 32  ? 2.215   8.017   -15.350 1.00 15.85 ? 4   ASN A C   1 
ATOM   30   O O   . ASN A 1 32  ? 2.464   8.765   -14.414 1.00 16.11 ? 4   ASN A O   1 
ATOM   31   C CB  . ASN A 1 32  ? 2.108   9.236   -17.542 1.00 17.84 ? 4   ASN A CB  1 
ATOM   32   C CG  . ASN A 1 32  ? 1.489   9.164   -18.953 1.00 21.15 ? 4   ASN A CG  1 
ATOM   33   O OD1 . ASN A 1 32  ? 1.890   9.918   -19.833 1.00 25.22 ? 4   ASN A OD1 1 
ATOM   34   N ND2 . ASN A 1 32  ? 0.532   8.250   -19.167 1.00 25.59 ? 4   ASN A ND2 1 
ATOM   35   N N   . ALA A 1 33  ? 2.708   6.785   -15.458 1.00 14.89 ? 5   ALA A N   1 
ATOM   36   C CA  . ALA A 1 33  ? 3.684   6.262   -14.522 1.00 14.47 ? 5   ALA A CA  1 
ATOM   37   C C   . ALA A 1 33  ? 4.982   7.053   -14.717 1.00 14.56 ? 5   ALA A C   1 
ATOM   38   O O   . ALA A 1 33  ? 5.304   7.429   -15.857 1.00 14.42 ? 5   ALA A O   1 
ATOM   39   C CB  . ALA A 1 33  ? 3.923   4.761   -14.745 1.00 14.28 ? 5   ALA A CB  1 
ATOM   40   N N   . PHE A 1 34  ? 5.720   7.317   -13.640 1.00 13.71 ? 6   PHE A N   1 
ATOM   41   C CA  . PHE A 1 34  ? 7.020   7.983   -13.784 1.00 14.38 ? 6   PHE A CA  1 
ATOM   42   C C   . PHE A 1 34  ? 8.171   7.036   -14.060 1.00 14.38 ? 6   PHE A C   1 
ATOM   43   O O   . PHE A 1 34  ? 9.272   7.467   -14.418 1.00 14.38 ? 6   PHE A O   1 
ATOM   44   C CB  . PHE A 1 34  ? 7.358   8.923   -12.610 1.00 13.35 ? 6   PHE A CB  1 
ATOM   45   C CG  . PHE A 1 34  ? 7.577   8.236   -11.264 1.00 13.72 ? 6   PHE A CG  1 
ATOM   46   C CD1 . PHE A 1 34  ? 8.805   7.651   -10.937 1.00 12.24 ? 6   PHE A CD1 1 
ATOM   47   C CD2 . PHE A 1 34  ? 6.578   8.275   -10.295 1.00 11.92 ? 6   PHE A CD2 1 
ATOM   48   C CE1 . PHE A 1 34  ? 9.011   7.068   -9.655  1.00 12.83 ? 6   PHE A CE1 1 
ATOM   49   C CE2 . PHE A 1 34  ? 6.771   7.694   -9.016  1.00 11.47 ? 6   PHE A CE2 1 
ATOM   50   C CZ  . PHE A 1 34  ? 7.973   7.087   -8.703  1.00 11.18 ? 6   PHE A CZ  1 
ATOM   51   N N   . LEU A 1 35  ? 7.905   5.740   -13.910 1.00 14.15 ? 7   LEU A N   1 
ATOM   52   C CA  . LEU A 1 35  ? 8.895   4.714   -14.122 1.00 14.42 ? 7   LEU A CA  1 
ATOM   53   C C   . LEU A 1 35  ? 8.171   3.372   -14.214 1.00 13.85 ? 7   LEU A C   1 
ATOM   54   O O   . LEU A 1 35  ? 7.294   3.102   -13.409 1.00 11.99 ? 7   LEU A O   1 
ATOM   55   C CB  . LEU A 1 35  ? 9.869   4.660   -12.942 1.00 14.73 ? 7   LEU A CB  1 
ATOM   56   C CG  . LEU A 1 35  ? 10.883  3.519   -12.877 1.00 15.20 ? 7   LEU A CG  1 
ATOM   57   C CD1 . LEU A 1 35  ? 11.818  3.532   -14.118 1.00 16.88 ? 7   LEU A CD1 1 
ATOM   58   C CD2 . LEU A 1 35  ? 11.684  3.618   -11.611 1.00 15.46 ? 7   LEU A CD2 1 
ATOM   59   N N   . VAL A 1 36  ? 8.551   2.557   -15.193 1.00 12.90 ? 8   VAL A N   1 
ATOM   60   C CA  . VAL A 1 36  ? 8.090   1.164   -15.286 1.00 14.09 ? 8   VAL A CA  1 
ATOM   61   C C   . VAL A 1 36  ? 9.331   0.278   -15.254 1.00 14.65 ? 8   VAL A C   1 
ATOM   62   O O   . VAL A 1 36  ? 10.273  0.468   -16.062 1.00 15.26 ? 8   VAL A O   1 
ATOM   63   C CB  . VAL A 1 36  ? 7.249   0.870   -16.541 1.00 13.61 ? 8   VAL A CB  1 
ATOM   64   C CG1 . VAL A 1 36  ? 6.956   -0.652  -16.630 1.00 14.29 ? 8   VAL A CG1 1 
ATOM   65   C CG2 . VAL A 1 36  ? 5.927   1.677   -16.539 1.00 14.47 ? 8   VAL A CG2 1 
ATOM   66   N N   . HIS A 1 37  ? 9.339   -0.668  -14.322 1.00 14.32 ? 9   HIS A N   1 
ATOM   67   C CA  . HIS A 1 37  ? 10.453  -1.570  -14.111 1.00 14.26 ? 9   HIS A CA  1 
ATOM   68   C C   . HIS A 1 37  ? 9.934   -2.999  -14.158 1.00 13.74 ? 9   HIS A C   1 
ATOM   69   O O   . HIS A 1 37  ? 9.379   -3.516  -13.182 1.00 12.55 ? 9   HIS A O   1 
ATOM   70   C CB  . HIS A 1 37  ? 11.133  -1.303  -12.775 1.00 15.39 ? 9   HIS A CB  1 
ATOM   71   C CG  . HIS A 1 37  ? 12.474  -1.945  -12.649 1.00 15.79 ? 9   HIS A CG  1 
ATOM   72   N ND1 . HIS A 1 37  ? 13.508  -1.691  -13.528 1.00 20.46 ? 9   HIS A ND1 1 
ATOM   73   C CD2 . HIS A 1 37  ? 12.964  -2.802  -11.726 1.00 20.92 ? 9   HIS A CD2 1 
ATOM   74   C CE1 . HIS A 1 37  ? 14.570  -2.382  -13.160 1.00 19.70 ? 9   HIS A CE1 1 
ATOM   75   N NE2 . HIS A 1 37  ? 14.268  -3.061  -12.065 1.00 21.40 ? 9   HIS A NE2 1 
ATOM   76   N N   . ASP A 1 38  ? 10.129  -3.599  -15.327 1.00 13.76 ? 10  ASP A N   1 
ATOM   77   C CA  A ASP A 1 38  ? 9.573   -4.899  -15.640 0.50 13.41 ? 10  ASP A CA  1 
ATOM   78   C CA  B ASP A 1 38  ? 9.553   -4.906  -15.673 0.50 13.48 ? 10  ASP A CA  1 
ATOM   79   C C   . ASP A 1 38  ? 8.066   -4.895  -15.356 1.00 12.69 ? 10  ASP A C   1 
ATOM   80   O O   . ASP A 1 38  ? 7.348   -4.136  -15.989 1.00 12.19 ? 10  ASP A O   1 
ATOM   81   C CB  A ASP A 1 38  ? 10.368  -5.982  -14.926 0.50 13.86 ? 10  ASP A CB  1 
ATOM   82   C CB  B ASP A 1 38  ? 10.290  -6.079  -15.034 0.50 14.08 ? 10  ASP A CB  1 
ATOM   83   C CG  A ASP A 1 38  ? 11.818  -6.019  -15.389 0.50 14.67 ? 10  ASP A CG  1 
ATOM   84   C CG  B ASP A 1 38  ? 9.748   -7.453  -15.500 0.50 14.84 ? 10  ASP A CG  1 
ATOM   85   O OD1 A ASP A 1 38  ? 12.058  -6.015  -16.625 0.50 16.81 ? 10  ASP A OD1 1 
ATOM   86   O OD1 B ASP A 1 38  ? 9.178   -7.593  -16.614 0.50 18.00 ? 10  ASP A OD1 1 
ATOM   87   O OD2 A ASP A 1 38  ? 12.719  -6.030  -14.523 0.50 18.12 ? 10  ASP A OD2 1 
ATOM   88   O OD2 B ASP A 1 38  ? 9.894   -8.403  -14.718 0.50 19.28 ? 10  ASP A OD2 1 
ATOM   89   N N   . ASN A 1 39  ? 7.599   -5.685  -14.377 1.00 12.44 ? 11  ASN A N   1 
ATOM   90   C CA  . ASN A 1 39  ? 6.159   -5.775  -14.092 1.00 11.59 ? 11  ASN A CA  1 
ATOM   91   C C   . ASN A 1 39  ? 5.613   -4.751  -13.073 1.00 11.05 ? 11  ASN A C   1 
ATOM   92   O O   . ASN A 1 39  ? 4.424   -4.809  -12.720 1.00 11.44 ? 11  ASN A O   1 
ATOM   93   C CB  . ASN A 1 39  ? 5.819   -7.155  -13.548 1.00 11.54 ? 11  ASN A CB  1 
ATOM   94   C CG  . ASN A 1 39  ? 6.511   -7.432  -12.218 1.00 10.45 ? 11  ASN A CG  1 
ATOM   95   O OD1 . ASN A 1 39  ? 7.735   -7.430  -12.141 1.00 12.90 ? 11  ASN A OD1 1 
ATOM   96   N ND2 . ASN A 1 39  ? 5.719   -7.641  -11.159 1.00 11.70 ? 11  ASN A ND2 1 
ATOM   97   N N   . VAL A 1 40  ? 6.463   -3.844  -12.610 1.00 10.67 ? 12  VAL A N   1 
ATOM   98   C CA  . VAL A 1 40  ? 6.083   -2.846  -11.595 1.00 9.98  ? 12  VAL A CA  1 
ATOM   99   C C   . VAL A 1 40  ? 6.155   -1.435  -12.200 1.00 10.52 ? 12  VAL A C   1 
ATOM   100  O O   . VAL A 1 40  ? 7.146   -1.067  -12.833 1.00 10.64 ? 12  VAL A O   1 
ATOM   101  C CB  . VAL A 1 40  ? 6.973   -2.947  -10.316 1.00 10.17 ? 12  VAL A CB  1 
ATOM   102  C CG1 . VAL A 1 40  ? 6.560   -1.890  -9.277  1.00 10.19 ? 12  VAL A CG1 1 
ATOM   103  C CG2 . VAL A 1 40  ? 6.962   -4.403  -9.731  1.00 10.70 ? 12  VAL A CG2 1 
ATOM   104  N N   . ALA A 1 41  ? 5.067   -0.697  -12.028 1.00 9.77  ? 13  ALA A N   1 
ATOM   105  C CA  . ALA A 1 41  ? 4.901   0.670   -12.533 1.00 9.12  ? 13  ALA A CA  1 
ATOM   106  C C   . ALA A 1 41  ? 4.700   1.585   -11.335 1.00 8.98  ? 13  ALA A C   1 
ATOM   107  O O   . ALA A 1 41  ? 3.917   1.266   -10.425 1.00 9.08  ? 13  ALA A O   1 
ATOM   108  C CB  . ALA A 1 41  ? 3.720   0.735   -13.409 1.00 9.36  ? 13  ALA A CB  1 
ATOM   109  N N   . PHE A 1 42  ? 5.368   2.725   -11.370 1.00 8.83  ? 14  PHE A N   1 
ATOM   110  C CA  . PHE A 1 42  ? 5.364   3.681   -10.271 1.00 9.00  ? 14  PHE A CA  1 
ATOM   111  C C   . PHE A 1 42  ? 4.660   4.988   -10.652 1.00 9.40  ? 14  PHE A C   1 
ATOM   112  O O   . PHE A 1 42  ? 4.871   5.537   -11.746 1.00 8.63  ? 14  PHE A O   1 
ATOM   113  C CB  . PHE A 1 42  ? 6.815   3.985   -9.827  1.00 8.93  ? 14  PHE A CB  1 
ATOM   114  C CG  . PHE A 1 42  ? 7.581   2.777   -9.345  1.00 9.00  ? 14  PHE A CG  1 
ATOM   115  C CD1 . PHE A 1 42  ? 8.326   1.996   -10.238 1.00 10.64 ? 14  PHE A CD1 1 
ATOM   116  C CD2 . PHE A 1 42  ? 7.598   2.440   -7.988  1.00 8.72  ? 14  PHE A CD2 1 
ATOM   117  C CE1 . PHE A 1 42  ? 9.046   0.885   -9.788  1.00 10.78 ? 14  PHE A CE1 1 
ATOM   118  C CE2 . PHE A 1 42  ? 8.284   1.332   -7.532  1.00 10.76 ? 14  PHE A CE2 1 
ATOM   119  C CZ  . PHE A 1 42  ? 9.025   0.543   -8.440  1.00 10.63 ? 14  PHE A CZ  1 
ATOM   120  N N   . TYR A 1 43  ? 3.827   5.470   -9.732  1.00 8.58  ? 15  TYR A N   1 
ATOM   121  C CA  . TYR A 1 43  ? 3.024   6.668   -9.922  1.00 9.58  ? 15  TYR A CA  1 
ATOM   122  C C   . TYR A 1 43  ? 3.223   7.652   -8.763  1.00 9.92  ? 15  TYR A C   1 
ATOM   123  O O   . TYR A 1 43  ? 3.555   7.243   -7.655  1.00 8.95  ? 15  TYR A O   1 
ATOM   124  C CB  . TYR A 1 43  ? 1.554   6.264   -10.004 1.00 9.35  ? 15  TYR A CB  1 
ATOM   125  C CG  . TYR A 1 43  ? 1.228   5.307   -11.127 1.00 9.78  ? 15  TYR A CG  1 
ATOM   126  C CD1 . TYR A 1 43  ? 1.437   3.951   -10.981 1.00 9.25  ? 15  TYR A CD1 1 
ATOM   127  C CD2 . TYR A 1 43  ? 0.721   5.774   -12.350 1.00 10.43 ? 15  TYR A CD2 1 
ATOM   128  C CE1 . TYR A 1 43  ? 1.146   3.051   -12.035 1.00 9.66  ? 15  TYR A CE1 1 
ATOM   129  C CE2 . TYR A 1 43  ? 0.410   4.901   -13.377 1.00 11.09 ? 15  TYR A CE2 1 
ATOM   130  C CZ  . TYR A 1 43  ? 0.632   3.539   -13.216 1.00 10.40 ? 15  TYR A CZ  1 
ATOM   131  O OH  . TYR A 1 43  ? 0.336   2.674   -14.254 1.00 11.04 ? 15  TYR A OH  1 
ATOM   132  N N   . GLN A 1 44  ? 3.048   8.949   -9.030  1.00 9.82  ? 16  GLN A N   1 
ATOM   133  C CA  . GLN A 1 44  ? 3.066   9.949   -7.973  1.00 10.73 ? 16  GLN A CA  1 
ATOM   134  C C   . GLN A 1 44  ? 1.703   10.604  -7.863  1.00 10.53 ? 16  GLN A C   1 
ATOM   135  O O   . GLN A 1 44  ? 1.116   11.050  -8.858  1.00 10.47 ? 16  GLN A O   1 
ATOM   136  C CB  . GLN A 1 44  ? 4.145   11.006  -8.208  1.00 11.25 ? 16  GLN A CB  1 
ATOM   137  C CG  . GLN A 1 44  ? 4.100   12.139  -7.168  1.00 10.83 ? 16  GLN A CG  1 
ATOM   138  C CD  . GLN A 1 44  ? 5.153   13.203  -7.354  1.00 12.88 ? 16  GLN A CD  1 
ATOM   139  O OE1 . GLN A 1 44  ? 5.652   13.436  -8.470  1.00 11.66 ? 16  GLN A OE1 1 
ATOM   140  N NE2 . GLN A 1 44  ? 5.502   13.875  -6.251  1.00 12.72 ? 16  GLN A NE2 1 
ATOM   141  N N   . GLY A 1 45  ? 1.204   10.683  -6.633  1.00 11.26 ? 17  GLY A N   1 
ATOM   142  C CA  . GLY A 1 45  ? -0.011  11.421  -6.372  1.00 11.58 ? 17  GLY A CA  1 
ATOM   143  C C   . GLY A 1 45  ? -0.546  11.217  -4.982  1.00 11.88 ? 17  GLY A C   1 
ATOM   144  O O   . GLY A 1 45  ? -0.148  10.287  -4.270  1.00 12.24 ? 17  GLY A O   1 
ATOM   145  N N   . ASP A 1 46  ? -1.458  12.101  -4.605  1.00 12.81 ? 18  ASP A N   1 
ATOM   146  C CA  . ASP A 1 46  ? -2.302  11.868  -3.426  1.00 12.60 ? 18  ASP A CA  1 
ATOM   147  C C   . ASP A 1 46  ? -3.431  10.904  -3.775  1.00 12.86 ? 18  ASP A C   1 
ATOM   148  O O   . ASP A 1 46  ? -3.564  10.475  -4.900  1.00 11.33 ? 18  ASP A O   1 
ATOM   149  C CB  . ASP A 1 46  ? -2.832  13.198  -2.830  1.00 13.65 ? 18  ASP A CB  1 
ATOM   150  C CG  . ASP A 1 46  ? -3.714  14.001  -3.778  1.00 15.25 ? 18  ASP A CG  1 
ATOM   151  O OD1 . ASP A 1 46  ? -4.319  13.483  -4.747  1.00 14.92 ? 18  ASP A OD1 1 
ATOM   152  O OD2 . ASP A 1 46  ? -3.840  15.223  -3.493  1.00 19.65 ? 18  ASP A OD2 1 
ATOM   153  N N   . VAL A 1 47  ? -4.261  10.555  -2.801  1.00 13.66 ? 19  VAL A N   1 
ATOM   154  C CA  . VAL A 1 47  ? -5.280  9.520   -3.014  1.00 13.12 ? 19  VAL A CA  1 
ATOM   155  C C   . VAL A 1 47  ? -6.285  9.893   -4.109  1.00 13.53 ? 19  VAL A C   1 
ATOM   156  O O   . VAL A 1 47  ? -6.564  9.080   -4.974  1.00 12.75 ? 19  VAL A O   1 
ATOM   157  C CB  . VAL A 1 47  ? -6.014  9.225   -1.695  1.00 13.49 ? 19  VAL A CB  1 
ATOM   158  C CG1 . VAL A 1 47  ? -7.312  8.434   -1.955  1.00 14.51 ? 19  VAL A CG1 1 
ATOM   159  C CG2 . VAL A 1 47  ? -5.031  8.522   -0.737  1.00 11.05 ? 19  VAL A CG2 1 
ATOM   160  N N   . ASP A 1 48  ? -6.785  11.128  -4.082  1.00 13.65 ? 20  ASP A N   1 
ATOM   161  C CA  . ASP A 1 48  ? -7.679  11.631  -5.111  1.00 14.95 ? 20  ASP A CA  1 
ATOM   162  C C   . ASP A 1 48  ? -7.070  11.377  -6.473  1.00 13.98 ? 20  ASP A C   1 
ATOM   163  O O   . ASP A 1 48  ? -7.729  10.834  -7.345  1.00 14.01 ? 20  ASP A O   1 
ATOM   164  C CB  . ASP A 1 48  ? -7.923  13.146  -4.972  1.00 16.17 ? 20  ASP A CB  1 
ATOM   165  C CG  . ASP A 1 48  ? -8.836  13.509  -3.826  1.00 21.04 ? 20  ASP A CG  1 
ATOM   166  O OD1 . ASP A 1 48  ? -9.737  12.713  -3.477  1.00 25.94 ? 20  ASP A OD1 1 
ATOM   167  O OD2 . ASP A 1 48  ? -8.669  14.636  -3.283  1.00 29.02 ? 20  ASP A OD2 1 
ATOM   168  N N   . THR A 1 49  ? -5.802  11.759  -6.618  1.00 13.82 ? 21  THR A N   1 
ATOM   169  C CA  . THR A 1 49  ? -5.113  11.666  -7.898  1.00 13.89 ? 21  THR A CA  1 
ATOM   170  C C   . THR A 1 49  ? -4.958  10.226  -8.365  1.00 13.25 ? 21  THR A C   1 
ATOM   171  O O   . THR A 1 49  ? -5.304  9.919   -9.519  1.00 13.85 ? 21  THR A O   1 
ATOM   172  C CB  . THR A 1 49  ? -3.754  12.390  -7.865  1.00 14.73 ? 21  THR A CB  1 
ATOM   173  O OG1 . THR A 1 49  ? -3.969  13.791  -7.600  1.00 16.59 ? 21  THR A OG1 1 
ATOM   174  C CG2 . THR A 1 49  ? -3.003  12.231  -9.212  1.00 13.92 ? 21  THR A CG2 1 
ATOM   175  N N   . VAL A 1 50  ? -4.440  9.349   -7.496  1.00 12.31 ? 22  VAL A N   1 
ATOM   176  C CA  . VAL A 1 50  ? -4.197  7.958   -7.926  1.00 12.38 ? 22  VAL A CA  1 
ATOM   177  C C   . VAL A 1 50  ? -5.497  7.159   -8.075  1.00 11.99 ? 22  VAL A C   1 
ATOM   178  O O   . VAL A 1 50  ? -5.631  6.383   -9.005  1.00 12.00 ? 22  VAL A O   1 
ATOM   179  C CB  . VAL A 1 50  ? -3.121  7.236   -7.070  1.00 11.41 ? 22  VAL A CB  1 
ATOM   180  C CG1 . VAL A 1 50  ? -1.803  8.076   -7.032  1.00 9.90  ? 22  VAL A CG1 1 
ATOM   181  C CG2 . VAL A 1 50  ? -3.594  6.990   -5.669  1.00 10.73 ? 22  VAL A CG2 1 
ATOM   182  N N   . VAL A 1 51  ? -6.481  7.367   -7.206  1.00 12.56 ? 23  VAL A N   1 
ATOM   183  C CA  . VAL A 1 51  ? -7.736  6.620   -7.363  1.00 14.10 ? 23  VAL A CA  1 
ATOM   184  C C   . VAL A 1 51  ? -8.447  6.955   -8.676  1.00 15.01 ? 23  VAL A C   1 
ATOM   185  O O   . VAL A 1 51  ? -8.962  6.072   -9.349  1.00 14.77 ? 23  VAL A O   1 
ATOM   186  C CB  . VAL A 1 51  ? -8.656  6.800   -6.157  1.00 14.58 ? 23  VAL A CB  1 
ATOM   187  C CG1 . VAL A 1 51  ? -10.062 6.278   -6.467  1.00 14.36 ? 23  VAL A CG1 1 
ATOM   188  C CG2 . VAL A 1 51  ? -8.023  6.114   -4.928  1.00 13.81 ? 23  VAL A CG2 1 
ATOM   189  N N   . ASN A 1 52  ? -8.437  8.230   -9.042  1.00 16.25 ? 24  ASN A N   1 
ATOM   190  C CA  . ASN A 1 52  ? -9.037  8.703   -10.290 1.00 16.70 ? 24  ASN A CA  1 
ATOM   191  C C   . ASN A 1 52  ? -8.136  8.589   -11.532 1.00 16.79 ? 24  ASN A C   1 
ATOM   192  O O   . ASN A 1 52  ? -8.648  8.599   -12.658 1.00 18.20 ? 24  ASN A O   1 
ATOM   193  C CB  . ASN A 1 52  ? -9.563  10.119  -10.085 1.00 18.31 ? 24  ASN A CB  1 
ATOM   194  C CG  . ASN A 1 52  ? -10.752 10.127  -9.164  1.00 21.18 ? 24  ASN A CG  1 
ATOM   195  O OD1 . ASN A 1 52  ? -11.806 9.590   -9.509  1.00 27.88 ? 24  ASN A OD1 1 
ATOM   196  N ND2 . ASN A 1 52  ? -10.576 10.652  -7.975  1.00 25.32 ? 24  ASN A ND2 1 
ATOM   197  N N   . GLY A 1 53  ? -6.836  8.365   -11.324 1.00 15.44 ? 25  GLY A N   1 
ATOM   198  C CA  . GLY A 1 53  ? -5.833  8.399   -12.402 1.00 15.29 ? 25  GLY A CA  1 
ATOM   199  C C   . GLY A 1 53  ? -5.219  7.088   -12.860 1.00 14.54 ? 25  GLY A C   1 
ATOM   200  O O   . GLY A 1 53  ? -4.593  7.027   -13.935 1.00 15.66 ? 25  GLY A O   1 
ATOM   201  N N   . VAL A 1 54  ? -5.379  6.049   -12.046 1.00 13.00 ? 26  VAL A N   1 
ATOM   202  C CA  . VAL A 1 54  ? -4.704  4.771   -12.269 1.00 12.88 ? 26  VAL A CA  1 
ATOM   203  C C   . VAL A 1 54  ? -5.747  3.664   -12.415 1.00 13.16 ? 26  VAL A C   1 
ATOM   204  O O   . VAL A 1 54  ? -6.763  3.656   -11.688 1.00 12.92 ? 26  VAL A O   1 
ATOM   205  C CB  . VAL A 1 54  ? -3.751  4.455   -11.082 1.00 11.38 ? 26  VAL A CB  1 
ATOM   206  C CG1 . VAL A 1 54  ? -2.972  3.159   -11.332 1.00 10.15 ? 26  VAL A CG1 1 
ATOM   207  C CG2 . VAL A 1 54  ? -2.801  5.666   -10.812 1.00 11.12 ? 26  VAL A CG2 1 
ATOM   208  N N   . ASP A 1 55  ? -5.469  2.740   -13.334 1.00 13.54 ? 27  ASP A N   1 
ATOM   209  C CA  . ASP A 1 55  ? -6.292  1.552   -13.569 1.00 13.40 ? 27  ASP A CA  1 
ATOM   210  C C   . ASP A 1 55  ? -5.783  0.423   -12.652 1.00 12.59 ? 27  ASP A C   1 
ATOM   211  O O   . ASP A 1 55  ? -4.677  -0.062  -12.853 1.00 12.42 ? 27  ASP A O   1 
ATOM   212  C CB  . ASP A 1 55  ? -6.170  1.120   -15.037 1.00 14.21 ? 27  ASP A CB  1 
ATOM   213  C CG  . ASP A 1 55  ? -7.071  -0.069  -15.400 1.00 17.18 ? 27  ASP A CG  1 
ATOM   214  O OD1 . ASP A 1 55  ? -8.119  -0.278  -14.733 1.00 22.53 ? 27  ASP A OD1 1 
ATOM   215  O OD2 . ASP A 1 55  ? -6.754  -0.793  -16.386 1.00 20.86 ? 27  ASP A OD2 1 
ATOM   216  N N   . PHE A 1 56  ? -6.576  0.038   -11.661 1.00 11.97 ? 28  PHE A N   1 
ATOM   217  C CA  . PHE A 1 56  ? -6.195  -1.015  -10.719 1.00 12.04 ? 28  PHE A CA  1 
ATOM   218  C C   . PHE A 1 56  ? -7.457  -1.749  -10.244 1.00 11.97 ? 28  PHE A C   1 
ATOM   219  O O   . PHE A 1 56  ? -8.578  -1.255  -10.428 1.00 11.93 ? 28  PHE A O   1 
ATOM   220  C CB  . PHE A 1 56  ? -5.401  -0.420  -9.530  1.00 11.37 ? 28  PHE A CB  1 
ATOM   221  C CG  . PHE A 1 56  ? -6.171  0.602   -8.757  1.00 11.84 ? 28  PHE A CG  1 
ATOM   222  C CD1 . PHE A 1 56  ? -7.059  0.211   -7.761  1.00 11.43 ? 28  PHE A CD1 1 
ATOM   223  C CD2 . PHE A 1 56  ? -6.066  1.950   -9.071  1.00 13.03 ? 28  PHE A CD2 1 
ATOM   224  C CE1 . PHE A 1 56  ? -7.816  1.135   -7.083  1.00 11.49 ? 28  PHE A CE1 1 
ATOM   225  C CE2 . PHE A 1 56  ? -6.830  2.911   -8.393  1.00 11.74 ? 28  PHE A CE2 1 
ATOM   226  C CZ  . PHE A 1 56  ? -7.715  2.493   -7.393  1.00 12.71 ? 28  PHE A CZ  1 
ATOM   227  N N   . ASP A 1 57  ? -7.278  -2.921  -9.650  1.00 10.82 ? 29  ASP A N   1 
ATOM   228  C CA  . ASP A 1 57  ? -8.403  -3.675  -9.098  1.00 10.93 ? 29  ASP A CA  1 
ATOM   229  C C   . ASP A 1 57  ? -8.693  -3.365  -7.629  1.00 9.96  ? 29  ASP A C   1 
ATOM   230  O O   . ASP A 1 57  ? -9.852  -3.329  -7.207  1.00 10.72 ? 29  ASP A O   1 
ATOM   231  C CB  . ASP A 1 57  ? -8.186  -5.164  -9.301  1.00 11.88 ? 29  ASP A CB  1 
ATOM   232  C CG  . ASP A 1 57  ? -8.201  -5.536  -10.779 1.00 12.78 ? 29  ASP A CG  1 
ATOM   233  O OD1 . ASP A 1 57  ? -9.123  -5.075  -11.475 1.00 16.68 ? 29  ASP A OD1 1 
ATOM   234  O OD2 . ASP A 1 57  ? -7.266  -6.211  -11.252 1.00 14.20 ? 29  ASP A OD2 1 
ATOM   235  N N   . PHE A 1 58  ? -7.642  -3.205  -6.839  1.00 9.46  ? 30  PHE A N   1 
ATOM   236  C CA  . PHE A 1 58  ? -7.789  -2.775  -5.450  1.00 9.25  ? 30  PHE A CA  1 
ATOM   237  C C   . PHE A 1 58  ? -6.622  -1.860  -5.061  1.00 8.77  ? 30  PHE A C   1 
ATOM   238  O O   . PHE A 1 58  ? -5.513  -1.989  -5.586  1.00 8.54  ? 30  PHE A O   1 
ATOM   239  C CB  . PHE A 1 58  ? -7.908  -3.969  -4.506  1.00 8.97  ? 30  PHE A CB  1 
ATOM   240  C CG  . PHE A 1 58  ? -6.693  -4.876  -4.475  1.00 8.70  ? 30  PHE A CG  1 
ATOM   241  C CD1 . PHE A 1 58  ? -5.612  -4.609  -3.629  1.00 9.01  ? 30  PHE A CD1 1 
ATOM   242  C CD2 . PHE A 1 58  ? -6.668  -6.044  -5.241  1.00 10.84 ? 30  PHE A CD2 1 
ATOM   243  C CE1 . PHE A 1 58  ? -4.489  -5.460  -3.592  1.00 8.26  ? 30  PHE A CE1 1 
ATOM   244  C CE2 . PHE A 1 58  ? -5.547  -6.913  -5.223  1.00 8.53  ? 30  PHE A CE2 1 
ATOM   245  C CZ  . PHE A 1 58  ? -4.460  -6.624  -4.402  1.00 9.64  ? 30  PHE A CZ  1 
ATOM   246  N N   . ILE A 1 59  ? -6.891  -0.909  -4.168  1.00 8.71  ? 31  ILE A N   1 
ATOM   247  C CA  . ILE A 1 59  ? -5.834  -0.072  -3.596  1.00 8.82  ? 31  ILE A CA  1 
ATOM   248  C C   . ILE A 1 59  ? -5.464  -0.601  -2.208  1.00 8.73  ? 31  ILE A C   1 
ATOM   249  O O   . ILE A 1 59  ? -6.346  -0.998  -1.419  1.00 9.00  ? 31  ILE A O   1 
ATOM   250  C CB  . ILE A 1 59  ? -6.247  1.444   -3.552  1.00 8.81  ? 31  ILE A CB  1 
ATOM   251  C CG1 . ILE A 1 59  ? -5.040  2.336   -3.244  1.00 8.71  ? 31  ILE A CG1 1 
ATOM   252  C CG2 . ILE A 1 59  ? -7.430  1.715   -2.558  1.00 7.90  ? 31  ILE A CG2 1 
ATOM   253  C CD1 . ILE A 1 59  ? -5.326  3.863   -3.554  1.00 7.95  ? 31  ILE A CD1 1 
ATOM   254  N N   . VAL A 1 60  ? -4.172  -0.653  -1.926  1.00 8.25  ? 32  VAL A N   1 
ATOM   255  C CA  . VAL A 1 60  ? -3.681  -1.073  -0.610  1.00 8.32  ? 32  VAL A CA  1 
ATOM   256  C C   . VAL A 1 60  ? -3.635  0.116   0.356   1.00 8.29  ? 32  VAL A C   1 
ATOM   257  O O   . VAL A 1 60  ? -3.132  1.189   0.027   1.00 7.31  ? 32  VAL A O   1 
ATOM   258  C CB  . VAL A 1 60  ? -2.298  -1.724  -0.718  1.00 8.11  ? 32  VAL A CB  1 
ATOM   259  C CG1 . VAL A 1 60  ? -1.707  -2.011  0.656   1.00 7.83  ? 32  VAL A CG1 1 
ATOM   260  C CG2 . VAL A 1 60  ? -2.401  -3.001  -1.583  1.00 10.03 ? 32  VAL A CG2 1 
ATOM   261  N N   . ASN A 1 61  ? -4.214  -0.083  1.542   1.00 8.43  ? 33  ASN A N   1 
ATOM   262  C CA  . ASN A 1 61  ? -4.068  0.851   2.649   1.00 9.12  ? 33  ASN A CA  1 
ATOM   263  C C   . ASN A 1 61  ? -2.948  0.373   3.594   1.00 9.88  ? 33  ASN A C   1 
ATOM   264  O O   . ASN A 1 61  ? -2.894  -0.807  3.996   1.00 10.83 ? 33  ASN A O   1 
ATOM   265  C CB  . ASN A 1 61  ? -5.395  1.041   3.397   1.00 8.80  ? 33  ASN A CB  1 
ATOM   266  C CG  . ASN A 1 61  ? -5.281  2.065   4.522   1.00 9.37  ? 33  ASN A CG  1 
ATOM   267  O OD1 . ASN A 1 61  ? -4.410  2.964   4.488   1.00 9.85  ? 33  ASN A OD1 1 
ATOM   268  N ND2 . ASN A 1 61  ? -6.154  1.939   5.531   1.00 10.10 ? 33  ASN A ND2 1 
ATOM   269  N N   . ALA A 1 62  ? -2.044  1.286   3.926   1.00 9.61  ? 34  ALA A N   1 
ATOM   270  C CA  . ALA A 1 62  ? -0.958  0.989   4.883   1.00 10.40 ? 34  ALA A CA  1 
ATOM   271  C C   . ALA A 1 62  ? -1.580  1.137   6.269   1.00 10.43 ? 34  ALA A C   1 
ATOM   272  O O   . ALA A 1 62  ? -1.502  2.195   6.892   1.00 10.66 ? 34  ALA A O   1 
ATOM   273  C CB  . ALA A 1 62  ? 0.216   1.982   4.696   1.00 11.19 ? 34  ALA A CB  1 
ATOM   274  N N   . ALA A 1 63  ? -2.228  0.075   6.729   1.00 9.90  ? 35  ALA A N   1 
ATOM   275  C CA  . ALA A 1 63  ? -3.035  0.139   7.940   1.00 9.99  ? 35  ALA A CA  1 
ATOM   276  C C   . ALA A 1 63  ? -2.284  -0.249  9.210   1.00 9.77  ? 35  ALA A C   1 
ATOM   277  O O   . ALA A 1 63  ? -1.221  -0.839  9.157   1.00 10.15 ? 35  ALA A O   1 
ATOM   278  C CB  . ALA A 1 63  ? -4.300  -0.749  7.775   1.00 10.10 ? 35  ALA A CB  1 
ATOM   279  N N   . ASN A 1 64  ? -2.861  0.094   10.355  1.00 10.39 ? 36  ASN A N   1 
ATOM   280  C CA  . ASN A 1 64  ? -2.400  -0.446  11.652  1.00 10.94 ? 36  ASN A CA  1 
ATOM   281  C C   . ASN A 1 64  ? -3.333  -1.581  12.071  1.00 10.35 ? 36  ASN A C   1 
ATOM   282  O O   . ASN A 1 64  ? -4.341  -1.848  11.424  1.00 11.25 ? 36  ASN A O   1 
ATOM   283  C CB  . ASN A 1 64  ? -2.303  0.642   12.753  1.00 11.07 ? 36  ASN A CB  1 
ATOM   284  C CG  . ASN A 1 64  ? -3.617  1.385   12.972  1.00 12.11 ? 36  ASN A CG  1 
ATOM   285  O OD1 . ASN A 1 64  ? -4.656  0.782   13.271  1.00 11.15 ? 36  ASN A OD1 1 
ATOM   286  N ND2 . ASN A 1 64  ? -3.576  2.703   12.825  1.00 10.69 ? 36  ASN A ND2 1 
ATOM   287  N N   . GLU A 1 65  ? -2.965  -2.266  13.138  1.00 11.30 ? 37  GLU A N   1 
ATOM   288  C CA  . GLU A 1 65  ? -3.631  -3.484  13.536  1.00 11.83 ? 37  GLU A CA  1 
ATOM   289  C C   . GLU A 1 65  ? -5.070  -3.250  13.993  1.00 11.37 ? 37  GLU A C   1 
ATOM   290  O O   . GLU A 1 65  ? -5.883  -4.170  14.005  1.00 11.81 ? 37  GLU A O   1 
ATOM   291  C CB  . GLU A 1 65  ? -2.823  -4.173  14.649  1.00 11.99 ? 37  GLU A CB  1 
ATOM   292  C CG  . GLU A 1 65  ? -2.825  -3.430  15.980  1.00 12.35 ? 37  GLU A CG  1 
ATOM   293  C CD  . GLU A 1 65  ? -1.936  -4.082  17.023  1.00 15.11 ? 37  GLU A CD  1 
ATOM   294  O OE1 . GLU A 1 65  ? -1.452  -5.217  16.779  1.00 17.64 ? 37  GLU A OE1 1 
ATOM   295  O OE2 . GLU A 1 65  ? -1.718  -3.440  18.091  1.00 16.99 ? 37  GLU A OE2 1 
ATOM   296  N N   . ASN A 1 66  ? -5.366  -2.019  14.415  1.00 10.69 ? 38  ASN A N   1 
ATOM   297  C CA  . ASN A 1 66  ? -6.723  -1.647  14.837  1.00 11.48 ? 38  ASN A CA  1 
ATOM   298  C C   . ASN A 1 66  ? -7.618  -1.172  13.680  1.00 10.18 ? 38  ASN A C   1 
ATOM   299  O O   . ASN A 1 66  ? -8.785  -0.813  13.885  1.00 10.56 ? 38  ASN A O   1 
ATOM   300  C CB  . ASN A 1 66  ? -6.623  -0.540  15.908  1.00 11.96 ? 38  ASN A CB  1 
ATOM   301  C CG  . ASN A 1 66  ? -5.958  -1.022  17.194  1.00 16.99 ? 38  ASN A CG  1 
ATOM   302  O OD1 . ASN A 1 66  ? -6.135  -2.161  17.591  1.00 18.28 ? 38  ASN A OD1 1 
ATOM   303  N ND2 . ASN A 1 66  ? -5.202  -0.135  17.857  1.00 20.50 ? 38  ASN A ND2 1 
ATOM   304  N N   . LEU A 1 67  ? -7.091  -1.175  12.458  1.00 9.72  ? 39  LEU A N   1 
ATOM   305  C CA  . LEU A 1 67  ? -7.757  -0.548  11.313  1.00 9.26  ? 39  LEU A CA  1 
ATOM   306  C C   . LEU A 1 67  ? -8.320  0.826   11.728  1.00 9.38  ? 39  LEU A C   1 
ATOM   307  O O   . LEU A 1 67  ? -9.470  1.176   11.405  1.00 8.40  ? 39  LEU A O   1 
ATOM   308  C CB  . LEU A 1 67  ? -8.850  -1.462  10.716  1.00 8.90  ? 39  LEU A CB  1 
ATOM   309  C CG  . LEU A 1 67  ? -8.391  -2.852  10.233  1.00 8.00  ? 39  LEU A CG  1 
ATOM   310  C CD1 . LEU A 1 67  ? -9.588  -3.542  9.582   1.00 8.47  ? 39  LEU A CD1 1 
ATOM   311  C CD2 . LEU A 1 67  ? -7.224  -2.722  9.245   1.00 8.64  ? 39  LEU A CD2 1 
ATOM   312  N N   . ALA A 1 68  ? -7.491  1.576   12.464  1.00 9.41  ? 40  ALA A N   1 
ATOM   313  C CA  . ALA A 1 68  ? -7.888  2.882   12.984  1.00 9.49  ? 40  ALA A CA  1 
ATOM   314  C C   . ALA A 1 68  ? -7.165  3.923   12.119  1.00 9.78  ? 40  ALA A C   1 
ATOM   315  O O   . ALA A 1 68  ? -5.998  4.209   12.338  1.00 9.50  ? 40  ALA A O   1 
ATOM   316  C CB  . ALA A 1 68  ? -7.475  3.017   14.445  1.00 9.61  ? 40  ALA A CB  1 
ATOM   317  N N   . HIS A 1 69  ? -7.872  4.459   11.128  1.00 9.65  ? 41  HIS A N   1 
ATOM   318  C CA  . HIS A 1 69  ? -7.253  5.216   10.033  1.00 9.08  ? 41  HIS A CA  1 
ATOM   319  C C   . HIS A 1 69  ? -7.035  6.687   10.409  1.00 9.33  ? 41  HIS A C   1 
ATOM   320  O O   . HIS A 1 69  ? -7.647  7.609   9.829   1.00 10.28 ? 41  HIS A O   1 
ATOM   321  C CB  . HIS A 1 69  ? -8.132  5.052   8.783   1.00 9.27  ? 41  HIS A CB  1 
ATOM   322  C CG  . HIS A 1 69  ? -8.461  3.616   8.472   1.00 8.86  ? 41  HIS A CG  1 
ATOM   323  N ND1 . HIS A 1 69  ? -7.485  2.657   8.299   1.00 9.70  ? 41  HIS A ND1 1 
ATOM   324  C CD2 . HIS A 1 69  ? -9.645  2.971   8.359   1.00 9.07  ? 41  HIS A CD2 1 
ATOM   325  C CE1 . HIS A 1 69  ? -8.057  1.482   8.073   1.00 9.75  ? 41  HIS A CE1 1 
ATOM   326  N NE2 . HIS A 1 69  ? -9.367  1.639   8.117   1.00 8.00  ? 41  HIS A NE2 1 
ATOM   327  N N   . GLY A 1 70  ? -6.143  6.908   11.373  1.00 8.83  ? 42  GLY A N   1 
ATOM   328  C CA  . GLY A 1 70  ? -6.024  8.207   12.046  1.00 9.60  ? 42  GLY A CA  1 
ATOM   329  C C   . GLY A 1 70  ? -5.118  9.223   11.389  1.00 10.04 ? 42  GLY A C   1 
ATOM   330  O O   . GLY A 1 70  ? -5.267  10.437  11.619  1.00 11.19 ? 42  GLY A O   1 
ATOM   331  N N   . GLY A 1 71  ? -4.180  8.753   10.580  1.00 10.22 ? 43  GLY A N   1 
ATOM   332  C CA  . GLY A 1 71  ? -3.225  9.642   9.932   1.00 10.62 ? 43  GLY A CA  1 
ATOM   333  C C   . GLY A 1 71  ? -2.755  9.159   8.566   1.00 10.62 ? 43  GLY A C   1 
ATOM   334  O O   . GLY A 1 71  ? -3.102  8.048   8.120   1.00 10.37 ? 43  GLY A O   1 
ATOM   335  N N   . GLY A 1 72  ? -1.959  10.005  7.919   1.00 9.84  ? 44  GLY A N   1 
ATOM   336  C CA  . GLY A 1 72  ? -1.266  9.616   6.682   1.00 9.80  ? 44  GLY A CA  1 
ATOM   337  C C   . GLY A 1 72  ? -2.205  9.109   5.608   1.00 8.52  ? 44  GLY A C   1 
ATOM   338  O O   . GLY A 1 72  ? -3.333  9.585   5.459   1.00 9.03  ? 44  GLY A O   1 
ATOM   339  N N   . LEU A 1 73  ? -1.726  8.126   4.854   1.00 9.51  ? 45  LEU A N   1 
ATOM   340  C CA  . LEU A 1 73  ? -2.488  7.579   3.741   1.00 9.70  ? 45  LEU A CA  1 
ATOM   341  C C   . LEU A 1 73  ? -3.852  7.048   4.198   1.00 9.06  ? 45  LEU A C   1 
ATOM   342  O O   . LEU A 1 73  ? -4.845  7.258   3.511   1.00 7.61  ? 45  LEU A O   1 
ATOM   343  C CB  . LEU A 1 73  ? -1.694  6.456   3.066   1.00 9.77  ? 45  LEU A CB  1 
ATOM   344  C CG  . LEU A 1 73  ? -2.480  5.553   2.117   1.00 10.50 ? 45  LEU A CG  1 
ATOM   345  C CD1 . LEU A 1 73  ? -3.000  6.329   0.901   1.00 13.21 ? 45  LEU A CD1 1 
ATOM   346  C CD2 . LEU A 1 73  ? -1.595  4.357   1.700   1.00 12.20 ? 45  LEU A CD2 1 
ATOM   347  N N   . ALA A 1 74  ? -3.880  6.339   5.320   1.00 8.87  ? 46  ALA A N   1 
ATOM   348  C CA  . ALA A 1 74  ? -5.107  5.707   5.821   1.00 9.32  ? 46  ALA A CA  1 
ATOM   349  C C   . ALA A 1 74  ? -6.170  6.772   6.094   1.00 8.98  ? 46  ALA A C   1 
ATOM   350  O O   . ALA A 1 74  ? -7.322  6.623   5.687   1.00 8.25  ? 46  ALA A O   1 
ATOM   351  C CB  . ALA A 1 74  ? -4.827  4.830   7.074   1.00 9.39  ? 46  ALA A CB  1 
ATOM   352  N N   . LYS A 1 75  ? -5.786  7.860   6.764   1.00 8.83  ? 47  LYS A N   1 
ATOM   353  C CA  . LYS A 1 75  ? -6.706  8.996   6.929   1.00 9.41  ? 47  LYS A CA  1 
ATOM   354  C C   . LYS A 1 75  ? -7.209  9.547   5.559   1.00 9.03  ? 47  LYS A C   1 
ATOM   355  O O   . LYS A 1 75  ? -8.394  9.801   5.378   1.00 9.24  ? 47  LYS A O   1 
ATOM   356  C CB  . LYS A 1 75  ? -6.038  10.081  7.777   1.00 9.68  ? 47  LYS A CB  1 
ATOM   357  C CG  . LYS A 1 75  ? -6.892  11.362  7.943   1.00 10.97 ? 47  LYS A CG  1 
ATOM   358  C CD  . LYS A 1 75  ? -8.159  11.126  8.721   1.00 11.11 ? 47  LYS A CD  1 
ATOM   359  C CE  . LYS A 1 75  ? -8.925  12.441  8.881   1.00 12.79 ? 47  LYS A CE  1 
ATOM   360  N NZ  . LYS A 1 75  ? -10.302 12.248  9.489   1.00 13.10 ? 47  LYS A NZ  1 
ATOM   361  N N   . ALA A 1 76  ? -6.309  9.754   4.613   1.00 9.24  ? 48  ALA A N   1 
ATOM   362  C CA  . ALA A 1 76  ? -6.681  10.299  3.305   1.00 8.83  ? 48  ALA A CA  1 
ATOM   363  C C   . ALA A 1 76  ? -7.656  9.382   2.558   1.00 8.48  ? 48  ALA A C   1 
ATOM   364  O O   . ALA A 1 76  ? -8.568  9.848   1.886   1.00 8.32  ? 48  ALA A O   1 
ATOM   365  C CB  . ALA A 1 76  ? -5.419  10.601  2.454   1.00 9.27  ? 48  ALA A CB  1 
ATOM   366  N N   . LEU A 1 77  ? -7.446  8.073   2.662   1.00 8.68  ? 49  LEU A N   1 
ATOM   367  C CA  . LEU A 1 77  ? -8.400  7.092   2.113   1.00 9.40  ? 49  LEU A CA  1 
ATOM   368  C C   . LEU A 1 77  ? -9.753  7.177   2.822   1.00 9.84  ? 49  LEU A C   1 
ATOM   369  O O   . LEU A 1 77  ? -10.815 7.127   2.189   1.00 9.85  ? 49  LEU A O   1 
ATOM   370  C CB  . LEU A 1 77  ? -7.865  5.669   2.215   1.00 9.55  ? 49  LEU A CB  1 
ATOM   371  C CG  . LEU A 1 77  ? -6.821  5.266   1.183   1.00 12.16 ? 49  LEU A CG  1 
ATOM   372  C CD1 . LEU A 1 77  ? -6.081  3.978   1.627   1.00 10.96 ? 49  LEU A CD1 1 
ATOM   373  C CD2 . LEU A 1 77  ? -7.501  5.126   -0.191  1.00 12.53 ? 49  LEU A CD2 1 
ATOM   374  N N   . ASP A 1 78  ? -9.742  7.307   4.144   1.00 9.94  ? 50  ASP A N   1 
ATOM   375  C CA  . ASP A 1 78  ? -11.026 7.386   4.826   1.00 9.93  ? 50  ASP A CA  1 
ATOM   376  C C   . ASP A 1 78  ? -11.792 8.637   4.380   1.00 10.15 ? 50  ASP A C   1 
ATOM   377  O O   . ASP A 1 78  ? -12.970 8.563   4.079   1.00 10.17 ? 50  ASP A O   1 
ATOM   378  C CB  . ASP A 1 78  ? -10.875 7.366   6.319   1.00 9.92  ? 50  ASP A CB  1 
ATOM   379  C CG  . ASP A 1 78  ? -12.205 7.192   7.011   1.00 10.77 ? 50  ASP A CG  1 
ATOM   380  O OD1 . ASP A 1 78  ? -13.028 6.386   6.520   1.00 11.06 ? 50  ASP A OD1 1 
ATOM   381  O OD2 . ASP A 1 78  ? -12.410 7.895   8.022   1.00 14.24 ? 50  ASP A OD2 1 
ATOM   382  N N   . VAL A 1 79  ? -11.089 9.763   4.346   1.00 10.56 ? 51  VAL A N   1 
ATOM   383  C CA  . VAL A 1 79  ? -11.624 11.027  3.820   1.00 11.64 ? 51  VAL A CA  1 
ATOM   384  C C   . VAL A 1 79  ? -12.207 10.863  2.397   1.00 12.24 ? 51  VAL A C   1 
ATOM   385  O O   . VAL A 1 79  ? -13.328 11.308  2.121   1.00 12.62 ? 51  VAL A O   1 
ATOM   386  C CB  . VAL A 1 79  ? -10.551 12.145  3.887   1.00 11.71 ? 51  VAL A CB  1 
ATOM   387  C CG1 . VAL A 1 79  ? -11.021 13.394  3.139   1.00 13.23 ? 51  VAL A CG1 1 
ATOM   388  C CG2 . VAL A 1 79  ? -10.207 12.484  5.368   1.00 10.17 ? 51  VAL A CG2 1 
ATOM   389  N N   . TYR A 1 80  ? -11.454 10.221  1.505   1.00 12.51 ? 52  TYR A N   1 
ATOM   390  C CA  . TYR A 1 80  ? -11.928 9.941   0.154   1.00 12.40 ? 52  TYR A CA  1 
ATOM   391  C C   . TYR A 1 80  ? -13.250 9.178   0.161   1.00 12.64 ? 52  TYR A C   1 
ATOM   392  O O   . TYR A 1 80  ? -14.173 9.528   -0.601  1.00 11.51 ? 52  TYR A O   1 
ATOM   393  C CB  . TYR A 1 80  ? -10.880 9.190   -0.672  1.00 13.05 ? 52  TYR A CB  1 
ATOM   394  C CG  . TYR A 1 80  ? -11.331 8.990   -2.112  1.00 13.43 ? 52  TYR A CG  1 
ATOM   395  C CD1 . TYR A 1 80  ? -11.120 9.988   -3.059  1.00 15.79 ? 52  TYR A CD1 1 
ATOM   396  C CD2 . TYR A 1 80  ? -12.011 7.842   -2.506  1.00 14.92 ? 52  TYR A CD2 1 
ATOM   397  C CE1 . TYR A 1 80  ? -11.556 9.845   -4.355  1.00 15.12 ? 52  TYR A CE1 1 
ATOM   398  C CE2 . TYR A 1 80  ? -12.454 7.682   -3.799  1.00 15.46 ? 52  TYR A CE2 1 
ATOM   399  C CZ  . TYR A 1 80  ? -12.218 8.693   -4.722  1.00 16.22 ? 52  TYR A CZ  1 
ATOM   400  O OH  . TYR A 1 80  ? -12.640 8.536   -6.013  1.00 18.10 ? 52  TYR A OH  1 
ATOM   401  N N   . THR A 1 81  ? -13.353 8.156   1.024   1.00 11.79 ? 53  THR A N   1 
ATOM   402  C CA  . THR A 1 81  ? -14.572 7.345   1.110   1.00 12.35 ? 53  THR A CA  1 
ATOM   403  C C   . THR A 1 81  ? -15.692 7.973   1.986   1.00 12.52 ? 53  THR A C   1 
ATOM   404  O O   . THR A 1 81  ? -16.724 7.322   2.231   1.00 11.55 ? 53  THR A O   1 
ATOM   405  C CB  . THR A 1 81  ? -14.282 5.921   1.633   1.00 12.30 ? 53  THR A CB  1 
ATOM   406  O OG1 . THR A 1 81  ? -13.858 5.993   3.001   1.00 10.71 ? 53  THR A OG1 1 
ATOM   407  C CG2 . THR A 1 81  ? -13.214 5.214   0.777   1.00 13.13 ? 53  THR A CG2 1 
ATOM   408  N N   . LYS A 1 82  ? -15.468 9.201   2.454   1.00 12.45 ? 54  LYS A N   1 
ATOM   409  C CA  . LYS A 1 82  ? -16.395 9.938   3.320   1.00 13.40 ? 54  LYS A CA  1 
ATOM   410  C C   . LYS A 1 82  ? -16.725 9.165   4.613   1.00 12.97 ? 54  LYS A C   1 
ATOM   411  O O   . LYS A 1 82  ? -17.875 9.092   5.045   1.00 13.06 ? 54  LYS A O   1 
ATOM   412  C CB  . LYS A 1 82  ? -17.654 10.322  2.533   1.00 14.21 ? 54  LYS A CB  1 
ATOM   413  C CG  . LYS A 1 82  ? -17.306 11.077  1.247   1.00 15.78 ? 54  LYS A CG  1 
ATOM   414  C CD  . LYS A 1 82  ? -18.499 11.728  0.605   1.00 16.73 ? 54  LYS A CD  1 
ATOM   415  C CE  . LYS A 1 82  ? -18.041 12.683  -0.485  1.00 20.40 ? 54  LYS A CE  1 
ATOM   416  N NZ  . LYS A 1 82  ? -18.873 12.595  -1.711  1.00 24.47 ? 54  LYS A NZ  1 
ATOM   417  N N   . GLY A 1 83  ? -15.704 8.527   5.174   1.00 11.73 ? 55  GLY A N   1 
ATOM   418  C CA  . GLY A 1 83  ? -15.840 7.770   6.404   1.00 12.03 ? 55  GLY A CA  1 
ATOM   419  C C   . GLY A 1 83  ? -16.298 6.324   6.256   1.00 11.82 ? 55  GLY A C   1 
ATOM   420  O O   . GLY A 1 83  ? -16.335 5.603   7.260   1.00 11.28 ? 55  GLY A O   1 
ATOM   421  N N   . LYS A 1 84  ? -16.645 5.878   5.048   1.00 11.63 ? 56  LYS A N   1 
ATOM   422  C CA  A LYS A 1 84  ? -17.126 4.500   4.860   0.50 11.66 ? 56  LYS A CA  1 
ATOM   423  C CA  B LYS A 1 84  ? -17.130 4.502   4.868   0.50 11.73 ? 56  LYS A CA  1 
ATOM   424  C C   . LYS A 1 84  ? -16.031 3.504   5.221   1.00 11.72 ? 56  LYS A C   1 
ATOM   425  O O   . LYS A 1 84  ? -16.302 2.466   5.851   1.00 11.48 ? 56  LYS A O   1 
ATOM   426  C CB  A LYS A 1 84  ? -17.635 4.245   3.433   0.50 11.92 ? 56  LYS A CB  1 
ATOM   427  C CB  B LYS A 1 84  ? -17.655 4.253   3.449   0.50 12.01 ? 56  LYS A CB  1 
ATOM   428  C CG  A LYS A 1 84  ? -18.143 2.795   3.195   0.50 11.63 ? 56  LYS A CG  1 
ATOM   429  C CG  B LYS A 1 84  ? -18.371 2.889   3.281   0.50 11.92 ? 56  LYS A CG  1 
ATOM   430  C CD  A LYS A 1 84  ? -19.068 2.687   1.975   0.50 12.23 ? 56  LYS A CD  1 
ATOM   431  C CD  B LYS A 1 84  ? -19.144 2.808   1.965   0.50 12.58 ? 56  LYS A CD  1 
ATOM   432  C CE  A LYS A 1 84  ? -20.480 3.152   2.310   0.50 11.48 ? 56  LYS A CE  1 
ATOM   433  C CE  B LYS A 1 84  ? -19.744 1.416   1.742   0.50 12.10 ? 56  LYS A CE  1 
ATOM   434  N NZ  A LYS A 1 84  ? -21.546 2.846   1.289   0.50 12.12 ? 56  LYS A NZ  1 
ATOM   435  N NZ  B LYS A 1 84  ? -20.669 1.373   0.582   0.50 14.00 ? 56  LYS A NZ  1 
ATOM   436  N N   . LEU A 1 85  ? -14.789 3.806   4.827   1.00 11.03 ? 57  LEU A N   1 
ATOM   437  C CA  . LEU A 1 85  ? -13.690 2.904   5.152   1.00 11.20 ? 57  LEU A CA  1 
ATOM   438  C C   . LEU A 1 85  ? -13.598 2.664   6.663   1.00 11.07 ? 57  LEU A C   1 
ATOM   439  O O   . LEU A 1 85  ? -13.443 1.534   7.095   1.00 10.70 ? 57  LEU A O   1 
ATOM   440  C CB  . LEU A 1 85  ? -12.346 3.433   4.632   1.00 10.98 ? 57  LEU A CB  1 
ATOM   441  C CG  . LEU A 1 85  ? -11.089 2.696   5.092   1.00 10.16 ? 57  LEU A CG  1 
ATOM   442  C CD1 . LEU A 1 85  ? -11.055 1.203   4.669   1.00 10.63 ? 57  LEU A CD1 1 
ATOM   443  C CD2 . LEU A 1 85  ? -9.829  3.457   4.586   1.00 10.95 ? 57  LEU A CD2 1 
ATOM   444  N N   . GLN A 1 86  ? -13.683 3.723   7.444   1.00 10.82 ? 58  GLN A N   1 
ATOM   445  C CA  . GLN A 1 86  ? -13.528 3.587   8.893   1.00 11.95 ? 58  GLN A CA  1 
ATOM   446  C C   . GLN A 1 86  ? -14.709 2.822   9.524   1.00 12.23 ? 58  GLN A C   1 
ATOM   447  O O   . GLN A 1 86  ? -14.513 1.980   10.422  1.00 11.24 ? 58  GLN A O   1 
ATOM   448  C CB  . GLN A 1 86  ? -13.389 4.943   9.560   1.00 11.65 ? 58  GLN A CB  1 
ATOM   449  C CG  . GLN A 1 86  ? -13.022 4.827   11.022  1.00 11.80 ? 58  GLN A CG  1 
ATOM   450  C CD  . GLN A 1 86  ? -11.724 4.123   11.225  1.00 10.74 ? 58  GLN A CD  1 
ATOM   451  O OE1 . GLN A 1 86  ? -10.662 4.743   11.119  1.00 11.24 ? 58  GLN A OE1 1 
ATOM   452  N NE2 . GLN A 1 86  ? -11.777 2.810   11.551  1.00 11.28 ? 58  GLN A NE2 1 
ATOM   453  N N   . ARG A 1 87  ? -15.917 3.107   9.039   1.00 13.39 ? 59  ARG A N   1 
ATOM   454  C CA  . ARG A 1 87  ? -17.114 2.410   9.539   1.00 14.16 ? 59  ARG A CA  1 
ATOM   455  C C   . ARG A 1 87  ? -17.025 0.898   9.280   1.00 13.12 ? 59  ARG A C   1 
ATOM   456  O O   . ARG A 1 87  ? -17.211 0.096   10.195  1.00 13.79 ? 59  ARG A O   1 
ATOM   457  C CB  . ARG A 1 87  ? -18.395 2.969   8.921   1.00 14.50 ? 59  ARG A CB  1 
ATOM   458  C CG  . ARG A 1 87  ? -19.636 2.304   9.507   1.00 16.14 ? 59  ARG A CG  1 
ATOM   459  C CD  . ARG A 1 87  ? -20.915 2.803   8.883   1.00 17.39 ? 59  ARG A CD  1 
ATOM   460  N NE  . ARG A 1 87  ? -20.954 2.662   7.436   1.00 20.42 ? 59  ARG A NE  1 
ATOM   461  C CZ  . ARG A 1 87  ? -21.206 1.528   6.798   1.00 21.42 ? 59  ARG A CZ  1 
ATOM   462  N NH1 . ARG A 1 87  ? -21.437 0.385   7.465   1.00 23.02 ? 59  ARG A NH1 1 
ATOM   463  N NH2 . ARG A 1 87  ? -21.219 1.532   5.483   1.00 23.40 ? 59  ARG A NH2 1 
ATOM   464  N N   . LEU A 1 88  ? -16.730 0.506   8.045   1.00 12.85 ? 60  LEU A N   1 
ATOM   465  C CA  . LEU A 1 88  ? -16.597 -0.919  7.713   1.00 12.94 ? 60  LEU A CA  1 
ATOM   466  C C   . LEU A 1 88  ? -15.415 -1.574  8.443   1.00 12.72 ? 60  LEU A C   1 
ATOM   467  O O   . LEU A 1 88  ? -15.491 -2.754  8.862   1.00 12.21 ? 60  LEU A O   1 
ATOM   468  C CB  . LEU A 1 88  ? -16.433 -1.106  6.205   1.00 13.56 ? 60  LEU A CB  1 
ATOM   469  C CG  . LEU A 1 88  ? -17.683 -0.779  5.375   1.00 14.19 ? 60  LEU A CG  1 
ATOM   470  C CD1 . LEU A 1 88  ? -17.368 -0.981  3.888   1.00 15.57 ? 60  LEU A CD1 1 
ATOM   471  C CD2 . LEU A 1 88  ? -18.865 -1.635  5.800   1.00 14.86 ? 60  LEU A CD2 1 
ATOM   472  N N   . SER A 1 89  ? -14.339 -0.806  8.622   1.00 12.50 ? 61  SER A N   1 
ATOM   473  C CA  . SER A 1 89  ? -13.185 -1.287  9.376   1.00 12.48 ? 61  SER A CA  1 
ATOM   474  C C   . SER A 1 89  ? -13.600 -1.583  10.848  1.00 13.14 ? 61  SER A C   1 
ATOM   475  O O   . SER A 1 89  ? -13.307 -2.661  11.402  1.00 11.52 ? 61  SER A O   1 
ATOM   476  C CB  . SER A 1 89  ? -12.052 -0.266  9.309   1.00 12.94 ? 61  SER A CB  1 
ATOM   477  O OG  . SER A 1 89  ? -11.548 -0.151  7.976   1.00 9.94  ? 61  SER A OG  1 
ATOM   478  N N   . LYS A 1 90  ? -14.296 -0.623  11.452  1.00 13.74 ? 62  LYS A N   1 
ATOM   479  C CA  . LYS A 1 90  ? -14.856 -0.785  12.819  1.00 14.79 ? 62  LYS A CA  1 
ATOM   480  C C   . LYS A 1 90  ? -15.736 -2.025  12.933  1.00 14.55 ? 62  LYS A C   1 
ATOM   481  O O   . LYS A 1 90  ? -15.646 -2.764  13.918  1.00 14.31 ? 62  LYS A O   1 
ATOM   482  C CB  . LYS A 1 90  ? -15.661 0.456   13.223  1.00 15.21 ? 62  LYS A CB  1 
ATOM   483  C CG  . LYS A 1 90  ? -16.531 0.317   14.488  1.00 16.30 ? 62  LYS A CG  1 
ATOM   484  C CD  . LYS A 1 90  ? -17.456 1.543   14.653  1.00 18.32 ? 62  LYS A CD  1 
ATOM   485  C CE  . LYS A 1 90  ? -18.399 1.449   15.870  1.00 20.41 ? 62  LYS A CE  1 
ATOM   486  N NZ  . LYS A 1 90  ? -17.875 2.227   17.035  1.00 25.68 ? 62  LYS A NZ  1 
ATOM   487  N N   . GLU A 1 91  ? -16.587 -2.247  11.941  1.00 14.87 ? 63  GLU A N   1 
ATOM   488  C CA  . GLU A 1 91  ? -17.463 -3.426  11.943  1.00 15.79 ? 63  GLU A CA  1 
ATOM   489  C C   . GLU A 1 91  ? -16.639 -4.739  11.904  1.00 16.03 ? 63  GLU A C   1 
ATOM   490  O O   . GLU A 1 91  ? -16.914 -5.664  12.688  1.00 15.93 ? 63  GLU A O   1 
ATOM   491  C CB  . GLU A 1 91  ? -18.492 -3.310  10.803  1.00 16.21 ? 63  GLU A CB  1 
ATOM   492  C CG  . GLU A 1 91  ? -19.476 -2.179  11.092  1.00 17.68 ? 63  GLU A CG  1 
ATOM   493  C CD  . GLU A 1 91  ? -20.424 -1.854  9.961   1.00 19.71 ? 63  GLU A CD  1 
ATOM   494  O OE1 . GLU A 1 91  ? -20.492 -2.645  8.991   1.00 25.25 ? 63  GLU A OE1 1 
ATOM   495  O OE2 . GLU A 1 91  ? -21.111 -0.788  10.065  1.00 24.20 ? 63  GLU A OE2 1 
ATOM   496  N N   . HIS A 1 92  ? -15.616 -4.804  11.039  1.00 14.68 ? 64  HIS A N   1 
ATOM   497  C CA  . HIS A 1 92  ? -14.692 -5.925  11.012  1.00 14.35 ? 64  HIS A CA  1 
ATOM   498  C C   . HIS A 1 92  ? -13.962 -6.133  12.348  1.00 13.82 ? 64  HIS A C   1 
ATOM   499  O O   . HIS A 1 92  ? -13.948 -7.244  12.904  1.00 13.29 ? 64  HIS A O   1 
ATOM   500  C CB  . HIS A 1 92  ? -13.631 -5.784  9.907   1.00 14.86 ? 64  HIS A CB  1 
ATOM   501  C CG  . HIS A 1 92  ? -12.616 -6.880  9.941   1.00 15.31 ? 64  HIS A CG  1 
ATOM   502  N ND1 . HIS A 1 92  ? -12.842 -8.106  9.360   1.00 16.00 ? 64  HIS A ND1 1 
ATOM   503  C CD2 . HIS A 1 92  ? -11.409 -6.968  10.546  1.00 17.83 ? 64  HIS A CD2 1 
ATOM   504  C CE1 . HIS A 1 92  ? -11.808 -8.892  9.582   1.00 16.56 ? 64  HIS A CE1 1 
ATOM   505  N NE2 . HIS A 1 92  ? -10.931 -8.234  10.315  1.00 17.26 ? 64  HIS A NE2 1 
ATOM   506  N N   . ILE A 1 93  ? -13.348 -5.069  12.858  1.00 12.49 ? 65  ILE A N   1 
ATOM   507  C CA  . ILE A 1 93  ? -12.574 -5.152  14.105  1.00 13.21 ? 65  ILE A CA  1 
ATOM   508  C C   . ILE A 1 93  ? -13.479 -5.610  15.259  1.00 12.73 ? 65  ILE A C   1 
ATOM   509  O O   . ILE A 1 93  ? -13.089 -6.455  16.051  1.00 12.74 ? 65  ILE A O   1 
ATOM   510  C CB  . ILE A 1 93  ? -11.900 -3.820  14.458  1.00 12.74 ? 65  ILE A CB  1 
ATOM   511  C CG1 . ILE A 1 93  ? -10.750 -3.544  13.468  1.00 13.24 ? 65  ILE A CG1 1 
ATOM   512  C CG2 . ILE A 1 93  ? -11.376 -3.821  15.904  1.00 12.32 ? 65  ILE A CG2 1 
ATOM   513  C CD1 . ILE A 1 93  ? -9.480  -4.333  13.704  1.00 14.39 ? 65  ILE A CD1 1 
ATOM   514  N N   . GLY A 1 94  ? -14.695 -5.089  15.302  1.00 13.96 ? 66  GLY A N   1 
ATOM   515  C CA  . GLY A 1 94  ? -15.650 -5.422  16.378  1.00 14.75 ? 66  GLY A CA  1 
ATOM   516  C C   . GLY A 1 94  ? -15.974 -6.900  16.454  1.00 15.46 ? 66  GLY A C   1 
ATOM   517  O O   . GLY A 1 94  ? -16.197 -7.445  17.546  1.00 15.67 ? 66  GLY A O   1 
ATOM   518  N N   . LEU A 1 95  ? -15.994 -7.558  15.302  1.00 15.85 ? 67  LEU A N   1 
ATOM   519  C CA  . LEU A 1 95  ? -16.248 -9.004  15.207  1.00 16.95 ? 67  LEU A CA  1 
ATOM   520  C C   . LEU A 1 95  ? -15.012 -9.878  15.327  1.00 17.00 ? 67  LEU A C   1 
ATOM   521  O O   . LEU A 1 95  ? -15.047 -10.931 15.977  1.00 17.94 ? 67  LEU A O   1 
ATOM   522  C CB  . LEU A 1 95  ? -16.870 -9.320  13.859  1.00 18.19 ? 67  LEU A CB  1 
ATOM   523  C CG  . LEU A 1 95  ? -18.265 -8.772  13.607  1.00 22.21 ? 67  LEU A CG  1 
ATOM   524  C CD1 . LEU A 1 95  ? -18.537 -8.777  12.120  1.00 24.86 ? 67  LEU A CD1 1 
ATOM   525  C CD2 . LEU A 1 95  ? -19.305 -9.597  14.347  1.00 25.34 ? 67  LEU A CD2 1 
ATOM   526  N N   . ALA A 1 96  ? -13.937 -9.465  14.652  1.00 16.51 ? 68  ALA A N   1 
ATOM   527  C CA  . ALA A 1 96  ? -12.733 -10.283 14.418  1.00 16.09 ? 68  ALA A CA  1 
ATOM   528  C C   . ALA A 1 96  ? -11.525 -9.971  15.300  1.00 15.25 ? 68  ALA A C   1 
ATOM   529  O O   . ALA A 1 96  ? -10.619 -10.788 15.396  1.00 16.06 ? 68  ALA A O   1 
ATOM   530  C CB  . ALA A 1 96  ? -12.304 -10.170 12.932  1.00 15.54 ? 68  ALA A CB  1 
ATOM   531  N N   . GLY A 1 97  ? -11.498 -8.794  15.909  1.00 14.81 ? 69  GLY A N   1 
ATOM   532  C CA  . GLY A 1 97  ? -10.362 -8.337  16.684  1.00 14.92 ? 69  GLY A CA  1 
ATOM   533  C C   . GLY A 1 97  ? -9.272  -7.777  15.777  1.00 14.78 ? 69  GLY A C   1 
ATOM   534  O O   . GLY A 1 97  ? -9.468  -7.662  14.559  1.00 14.59 ? 69  GLY A O   1 
ATOM   535  N N   . LYS A 1 98  ? -8.135  -7.463  16.383  1.00 14.85 ? 70  LYS A N   1 
ATOM   536  C CA  . LYS A 1 98  ? -6.963  -6.879  15.697  1.00 15.71 ? 70  LYS A CA  1 
ATOM   537  C C   . LYS A 1 98  ? -6.503  -7.664  14.474  1.00 14.91 ? 70  LYS A C   1 
ATOM   538  O O   . LYS A 1 98  ? -6.583  -8.896  14.434  1.00 14.28 ? 70  LYS A O   1 
ATOM   539  C CB  . LYS A 1 98  ? -5.787  -6.792  16.680  1.00 16.75 ? 70  LYS A CB  1 
ATOM   540  C CG  . LYS A 1 98  ? -6.041  -5.865  17.847  1.00 20.26 ? 70  LYS A CG  1 
ATOM   541  C CD  . LYS A 1 98  ? -4.835  -5.736  18.779  1.00 19.48 ? 70  LYS A CD  1 
ATOM   542  C CE  . LYS A 1 98  ? -4.362  -7.062  19.354  1.00 23.99 ? 70  LYS A CE  1 
ATOM   543  N NZ  . LYS A 1 98  ? -3.468  -6.812  20.543  1.00 24.40 ? 70  LYS A NZ  1 
ATOM   544  N N   . VAL A 1 99  ? -5.980  -6.943  13.480  1.00 14.25 ? 71  VAL A N   1 
ATOM   545  C CA  . VAL A 1 99  ? -5.450  -7.571  12.276  1.00 13.98 ? 71  VAL A CA  1 
ATOM   546  C C   . VAL A 1 99  ? -3.962  -7.920  12.479  1.00 14.09 ? 71  VAL A C   1 
ATOM   547  O O   . VAL A 1 99  ? -3.141  -7.068  12.865  1.00 13.12 ? 71  VAL A O   1 
ATOM   548  C CB  . VAL A 1 99  ? -5.610  -6.647  11.048  1.00 13.63 ? 71  VAL A CB  1 
ATOM   549  C CG1 . VAL A 1 99  ? -4.962  -7.274  9.830   1.00 13.49 ? 71  VAL A CG1 1 
ATOM   550  C CG2 . VAL A 1 99  ? -7.077  -6.373  10.779  1.00 13.20 ? 71  VAL A CG2 1 
ATOM   551  N N   . LYS A 1 100 ? -3.620  -9.175  12.206  1.00 14.77 ? 72  LYS A N   1 
ATOM   552  C CA  . LYS A 1 100 ? -2.261  -9.663  12.389  1.00 15.28 ? 72  LYS A CA  1 
ATOM   553  C C   . LYS A 1 100 ? -1.269  -8.973  11.458  1.00 14.27 ? 72  LYS A C   1 
ATOM   554  O O   . LYS A 1 100 ? -1.562  -8.773  10.275  1.00 13.78 ? 72  LYS A O   1 
ATOM   555  C CB  . LYS A 1 100 ? -2.228  -11.189 12.175  1.00 16.51 ? 72  LYS A CB  1 
ATOM   556  C CG  . LYS A 1 100 ? -0.904  -11.818 12.506  1.00 18.01 ? 72  LYS A CG  1 
ATOM   557  C CD  . LYS A 1 100 ? -0.939  -13.312 12.337  1.00 20.20 ? 72  LYS A CD  1 
ATOM   558  C CE  . LYS A 1 100 ? 0.336   -13.948 12.878  1.00 24.18 ? 72  LYS A CE  1 
ATOM   559  N NZ  . LYS A 1 100 ? 0.793   -15.077 12.000  1.00 27.90 ? 72  LYS A NZ  1 
ATOM   560  N N   . VAL A 1 101 ? -0.094  -8.634  11.995  1.00 12.61 ? 73  VAL A N   1 
ATOM   561  C CA  . VAL A 1 101 ? 0.969   -8.007  11.188  1.00 12.86 ? 73  VAL A CA  1 
ATOM   562  C C   . VAL A 1 101 ? 1.328   -8.954  10.054  1.00 12.08 ? 73  VAL A C   1 
ATOM   563  O O   . VAL A 1 101 ? 1.496   -10.175 10.288  1.00 12.77 ? 73  VAL A O   1 
ATOM   564  C CB  . VAL A 1 101 ? 2.249   -7.698  12.013  1.00 12.64 ? 73  VAL A CB  1 
ATOM   565  C CG1 . VAL A 1 101 ? 3.385   -7.174  11.123  1.00 11.64 ? 73  VAL A CG1 1 
ATOM   566  C CG2 . VAL A 1 101 ? 1.952   -6.667  13.103  1.00 15.20 ? 73  VAL A CG2 1 
ATOM   567  N N   . GLY A 1 102 ? 1.434   -8.411  8.838   1.00 11.46 ? 74  GLY A N   1 
ATOM   568  C CA  . GLY A 1 102 ? 1.672   -9.220  7.649   1.00 12.07 ? 74  GLY A CA  1 
ATOM   569  C C   . GLY A 1 102 ? 0.446   -9.717  6.914   1.00 12.21 ? 74  GLY A C   1 
ATOM   570  O O   . GLY A 1 102 ? 0.569   -10.314 5.825   1.00 12.83 ? 74  GLY A O   1 
ATOM   571  N N   . THR A 1 103 ? -0.738  -9.483  7.479   1.00 11.98 ? 75  THR A N   1 
ATOM   572  C CA  . THR A 1 103 ? -1.993  -9.935  6.860   1.00 11.82 ? 75  THR A CA  1 
ATOM   573  C C   . THR A 1 103 ? -2.823  -8.739  6.377   1.00 11.51 ? 75  THR A C   1 
ATOM   574  O O   . THR A 1 103 ? -2.446  -7.581  6.598   1.00 12.43 ? 75  THR A O   1 
ATOM   575  C CB  . THR A 1 103 ? -2.812  -10.835 7.814   1.00 11.45 ? 75  THR A CB  1 
ATOM   576  O OG1 . THR A 1 103 ? -3.426  -10.031 8.837   1.00 11.94 ? 75  THR A OG1 1 
ATOM   577  C CG2 . THR A 1 103 ? -1.894  -11.887 8.437   1.00 13.29 ? 75  THR A CG2 1 
ATOM   578  N N   . GLY A 1 104 ? -3.913  -9.032  5.675   1.00 11.02 ? 76  GLY A N   1 
ATOM   579  C CA  . GLY A 1 104 ? -4.772  -7.992  5.124   1.00 11.54 ? 76  GLY A CA  1 
ATOM   580  C C   . GLY A 1 104 ? -6.244  -8.278  5.279   1.00 12.40 ? 76  GLY A C   1 
ATOM   581  O O   . GLY A 1 104 ? -6.669  -9.450  5.415   1.00 13.32 ? 76  GLY A O   1 
ATOM   582  N N   . VAL A 1 105 ? -7.023  -7.203  5.240   1.00 12.13 ? 77  VAL A N   1 
ATOM   583  C CA  . VAL A 1 105 ? -8.482  -7.277  5.264   1.00 12.42 ? 77  VAL A CA  1 
ATOM   584  C C   . VAL A 1 105 ? -9.035  -6.394  4.165   1.00 12.33 ? 77  VAL A C   1 
ATOM   585  O O   . VAL A 1 105 ? -8.772  -5.181  4.149   1.00 11.56 ? 77  VAL A O   1 
ATOM   586  C CB  . VAL A 1 105 ? -9.035  -6.815  6.636   1.00 11.95 ? 77  VAL A CB  1 
ATOM   587  C CG1 . VAL A 1 105 ? -10.591 -6.647  6.581   1.00 12.34 ? 77  VAL A CG1 1 
ATOM   588  C CG2 . VAL A 1 105 ? -8.603  -7.805  7.734   1.00 13.15 ? 77  VAL A CG2 1 
ATOM   589  N N   . MET A 1 106 ? -9.778  -6.996  3.234   1.00 12.22 ? 78  MET A N   1 
ATOM   590  C CA  . MET A 1 106 ? -10.387 -6.237  2.132   1.00 12.71 ? 78  MET A CA  1 
ATOM   591  C C   . MET A 1 106 ? -11.720 -5.630  2.569   1.00 12.85 ? 78  MET A C   1 
ATOM   592  O O   . MET A 1 106 ? -12.576 -6.328  3.159   1.00 12.62 ? 78  MET A O   1 
ATOM   593  C CB  . MET A 1 106 ? -10.580 -7.154  0.919   1.00 13.06 ? 78  MET A CB  1 
ATOM   594  C CG  . MET A 1 106 ? -11.080 -6.472  -0.348  1.00 12.02 ? 78  MET A CG  1 
ATOM   595  S SD  . MET A 1 106 ? -9.780  -5.510  -1.133  1.00 12.28 ? 78  MET A SD  1 
ATOM   596  C CE  . MET A 1 106 ? -8.767  -6.831  -1.796  1.00 12.20 ? 78  MET A CE  1 
ATOM   597  N N   . VAL A 1 107 ? -11.889 -4.344  2.281   1.00 13.67 ? 79  VAL A N   1 
ATOM   598  C CA  . VAL A 1 107 ? -13.120 -3.588  2.557   1.00 15.22 ? 79  VAL A CA  1 
ATOM   599  C C   . VAL A 1 107 ? -13.599 -2.922  1.251   1.00 16.42 ? 79  VAL A C   1 
ATOM   600  O O   . VAL A 1 107 ? -12.830 -2.214  0.598   1.00 16.39 ? 79  VAL A O   1 
ATOM   601  C CB  . VAL A 1 107 ? -12.845 -2.541  3.663   1.00 16.37 ? 79  VAL A CB  1 
ATOM   602  C CG1 . VAL A 1 107 ? -13.999 -1.552  3.833   1.00 18.69 ? 79  VAL A CG1 1 
ATOM   603  C CG2 . VAL A 1 107 ? -12.550 -3.259  4.995   1.00 16.52 ? 79  VAL A CG2 1 
ATOM   604  N N   . GLU A 1 108 ? -14.863 -3.140  0.886   1.00 16.59 ? 80  GLU A N   1 
ATOM   605  C CA  . GLU A 1 108 ? -15.423 -2.584  -0.343  1.00 17.48 ? 80  GLU A CA  1 
ATOM   606  C C   . GLU A 1 108 ? -16.192 -1.305  -0.033  1.00 16.91 ? 80  GLU A C   1 
ATOM   607  O O   . GLU A 1 108 ? -17.212 -1.347  0.657   1.00 16.46 ? 80  GLU A O   1 
ATOM   608  C CB  . GLU A 1 108 ? -16.356 -3.597  -1.044  1.00 17.54 ? 80  GLU A CB  1 
ATOM   609  C CG  . GLU A 1 108 ? -16.960 -3.081  -2.351  1.00 19.27 ? 80  GLU A CG  1 
ATOM   610  C CD  . GLU A 1 108 ? -17.634 -4.172  -3.213  1.00 22.86 ? 80  GLU A CD  1 
ATOM   611  O OE1 . GLU A 1 108 ? -18.602 -4.813  -2.726  1.00 28.07 ? 80  GLU A OE1 1 
ATOM   612  O OE2 . GLU A 1 108 ? -17.198 -4.382  -4.389  1.00 27.84 ? 80  GLU A OE2 1 
ATOM   613  N N   . CYS A 1 109 ? -15.709 -0.184  -0.550  1.00 16.82 ? 81  CYS A N   1 
ATOM   614  C CA  . CYS A 1 109 ? -16.311 1.141   -0.329  1.00 17.43 ? 81  CYS A CA  1 
ATOM   615  C C   . CYS A 1 109 ? -16.896 1.672   -1.637  1.00 18.64 ? 81  CYS A C   1 
ATOM   616  O O   . CYS A 1 109 ? -16.240 2.391   -2.390  1.00 18.30 ? 81  CYS A O   1 
ATOM   617  C CB  . CYS A 1 109 ? -15.280 2.136   0.212   1.00 17.61 ? 81  CYS A CB  1 
ATOM   618  S SG  . CYS A 1 109 ? -14.600 1.670   1.791   1.00 16.37 ? 81  CYS A SG  1 
ATOM   619  N N   . ASP A 1 110 ? -18.138 1.296   -1.913  1.00 19.69 ? 82  ASP A N   1 
ATOM   620  C CA  . ASP A 1 110 ? -18.773 1.660   -3.181  1.00 20.03 ? 82  ASP A CA  1 
ATOM   621  C C   . ASP A 1 110 ? -17.930 1.052   -4.312  1.00 20.19 ? 82  ASP A C   1 
ATOM   622  O O   . ASP A 1 110 ? -17.702 -0.135  -4.283  1.00 21.83 ? 82  ASP A O   1 
ATOM   623  C CB  . ASP A 1 110 ? -18.986 3.177   -3.265  1.00 20.58 ? 82  ASP A CB  1 
ATOM   624  C CG  . ASP A 1 110 ? -19.838 3.695   -2.102  1.00 22.41 ? 82  ASP A CG  1 
ATOM   625  O OD1 . ASP A 1 110 ? -20.690 2.924   -1.631  1.00 26.17 ? 82  ASP A OD1 1 
ATOM   626  O OD2 . ASP A 1 110 ? -19.650 4.837   -1.647  1.00 26.73 ? 82  ASP A OD2 1 
ATOM   627  N N   . SER A 1 111 ? -17.423 1.827   -5.260  1.00 20.15 ? 83  SER A N   1 
ATOM   628  C CA  . SER A 1 111 ? -16.667 1.221   -6.381  1.00 19.71 ? 83  SER A CA  1 
ATOM   629  C C   . SER A 1 111 ? -15.190 0.958   -6.067  1.00 19.34 ? 83  SER A C   1 
ATOM   630  O O   . SER A 1 111 ? -14.462 0.404   -6.918  1.00 20.54 ? 83  SER A O   1 
ATOM   631  C CB  . SER A 1 111 ? -16.755 2.106   -7.624  1.00 20.70 ? 83  SER A CB  1 
ATOM   632  O OG  . SER A 1 111 ? -16.126 3.363   -7.432  1.00 22.55 ? 83  SER A OG  1 
ATOM   633  N N   . LEU A 1 112 ? -14.740 1.363   -4.873  1.00 16.97 ? 84  LEU A N   1 
ATOM   634  C CA  . LEU A 1 112 ? -13.325 1.272   -4.499  1.00 15.48 ? 84  LEU A CA  1 
ATOM   635  C C   . LEU A 1 112 ? -13.103 0.153   -3.476  1.00 14.32 ? 84  LEU A C   1 
ATOM   636  O O   . LEU A 1 112 ? -13.662 0.175   -2.372  1.00 13.88 ? 84  LEU A O   1 
ATOM   637  C CB  . LEU A 1 112 ? -12.829 2.604   -3.940  1.00 15.61 ? 84  LEU A CB  1 
ATOM   638  C CG  . LEU A 1 112 ? -11.339 2.757   -3.603  1.00 15.86 ? 84  LEU A CG  1 
ATOM   639  C CD1 . LEU A 1 112 ? -10.408 2.643   -4.821  1.00 15.26 ? 84  LEU A CD1 1 
ATOM   640  C CD2 . LEU A 1 112 ? -11.125 4.088   -2.885  1.00 14.17 ? 84  LEU A CD2 1 
ATOM   641  N N   . ARG A 1 113 ? -12.276 -0.819  -3.864  1.00 12.50 ? 85  ARG A N   1 
ATOM   642  C CA  . ARG A 1 113 ? -11.905 -1.918  -2.988  1.00 13.04 ? 85  ARG A CA  1 
ATOM   643  C C   . ARG A 1 113 ? -10.566 -1.611  -2.341  1.00 11.10 ? 85  ARG A C   1 
ATOM   644  O O   . ARG A 1 113 ? -9.577  -1.322  -3.031  1.00 11.70 ? 85  ARG A O   1 
ATOM   645  C CB  . ARG A 1 113 ? -11.812 -3.208  -3.762  1.00 12.59 ? 85  ARG A CB  1 
ATOM   646  C CG  . ARG A 1 113 ? -13.164 -3.588  -4.353  1.00 14.98 ? 85  ARG A CG  1 
ATOM   647  C CD  . ARG A 1 113 ? -13.037 -4.755  -5.243  1.00 16.54 ? 85  ARG A CD  1 
ATOM   648  N NE  . ARG A 1 113 ? -12.763 -5.952  -4.472  1.00 17.65 ? 85  ARG A NE  1 
ATOM   649  C CZ  . ARG A 1 113 ? -11.783 -6.811  -4.741  1.00 19.04 ? 85  ARG A CZ  1 
ATOM   650  N NH1 . ARG A 1 113 ? -10.980 -6.618  -5.778  1.00 21.78 ? 85  ARG A NH1 1 
ATOM   651  N NH2 . ARG A 1 113 ? -11.609 -7.856  -3.968  1.00 20.86 ? 85  ARG A NH2 1 
ATOM   652  N N   . ILE A 1 114 ? -10.569 -1.617  -1.013  1.00 10.23 ? 86  ILE A N   1 
ATOM   653  C CA  . ILE A 1 114 ? -9.408  -1.186  -0.231  1.00 9.63  ? 86  ILE A CA  1 
ATOM   654  C C   . ILE A 1 114 ? -8.899  -2.378  0.557   1.00 9.64  ? 86  ILE A C   1 
ATOM   655  O O   . ILE A 1 114 ? -9.619  -2.939  1.403   1.00 9.94  ? 86  ILE A O   1 
ATOM   656  C CB  . ILE A 1 114 ? -9.761  -0.014  0.742   1.00 9.31  ? 86  ILE A CB  1 
ATOM   657  C CG1 . ILE A 1 114 ? -10.289 1.198   -0.050  1.00 8.72  ? 86  ILE A CG1 1 
ATOM   658  C CG2 . ILE A 1 114 ? -8.537  0.384   1.582   1.00 9.62  ? 86  ILE A CG2 1 
ATOM   659  C CD1 . ILE A 1 114 ? -10.639 2.424   0.794   1.00 9.90  ? 86  ILE A CD1 1 
ATOM   660  N N   . PHE A 1 115 ? -7.655  -2.748  0.296   1.00 8.22  ? 87  PHE A N   1 
ATOM   661  C CA  . PHE A 1 115 ? -7.030  -3.882  0.961   1.00 8.67  ? 87  PHE A CA  1 
ATOM   662  C C   . PHE A 1 115 ? -6.120  -3.360  2.062   1.00 7.66  ? 87  PHE A C   1 
ATOM   663  O O   . PHE A 1 115 ? -5.038  -2.818  1.819   1.00 7.58  ? 87  PHE A O   1 
ATOM   664  C CB  . PHE A 1 115 ? -6.261  -4.718  -0.042  1.00 9.47  ? 87  PHE A CB  1 
ATOM   665  C CG  . PHE A 1 115 ? -5.903  -6.100  0.430   1.00 9.29  ? 87  PHE A CG  1 
ATOM   666  C CD1 . PHE A 1 115 ? -6.760  -6.867  1.222   1.00 10.75 ? 87  PHE A CD1 1 
ATOM   667  C CD2 . PHE A 1 115 ? -4.713  -6.666  0.025   1.00 10.30 ? 87  PHE A CD2 1 
ATOM   668  C CE1 . PHE A 1 115 ? -6.422  -8.154  1.609   1.00 11.55 ? 87  PHE A CE1 1 
ATOM   669  C CE2 . PHE A 1 115 ? -4.377  -7.984  0.412   1.00 11.63 ? 87  PHE A CE2 1 
ATOM   670  C CZ  . PHE A 1 115 ? -5.231  -8.706  1.200   1.00 10.11 ? 87  PHE A CZ  1 
ATOM   671  N N   . ASN A 1 116 ? -6.615  -3.493  3.292   1.00 8.33  ? 88  ASN A N   1 
ATOM   672  C CA  . ASN A 1 116 ? -5.936  -2.976  4.458   1.00 8.30  ? 88  ASN A CA  1 
ATOM   673  C C   . ASN A 1 116 ? -4.872  -3.951  4.879   1.00 9.68  ? 88  ASN A C   1 
ATOM   674  O O   . ASN A 1 116 ? -5.190  -5.007  5.467   1.00 10.10 ? 88  ASN A O   1 
ATOM   675  C CB  . ASN A 1 116 ? -6.935  -2.789  5.606   1.00 9.02  ? 88  ASN A CB  1 
ATOM   676  C CG  . ASN A 1 116 ? -7.983  -1.752  5.304   1.00 8.91  ? 88  ASN A CG  1 
ATOM   677  O OD1 . ASN A 1 116 ? -7.735  -0.565  5.445   1.00 10.16 ? 88  ASN A OD1 1 
ATOM   678  N ND2 . ASN A 1 116 ? -9.170  -2.201  4.862   1.00 10.69 ? 88  ASN A ND2 1 
ATOM   679  N N   . VAL A 1 117 ? -3.613  -3.595  4.634   1.00 8.96  ? 89  VAL A N   1 
ATOM   680  C CA  . VAL A 1 117 ? -2.460  -4.476  4.930   1.00 9.31  ? 89  VAL A CA  1 
ATOM   681  C C   . VAL A 1 117 ? -1.592  -3.879  6.031   1.00 9.93  ? 89  VAL A C   1 
ATOM   682  O O   . VAL A 1 117 ? -1.204  -2.708  5.959   1.00 9.46  ? 89  VAL A O   1 
ATOM   683  C CB  . VAL A 1 117 ? -1.641  -4.787  3.641   1.00 8.73  ? 89  VAL A CB  1 
ATOM   684  C CG1 . VAL A 1 117 ? -0.415  -5.667  3.925   1.00 10.66 ? 89  VAL A CG1 1 
ATOM   685  C CG2 . VAL A 1 117 ? -2.547  -5.426  2.574   1.00 8.56  ? 89  VAL A CG2 1 
ATOM   686  N N   . VAL A 1 118 ? -1.303  -4.690  7.058   1.00 9.95  ? 90  VAL A N   1 
ATOM   687  C CA  . VAL A 1 118 ? -0.533  -4.228  8.228   1.00 10.32 ? 90  VAL A CA  1 
ATOM   688  C C   . VAL A 1 118 ? 0.921   -4.624  8.056   1.00 10.99 ? 90  VAL A C   1 
ATOM   689  O O   . VAL A 1 118 ? 1.285   -5.813  8.163   1.00 11.24 ? 90  VAL A O   1 
ATOM   690  C CB  . VAL A 1 118 ? -1.105  -4.793  9.546   1.00 10.15 ? 90  VAL A CB  1 
ATOM   691  C CG1 . VAL A 1 118 ? -0.400  -4.170  10.757  1.00 9.99  ? 90  VAL A CG1 1 
ATOM   692  C CG2 . VAL A 1 118 ? -2.598  -4.578  9.600   1.00 9.27  ? 90  VAL A CG2 1 
ATOM   693  N N   . GLY A 1 119 ? 1.747   -3.626  7.750   1.00 11.68 ? 91  GLY A N   1 
ATOM   694  C CA  . GLY A 1 119 ? 3.175   -3.823  7.685   1.00 12.52 ? 91  GLY A CA  1 
ATOM   695  C C   . GLY A 1 119 ? 3.796   -3.805  9.071   1.00 13.19 ? 91  GLY A C   1 
ATOM   696  O O   . GLY A 1 119 ? 3.197   -3.288  10.025  1.00 12.94 ? 91  GLY A O   1 
ATOM   697  N N   . PRO A 1 120 ? 5.006   -4.367  9.189   1.00 14.40 ? 92  PRO A N   1 
ATOM   698  C CA  . PRO A 1 120 ? 5.731   -4.314  10.464  1.00 15.54 ? 92  PRO A CA  1 
ATOM   699  C C   . PRO A 1 120 ? 6.341   -2.933  10.782  1.00 17.36 ? 92  PRO A C   1 
ATOM   700  O O   . PRO A 1 120 ? 6.490   -2.076  9.894   1.00 16.16 ? 92  PRO A O   1 
ATOM   701  C CB  . PRO A 1 120 ? 6.849   -5.350  10.259  1.00 15.05 ? 92  PRO A CB  1 
ATOM   702  C CG  . PRO A 1 120 ? 7.154   -5.244  8.797   1.00 15.10 ? 92  PRO A CG  1 
ATOM   703  C CD  . PRO A 1 120 ? 5.770   -5.087  8.151   1.00 14.68 ? 92  PRO A CD  1 
ATOM   704  N N   . ARG A 1 121 ? 6.651   -2.727  12.058  1.00 18.59 ? 93  ARG A N   1 
ATOM   705  C CA  . ARG A 1 121 ? 7.525   -1.637  12.472  1.00 20.41 ? 93  ARG A CA  1 
ATOM   706  C C   . ARG A 1 121 ? 8.979   -2.076  12.365  1.00 20.34 ? 93  ARG A C   1 
ATOM   707  O O   . ARG A 1 121 ? 9.285   -3.266  12.291  1.00 18.38 ? 93  ARG A O   1 
ATOM   708  C CB  . ARG A 1 121 ? 7.218   -1.225  13.919  1.00 21.55 ? 93  ARG A CB  1 
ATOM   709  C CG  . ARG A 1 121 ? 5.890   -0.526  14.057  1.00 24.02 ? 93  ARG A CG  1 
ATOM   710  C CD  . ARG A 1 121 ? 5.557   -0.146  15.488  1.00 25.39 ? 93  ARG A CD  1 
ATOM   711  N NE  . ARG A 1 121 ? 4.512   0.883   15.501  1.00 30.12 ? 93  ARG A NE  1 
ATOM   712  C CZ  . ARG A 1 121 ? 4.719   2.176   15.245  1.00 31.21 ? 93  ARG A CZ  1 
ATOM   713  N NH1 . ARG A 1 121 ? 3.698   3.030   15.279  1.00 34.33 ? 93  ARG A NH1 1 
ATOM   714  N NH2 . ARG A 1 121 ? 5.938   2.629   14.949  1.00 34.78 ? 93  ARG A NH2 1 
ATOM   715  N N   . LYS A 1 122 ? 9.876   -1.097  12.365  1.00 21.56 ? 94  LYS A N   1 
ATOM   716  C CA  . LYS A 1 122 ? 11.316  -1.361  12.385  1.00 22.61 ? 94  LYS A CA  1 
ATOM   717  C C   . LYS A 1 122 ? 11.652  -2.275  13.560  1.00 22.80 ? 94  LYS A C   1 
ATOM   718  O O   . LYS A 1 122 ? 11.137  -2.079  14.646  1.00 21.79 ? 94  LYS A O   1 
ATOM   719  C CB  . LYS A 1 122 ? 12.069  -0.046  12.549  1.00 22.73 ? 94  LYS A CB  1 
ATOM   720  C CG  . LYS A 1 122 ? 13.564  -0.203  12.525  1.00 23.94 ? 94  LYS A CG  1 
ATOM   721  C CD  . LYS A 1 122 ? 14.240  1.126   12.310  1.00 25.10 ? 94  LYS A CD  1 
ATOM   722  C CE  . LYS A 1 122 ? 15.744  0.981   12.181  1.00 26.71 ? 94  LYS A CE  1 
ATOM   723  N NZ  . LYS A 1 122 ? 16.370  2.274   11.713  1.00 29.04 ? 94  LYS A NZ  1 
ATOM   724  N N   . GLY A 1 123 ? 12.503  -3.268  13.335  1.00 23.74 ? 95  GLY A N   1 
ATOM   725  C CA  . GLY A 1 123 ? 12.800  -4.261  14.359  1.00 25.43 ? 95  GLY A CA  1 
ATOM   726  C C   . GLY A 1 123 ? 13.438  -5.502  13.774  1.00 26.78 ? 95  GLY A C   1 
ATOM   727  O O   . GLY A 1 123 ? 13.532  -5.635  12.554  1.00 26.92 ? 95  GLY A O   1 
ATOM   728  N N   . LYS A 1 124 ? 13.858  -6.416  14.647  1.00 28.48 ? 96  LYS A N   1 
ATOM   729  C CA  . LYS A 1 124 ? 14.711  -7.565  14.260  1.00 29.06 ? 96  LYS A CA  1 
ATOM   730  C C   . LYS A 1 124 ? 14.134  -8.433  13.145  1.00 29.14 ? 96  LYS A C   1 
ATOM   731  O O   . LYS A 1 124 ? 14.878  -8.870  12.250  1.00 30.08 ? 96  LYS A O   1 
ATOM   732  C CB  . LYS A 1 124 ? 15.032  -8.462  15.482  1.00 29.77 ? 96  LYS A CB  1 
ATOM   733  C CG  . LYS A 1 124 ? 16.319  -8.100  16.207  1.00 31.20 ? 96  LYS A CG  1 
ATOM   734  C CD  . LYS A 1 124 ? 16.376  -8.695  17.634  1.00 31.17 ? 96  LYS A CD  1 
ATOM   735  C CE  . LYS A 1 124 ? 17.388  -7.939  18.516  1.00 33.03 ? 96  LYS A CE  1 
ATOM   736  N NZ  . LYS A 1 124 ? 17.260  -8.248  19.975  1.00 34.58 ? 96  LYS A NZ  1 
ATOM   737  N N   . HIS A 1 125 ? 12.822  -8.681  13.211  1.00 28.84 ? 97  HIS A N   1 
ATOM   738  C CA  . HIS A 1 125 ? 12.123  -9.597  12.303  1.00 28.26 ? 97  HIS A CA  1 
ATOM   739  C C   . HIS A 1 125 ? 11.359  -8.832  11.210  1.00 27.22 ? 97  HIS A C   1 
ATOM   740  O O   . HIS A 1 125 ? 10.433  -9.371  10.588  1.00 26.77 ? 97  HIS A O   1 
ATOM   741  C CB  . HIS A 1 125 ? 11.143  -10.467 13.087  1.00 29.44 ? 97  HIS A CB  1 
ATOM   742  C CG  . HIS A 1 125 ? 11.795  -11.356 14.106  1.00 32.15 ? 97  HIS A CG  1 
ATOM   743  N ND1 . HIS A 1 125 ? 11.444  -12.679 14.262  1.00 33.49 ? 97  HIS A ND1 1 
ATOM   744  C CD2 . HIS A 1 125 ? 12.756  -11.110 15.029  1.00 33.29 ? 97  HIS A CD2 1 
ATOM   745  C CE1 . HIS A 1 125 ? 12.171  -13.215 15.229  1.00 34.90 ? 97  HIS A CE1 1 
ATOM   746  N NE2 . HIS A 1 125 ? 12.973  -12.281 15.715  1.00 34.26 ? 97  HIS A NE2 1 
ATOM   747  N N   . GLU A 1 126 ? 11.744  -7.579  10.984  1.00 25.57 ? 98  GLU A N   1 
ATOM   748  C CA  . GLU A 1 126 ? 11.042  -6.717  10.029  1.00 24.96 ? 98  GLU A CA  1 
ATOM   749  C C   . GLU A 1 126 ? 11.016  -7.293  8.608   1.00 23.66 ? 98  GLU A C   1 
ATOM   750  O O   . GLU A 1 126 ? 9.996   -7.206  7.931   1.00 22.82 ? 98  GLU A O   1 
ATOM   751  C CB  . GLU A 1 126 ? 11.633  -5.295  10.030  1.00 24.62 ? 98  GLU A CB  1 
ATOM   752  C CG  . GLU A 1 126 ? 13.029  -5.184  9.450   1.00 25.58 ? 98  GLU A CG  1 
ATOM   753  C CD  . GLU A 1 126 ? 13.575  -3.762  9.461   1.00 26.07 ? 98  GLU A CD  1 
ATOM   754  O OE1 . GLU A 1 126 ? 13.494  -3.082  10.509  1.00 23.98 ? 98  GLU A OE1 1 
ATOM   755  O OE2 . GLU A 1 126 ? 14.093  -3.335  8.412   1.00 27.06 ? 98  GLU A OE2 1 
ATOM   756  N N   . ARG A 1 127 ? 12.125  -7.884  8.164   1.00 22.75 ? 99  ARG A N   1 
ATOM   757  C CA  . ARG A 1 127 ? 12.208  -8.437  6.805   1.00 22.00 ? 99  ARG A CA  1 
ATOM   758  C C   . ARG A 1 127 ? 11.225  -9.586  6.590   1.00 20.36 ? 99  ARG A C   1 
ATOM   759  O O   . ARG A 1 127 ? 10.493  -9.592  5.602   1.00 19.50 ? 99  ARG A O   1 
ATOM   760  C CB  . ARG A 1 127 ? 13.627  -8.915  6.459   1.00 22.23 ? 99  ARG A CB  1 
ATOM   761  C CG  . ARG A 1 127 ? 13.651  -9.721  5.158   1.00 24.28 ? 99  ARG A CG  1 
ATOM   762  C CD  . ARG A 1 127 ? 15.040  -10.023 4.597   1.00 25.26 ? 99  ARG A CD  1 
ATOM   763  N NE  . ARG A 1 127 ? 14.984  -9.939  3.133   1.00 29.65 ? 99  ARG A NE  1 
ATOM   764  C CZ  . ARG A 1 127 ? 15.010  -8.793  2.455   1.00 28.18 ? 99  ARG A CZ  1 
ATOM   765  N NH1 . ARG A 1 127 ? 15.131  -7.630  3.093   1.00 28.61 ? 99  ARG A NH1 1 
ATOM   766  N NH2 . ARG A 1 127 ? 14.928  -8.811  1.137   1.00 30.45 ? 99  ARG A NH2 1 
ATOM   767  N N   . ASP A 1 128 ? 11.209  -10.550 7.504   1.00 19.22 ? 100 ASP A N   1 
ATOM   768  C CA  A ASP A 1 128 ? 10.286  -11.664 7.360   0.50 18.95 ? 100 ASP A CA  1 
ATOM   769  C CA  B ASP A 1 128 ? 10.266  -11.681 7.471   0.50 18.80 ? 100 ASP A CA  1 
ATOM   770  C C   . ASP A 1 128 ? 8.833   -11.179 7.314   1.00 18.16 ? 100 ASP A C   1 
ATOM   771  O O   . ASP A 1 128 ? 8.042   -11.711 6.534   1.00 17.07 ? 100 ASP A O   1 
ATOM   772  C CB  A ASP A 1 128 ? 10.516  -12.714 8.447   0.50 19.54 ? 100 ASP A CB  1 
ATOM   773  C CB  B ASP A 1 128 ? 10.366  -12.501 8.770   0.50 19.26 ? 100 ASP A CB  1 
ATOM   774  C CG  A ASP A 1 128 ? 11.779  -13.526 8.206   0.50 20.79 ? 100 ASP A CG  1 
ATOM   775  C CG  B ASP A 1 128 ? 9.353   -13.642 8.829   0.50 19.61 ? 100 ASP A CG  1 
ATOM   776  O OD1 A ASP A 1 128 ? 12.207  -13.652 7.036   0.50 21.89 ? 100 ASP A OD1 1 
ATOM   777  O OD1 B ASP A 1 128 ? 9.509   -14.601 8.042   0.50 22.03 ? 100 ASP A OD1 1 
ATOM   778  O OD2 A ASP A 1 128 ? 12.345  -14.041 9.189   0.50 23.44 ? 100 ASP A OD2 1 
ATOM   779  O OD2 B ASP A 1 128 ? 8.403   -13.587 9.651   0.50 21.74 ? 100 ASP A OD2 1 
ATOM   780  N N   . LEU A 1 129 ? 8.503   -10.158 8.098   1.00 16.49 ? 101 LEU A N   1 
ATOM   781  C CA  . LEU A 1 129 ? 7.125   -9.639  8.132   1.00 16.69 ? 101 LEU A CA  1 
ATOM   782  C C   . LEU A 1 129 ? 6.812   -8.804  6.886   1.00 15.28 ? 101 LEU A C   1 
ATOM   783  O O   . LEU A 1 129 ? 5.665   -8.822  6.389   1.00 14.08 ? 101 LEU A O   1 
ATOM   784  C CB  . LEU A 1 129 ? 6.851   -8.876  9.431   1.00 17.16 ? 101 LEU A CB  1 
ATOM   785  C CG  . LEU A 1 129 ? 6.865   -9.801  10.659  1.00 18.20 ? 101 LEU A CG  1 
ATOM   786  C CD1 . LEU A 1 129 ? 7.035   -9.001  11.974  1.00 19.88 ? 101 LEU A CD1 1 
ATOM   787  C CD2 . LEU A 1 129 ? 5.629   -10.711 10.699  1.00 19.81 ? 101 LEU A CD2 1 
ATOM   788  N N   . LEU A 1 130 ? 7.796   -8.068  6.379   1.00 14.21 ? 102 LEU A N   1 
ATOM   789  C CA  . LEU A 1 130 ? 7.611   -7.381  5.078   1.00 14.50 ? 102 LEU A CA  1 
ATOM   790  C C   . LEU A 1 130 ? 7.371   -8.359  3.965   1.00 13.48 ? 102 LEU A C   1 
ATOM   791  O O   . LEU A 1 130 ? 6.524   -8.135  3.103   1.00 12.55 ? 102 LEU A O   1 
ATOM   792  C CB  . LEU A 1 130 ? 8.823   -6.523  4.685   1.00 15.27 ? 102 LEU A CB  1 
ATOM   793  C CG  . LEU A 1 130 ? 8.884   -5.103  5.245   1.00 16.99 ? 102 LEU A CG  1 
ATOM   794  C CD1 . LEU A 1 130 ? 10.263  -4.472  4.923   1.00 18.72 ? 102 LEU A CD1 1 
ATOM   795  C CD2 . LEU A 1 130 ? 7.738   -4.198  4.739   1.00 15.10 ? 102 LEU A CD2 1 
ATOM   796  N N   . ILE A 1 131 ? 8.166   -9.427  3.938   1.00 13.36 ? 103 ILE A N   1 
ATOM   797  C CA  . ILE A 1 131 ? 7.953   -10.491 2.945   1.00 13.11 ? 103 ILE A CA  1 
ATOM   798  C C   . ILE A 1 131 ? 6.518   -11.036 3.046   1.00 12.26 ? 103 ILE A C   1 
ATOM   799  O O   . ILE A 1 131 ? 5.826   -11.194 2.049   1.00 12.09 ? 103 ILE A O   1 
ATOM   800  C CB  . ILE A 1 131 ? 9.000   -11.624 3.099   1.00 12.96 ? 103 ILE A CB  1 
ATOM   801  C CG1 . ILE A 1 131 ? 10.386  -11.141 2.648   1.00 12.80 ? 103 ILE A CG1 1 
ATOM   802  C CG2 . ILE A 1 131 ? 8.564   -12.871 2.325   1.00 14.07 ? 103 ILE A CG2 1 
ATOM   803  C CD1 . ILE A 1 131 ? 11.559  -12.055 3.122   1.00 14.22 ? 103 ILE A CD1 1 
ATOM   804  N N   . LYS A 1 132 ? 6.061   -11.332 4.259   1.00 13.21 ? 104 LYS A N   1 
ATOM   805  C CA  . LYS A 1 132 ? 4.689   -11.780 4.436   1.00 13.13 ? 104 LYS A CA  1 
ATOM   806  C C   . LYS A 1 132 ? 3.662   -10.765 3.919   1.00 12.02 ? 104 LYS A C   1 
ATOM   807  O O   . LYS A 1 132 ? 2.734   -11.126 3.209   1.00 10.49 ? 104 LYS A O   1 
ATOM   808  C CB  . LYS A 1 132 ? 4.401   -12.125 5.891   1.00 14.34 ? 104 LYS A CB  1 
ATOM   809  C CG  . LYS A 1 132 ? 4.865   -13.534 6.226   1.00 16.93 ? 104 LYS A CG  1 
ATOM   810  C CD  . LYS A 1 132 ? 4.826   -13.776 7.717   1.00 17.03 ? 104 LYS A CD  1 
ATOM   811  C CE  . LYS A 1 132 ? 5.378   -15.177 8.045   1.00 19.41 ? 104 LYS A CE  1 
ATOM   812  N NZ  . LYS A 1 132 ? 6.115   -15.158 9.335   1.00 23.61 ? 104 LYS A NZ  1 
ATOM   813  N N   . ALA A 1 133 ? 3.855   -9.496  4.267   1.00 11.76 ? 105 ALA A N   1 
ATOM   814  C CA  . ALA A 1 133 ? 2.900   -8.430  3.904   1.00 11.59 ? 105 ALA A CA  1 
ATOM   815  C C   . ALA A 1 133 ? 2.838   -8.255  2.377   1.00 10.58 ? 105 ALA A C   1 
ATOM   816  O O   . ALA A 1 133 ? 1.766   -8.143  1.782   1.00 10.81 ? 105 ALA A O   1 
ATOM   817  C CB  . ALA A 1 133 ? 3.324   -7.112  4.583   1.00 12.44 ? 105 ALA A CB  1 
ATOM   818  N N   . TYR A 1 134 ? 3.993   -8.234  1.747   1.00 10.58 ? 106 TYR A N   1 
ATOM   819  C CA  . TYR A 1 134 ? 4.046   -8.156  0.283   1.00 10.68 ? 106 TYR A CA  1 
ATOM   820  C C   . TYR A 1 134 ? 3.508   -9.416  -0.402  1.00 10.58 ? 106 TYR A C   1 
ATOM   821  O O   . TYR A 1 134 ? 2.876   -9.329  -1.436  1.00 10.45 ? 106 TYR A O   1 
ATOM   822  C CB  . TYR A 1 134 ? 5.441   -7.775  -0.202  1.00 10.45 ? 106 TYR A CB  1 
ATOM   823  C CG  . TYR A 1 134 ? 5.751   -6.287  -0.029  1.00 10.77 ? 106 TYR A CG  1 
ATOM   824  C CD1 . TYR A 1 134 ? 6.833   -5.870  0.756   1.00 11.06 ? 106 TYR A CD1 1 
ATOM   825  C CD2 . TYR A 1 134 ? 4.956   -5.308  -0.628  1.00 11.54 ? 106 TYR A CD2 1 
ATOM   826  C CE1 . TYR A 1 134 ? 7.149   -4.512  0.917   1.00 9.15  ? 106 TYR A CE1 1 
ATOM   827  C CE2 . TYR A 1 134 ? 5.237   -3.925  -0.456  1.00 10.31 ? 106 TYR A CE2 1 
ATOM   828  C CZ  . TYR A 1 134 ? 6.352   -3.547  0.315   1.00 10.40 ? 106 TYR A CZ  1 
ATOM   829  O OH  . TYR A 1 134 ? 6.693   -2.231  0.490   1.00 11.28 ? 106 TYR A OH  1 
ATOM   830  N N   . ASN A 1 135 ? 3.708   -10.583 0.189   1.00 11.08 ? 107 ASN A N   1 
ATOM   831  C CA  . ASN A 1 135 ? 3.067   -11.799 -0.364  1.00 11.37 ? 107 ASN A CA  1 
ATOM   832  C C   . ASN A 1 135 ? 1.541   -11.747 -0.255  1.00 11.14 ? 107 ASN A C   1 
ATOM   833  O O   . ASN A 1 135 ? 0.829   -12.165 -1.145  1.00 11.99 ? 107 ASN A O   1 
ATOM   834  C CB  . ASN A 1 135 ? 3.635   -13.071 0.272   1.00 11.85 ? 107 ASN A CB  1 
ATOM   835  C CG  . ASN A 1 135 ? 4.908   -13.546 -0.430  1.00 15.07 ? 107 ASN A CG  1 
ATOM   836  O OD1 . ASN A 1 135 ? 4.878   -14.013 -1.577  1.00 19.44 ? 107 ASN A OD1 1 
ATOM   837  N ND2 . ASN A 1 135 ? 6.032   -13.433 0.260   1.00 18.71 ? 107 ASN A ND2 1 
ATOM   838  N N   . THR A 1 136 ? 1.050   -11.186 0.843   1.00 10.91 ? 108 THR A N   1 
ATOM   839  C CA  . THR A 1 136 ? -0.371  -10.954 1.033   1.00 10.65 ? 108 THR A CA  1 
ATOM   840  C C   . THR A 1 136 ? -0.942  -10.130 -0.114  1.00 10.19 ? 108 THR A C   1 
ATOM   841  O O   . THR A 1 136 ? -2.002  -10.450 -0.664  1.00 9.99  ? 108 THR A O   1 
ATOM   842  C CB  . THR A 1 136 ? -0.605  -10.329 2.440   1.00 10.65 ? 108 THR A CB  1 
ATOM   843  O OG1 . THR A 1 136 ? -0.320  -11.342 3.410   1.00 9.28  ? 108 THR A OG1 1 
ATOM   844  C CG2 . THR A 1 136 ? -2.032  -9.819  2.629   1.00 10.77 ? 108 THR A CG2 1 
ATOM   845  N N   . ILE A 1 137 ? -0.231  -9.066  -0.476  1.00 9.33  ? 109 ILE A N   1 
ATOM   846  C CA  . ILE A 1 137 ? -0.639  -8.195  -1.584  1.00 9.86  ? 109 ILE A CA  1 
ATOM   847  C C   . ILE A 1 137 ? -0.508  -8.948  -2.920  1.00 9.83  ? 109 ILE A C   1 
ATOM   848  O O   . ILE A 1 137 ? -1.395  -8.900  -3.745  1.00 10.04 ? 109 ILE A O   1 
ATOM   849  C CB  . ILE A 1 137 ? 0.224   -6.906  -1.614  1.00 9.06  ? 109 ILE A CB  1 
ATOM   850  C CG1 . ILE A 1 137 ? -0.066  -6.043  -0.369  1.00 8.71  ? 109 ILE A CG1 1 
ATOM   851  C CG2 . ILE A 1 137 ? -0.020  -6.128  -2.900  1.00 8.60  ? 109 ILE A CG2 1 
ATOM   852  C CD1 . ILE A 1 137 ? 0.943   -4.933  -0.163  1.00 9.57  ? 109 ILE A CD1 1 
ATOM   853  N N   . ASN A 1 138 ? 0.600   -9.649  -3.095  1.00 11.56 ? 110 ASN A N   1 
ATOM   854  C CA  . ASN A 1 138 ? 0.884   -10.333 -4.379  1.00 11.61 ? 110 ASN A CA  1 
ATOM   855  C C   . ASN A 1 138 ? -0.071  -11.495 -4.621  1.00 12.61 ? 110 ASN A C   1 
ATOM   856  O O   . ASN A 1 138 ? -0.357  -11.860 -5.781  1.00 13.33 ? 110 ASN A O   1 
ATOM   857  C CB  . ASN A 1 138 ? 2.333   -10.818 -4.394  1.00 12.31 ? 110 ASN A CB  1 
ATOM   858  C CG  . ASN A 1 138 ? 2.862   -11.016 -5.797  1.00 12.14 ? 110 ASN A CG  1 
ATOM   859  O OD1 . ASN A 1 138 ? 2.600   -10.197 -6.691  1.00 12.36 ? 110 ASN A OD1 1 
ATOM   860  N ND2 . ASN A 1 138 ? 3.586   -12.112 -6.006  1.00 13.75 ? 110 ASN A ND2 1 
ATOM   861  N N   . ASN A 1 139 ? -0.546  -12.098 -3.535  1.00 13.26 ? 111 ASN A N   1 
ATOM   862  C CA  . ASN A 1 139 ? -1.435  -13.269 -3.620  1.00 13.06 ? 111 ASN A CA  1 
ATOM   863  C C   . ASN A 1 139 ? -2.924  -12.926 -3.690  1.00 13.61 ? 111 ASN A C   1 
ATOM   864  O O   . ASN A 1 139 ? -3.743  -13.796 -3.972  1.00 13.29 ? 111 ASN A O   1 
ATOM   865  C CB  . ASN A 1 139 ? -1.161  -14.221 -2.444  1.00 14.58 ? 111 ASN A CB  1 
ATOM   866  C CG  . ASN A 1 139 ? 0.213   -14.899 -2.538  1.00 14.83 ? 111 ASN A CG  1 
ATOM   867  O OD1 . ASN A 1 139 ? 0.825   -14.955 -3.612  1.00 19.91 ? 111 ASN A OD1 1 
ATOM   868  N ND2 . ASN A 1 139 ? 0.708   -15.394 -1.405  1.00 19.61 ? 111 ASN A ND2 1 
ATOM   869  N N   . GLU A 1 140 ? -3.286  -11.679 -3.394  1.00 12.66 ? 112 GLU A N   1 
ATOM   870  C CA  . GLU A 1 140 ? -4.660  -11.226 -3.456  1.00 12.73 ? 112 GLU A CA  1 
ATOM   871  C C   . GLU A 1 140 ? -5.029  -10.980 -4.924  1.00 13.78 ? 112 GLU A C   1 
ATOM   872  O O   . GLU A 1 140 ? -4.360  -10.190 -5.601  1.00 13.22 ? 112 GLU A O   1 
ATOM   873  C CB  . GLU A 1 140 ? -4.829  -9.939  -2.639  1.00 12.71 ? 112 GLU A CB  1 
ATOM   874  C CG  . GLU A 1 140 ? -6.260  -9.409  -2.540  1.00 12.78 ? 112 GLU A CG  1 
ATOM   875  C CD  . GLU A 1 140 ? -7.211  -10.354 -1.834  1.00 15.15 ? 112 GLU A CD  1 
ATOM   876  O OE1 . GLU A 1 140 ? -6.795  -11.061 -0.895  1.00 16.72 ? 112 GLU A OE1 1 
ATOM   877  O OE2 . GLU A 1 140 ? -8.396  -10.359 -2.208  1.00 18.47 ? 112 GLU A OE2 1 
ATOM   878  N N   . GLN A 1 141 ? -6.074  -11.657 -5.410  1.00 13.50 ? 113 GLN A N   1 
ATOM   879  C CA  . GLN A 1 141 ? -6.447  -11.566 -6.826  1.00 13.67 ? 113 GLN A CA  1 
ATOM   880  C C   . GLN A 1 141 ? -6.672  -10.134 -7.284  1.00 13.19 ? 113 GLN A C   1 
ATOM   881  O O   . GLN A 1 141 ? -7.414  -9.370  -6.654  1.00 13.36 ? 113 GLN A O   1 
ATOM   882  C CB  . GLN A 1 141 ? -7.685  -12.438 -7.137  1.00 16.05 ? 113 GLN A CB  1 
ATOM   883  C CG  . GLN A 1 141 ? -7.314  -13.940 -7.221  1.00 19.56 ? 113 GLN A CG  1 
ATOM   884  C CD  . GLN A 1 141 ? -6.653  -14.328 -8.554  1.00 25.14 ? 113 GLN A CD  1 
ATOM   885  O OE1 . GLN A 1 141 ? -6.795  -13.623 -9.572  1.00 30.61 ? 113 GLN A OE1 1 
ATOM   886  N NE2 . GLN A 1 141 ? -5.941  -15.461 -8.559  1.00 25.87 ? 113 GLN A NE2 1 
ATOM   887  N N   . GLY A 1 142 ? -6.046  -9.808  -8.400  1.00 13.02 ? 114 GLY A N   1 
ATOM   888  C CA  . GLY A 1 142 ? -6.204  -8.507  -9.062  1.00 12.23 ? 114 GLY A CA  1 
ATOM   889  C C   . GLY A 1 142 ? -4.914  -7.718  -9.124  1.00 11.08 ? 114 GLY A C   1 
ATOM   890  O O   . GLY A 1 142 ? -3.893  -8.083  -8.516  1.00 10.66 ? 114 GLY A O   1 
ATOM   891  N N   . THR A 1 143 ? -4.973  -6.607  -9.859  1.00 9.84  ? 115 THR A N   1 
ATOM   892  C CA  . THR A 1 143 ? -3.880  -5.657  -9.958  1.00 9.57  ? 115 THR A CA  1 
ATOM   893  C C   . THR A 1 143 ? -3.926  -4.723  -8.752  1.00 8.68  ? 115 THR A C   1 
ATOM   894  O O   . THR A 1 143 ? -4.858  -3.911  -8.643  1.00 8.82  ? 115 THR A O   1 
ATOM   895  C CB  . THR A 1 143 ? -3.972  -4.812  -11.254 1.00 10.24 ? 115 THR A CB  1 
ATOM   896  O OG1 . THR A 1 143 ? -3.955  -5.694  -12.380 1.00 9.52  ? 115 THR A OG1 1 
ATOM   897  C CG2 . THR A 1 143 ? -2.820  -3.818  -11.362 1.00 10.35 ? 115 THR A CG2 1 
ATOM   898  N N   . PRO A 1 144 ? -2.910  -4.822  -7.869  1.00 8.93  ? 116 PRO A N   1 
ATOM   899  C CA  . PRO A 1 144 ? -2.841  -3.886  -6.737  1.00 8.78  ? 116 PRO A CA  1 
ATOM   900  C C   . PRO A 1 144 ? -2.310  -2.522  -7.169  1.00 7.85  ? 116 PRO A C   1 
ATOM   901  O O   . PRO A 1 144 ? -1.483  -2.431  -8.116  1.00 8.08  ? 116 PRO A O   1 
ATOM   902  C CB  . PRO A 1 144 ? -1.865  -4.557  -5.756  1.00 9.17  ? 116 PRO A CB  1 
ATOM   903  C CG  . PRO A 1 144 ? -1.364  -5.841  -6.436  1.00 11.02 ? 116 PRO A CG  1 
ATOM   904  C CD  . PRO A 1 144 ? -1.779  -5.772  -7.873  1.00 8.31  ? 116 PRO A CD  1 
ATOM   905  N N   . LEU A 1 145 ? -2.797  -1.477  -6.500  1.00 8.15  ? 117 LEU A N   1 
ATOM   906  C CA  . LEU A 1 145 ? -2.127  -0.167  -6.461  1.00 7.81  ? 117 LEU A CA  1 
ATOM   907  C C   . LEU A 1 145 ? -1.720  0.012   -4.994  1.00 8.05  ? 117 LEU A C   1 
ATOM   908  O O   . LEU A 1 145 ? -2.589  0.067   -4.134  1.00 7.48  ? 117 LEU A O   1 
ATOM   909  C CB  . LEU A 1 145 ? -3.050  0.952   -6.899  1.00 8.88  ? 117 LEU A CB  1 
ATOM   910  C CG  . LEU A 1 145 ? -2.485  2.354   -6.708  1.00 8.24  ? 117 LEU A CG  1 
ATOM   911  C CD1 . LEU A 1 145 ? -1.212  2.507   -7.515  1.00 8.97  ? 117 LEU A CD1 1 
ATOM   912  C CD2 . LEU A 1 145 ? -3.535  3.421   -7.034  1.00 9.65  ? 117 LEU A CD2 1 
ATOM   913  N N   . THR A 1 146 ? -0.422  0.032   -4.716  1.00 7.56  ? 118 THR A N   1 
ATOM   914  C CA  . THR A 1 146 ? 0.062   -0.063  -3.337  1.00 7.65  ? 118 THR A CA  1 
ATOM   915  C C   . THR A 1 146 ? 1.079   1.010   -3.003  1.00 6.76  ? 118 THR A C   1 
ATOM   916  O O   . THR A 1 146 ? 1.930   1.364   -3.840  1.00 7.51  ? 118 THR A O   1 
ATOM   917  C CB  . THR A 1 146 ? 0.686   -1.463  -3.050  1.00 7.50  ? 118 THR A CB  1 
ATOM   918  O OG1 . THR A 1 146 ? 1.064   -1.586  -1.679  1.00 7.05  ? 118 THR A OG1 1 
ATOM   919  C CG2 . THR A 1 146 ? 1.895   -1.739  -3.943  1.00 6.76  ? 118 THR A CG2 1 
ATOM   920  N N   . PRO A 1 147 ? 1.058   1.491   -1.747  1.00 6.75  ? 119 PRO A N   1 
ATOM   921  C CA  . PRO A 1 147 ? 2.199   2.292   -1.280  1.00 8.01  ? 119 PRO A CA  1 
ATOM   922  C C   . PRO A 1 147 ? 3.387   1.384   -0.977  1.00 8.60  ? 119 PRO A C   1 
ATOM   923  O O   . PRO A 1 147 ? 3.250   0.165   -0.971  1.00 8.83  ? 119 PRO A O   1 
ATOM   924  C CB  . PRO A 1 147 ? 1.661   2.899   0.026   1.00 8.02  ? 119 PRO A CB  1 
ATOM   925  C CG  . PRO A 1 147 ? 0.777   1.877   0.552   1.00 6.79  ? 119 PRO A CG  1 
ATOM   926  C CD  . PRO A 1 147 ? 0.079   1.281   -0.664  1.00 7.52  ? 119 PRO A CD  1 
ATOM   927  N N   . ILE A 1 148 ? 4.548   1.973   -0.701  1.00 9.24  ? 120 ILE A N   1 
ATOM   928  C CA  . ILE A 1 148 ? 5.662   1.234   -0.165  1.00 9.60  ? 120 ILE A CA  1 
ATOM   929  C C   . ILE A 1 148 ? 5.395   1.130   1.350   1.00 10.35 ? 120 ILE A C   1 
ATOM   930  O O   . ILE A 1 148 ? 5.231   2.146   2.038   1.00 9.65  ? 120 ILE A O   1 
ATOM   931  C CB  . ILE A 1 148 ? 7.003   1.938   -0.456  1.00 9.63  ? 120 ILE A CB  1 
ATOM   932  C CG1 . ILE A 1 148 ? 7.267   2.015   -1.964  1.00 10.14 ? 120 ILE A CG1 1 
ATOM   933  C CG2 . ILE A 1 148 ? 8.157   1.215   0.290   1.00 10.00 ? 120 ILE A CG2 1 
ATOM   934  C CD1 . ILE A 1 148 ? 8.347   3.029   -2.370  1.00 10.78 ? 120 ILE A CD1 1 
ATOM   935  N N   . LEU A 1 149 ? 5.275   -0.096  1.845   1.00 10.70 ? 121 LEU A N   1 
ATOM   936  C CA  . LEU A 1 149 ? 4.860   -0.326  3.229   1.00 11.58 ? 121 LEU A CA  1 
ATOM   937  C C   . LEU A 1 149 ? 5.918   0.081   4.267   1.00 12.83 ? 121 LEU A C   1 
ATOM   938  O O   . LEU A 1 149 ? 7.122   0.047   3.994   1.00 11.41 ? 121 LEU A O   1 
ATOM   939  C CB  . LEU A 1 149 ? 4.496   -1.798  3.434   1.00 11.41 ? 121 LEU A CB  1 
ATOM   940  C CG  . LEU A 1 149 ? 3.308   -2.357  2.638   1.00 12.25 ? 121 LEU A CG  1 
ATOM   941  C CD1 . LEU A 1 149 ? 3.156   -3.896  2.840   1.00 13.12 ? 121 LEU A CD1 1 
ATOM   942  C CD2 . LEU A 1 149 ? 2.022   -1.668  3.011   1.00 12.09 ? 121 LEU A CD2 1 
ATOM   943  N N   . SER A 1 150 ? 5.425   0.452   5.457   1.00 14.01 ? 122 SER A N   1 
ATOM   944  C CA  . SER A 1 150 ? 6.216   0.550   6.701   1.00 15.68 ? 122 SER A CA  1 
ATOM   945  C C   . SER A 1 150 ? 7.178   1.740   6.726   1.00 17.08 ? 122 SER A C   1 
ATOM   946  O O   . SER A 1 150 ? 8.038   1.818   7.604   1.00 18.23 ? 122 SER A O   1 
ATOM   947  C CB  . SER A 1 150 ? 6.955   -0.761  6.993   1.00 14.75 ? 122 SER A CB  1 
ATOM   948  O OG  . SER A 1 150 ? 6.013   -1.791  7.302   1.00 15.20 ? 122 SER A OG  1 
ATOM   949  N N   . CYS A 1 151 ? 6.994   2.643   5.770   1.00 19.00 ? 123 CYS A N   1 
ATOM   950  C CA  . CYS A 1 151 ? 7.611   3.971   5.783   1.00 21.33 ? 123 CYS A CA  1 
ATOM   951  C C   . CYS A 1 151 ? 6.962   4.841   6.851   1.00 21.70 ? 123 CYS A C   1 
ATOM   952  O O   . CYS A 1 151 ? 6.010   4.432   7.521   1.00 23.57 ? 123 CYS A O   1 
ATOM   953  C CB  . CYS A 1 151 ? 7.416   4.653   4.425   1.00 22.17 ? 123 CYS A CB  1 
ATOM   954  S SG  . CYS A 1 151 ? 8.234   3.820   3.059   1.00 29.38 ? 123 CYS A SG  1 
ATOM   955  N N   . GLY A 1 152 ? 7.490   6.039   7.027   1.00 22.16 ? 124 GLY A N   1 
ATOM   956  C CA  . GLY A 1 152 ? 6.860   6.995   7.913   1.00 22.30 ? 124 GLY A CA  1 
ATOM   957  C C   . GLY A 1 152 ? 6.975   6.561   9.357   1.00 22.38 ? 124 GLY A C   1 
ATOM   958  O O   . GLY A 1 152 ? 8.060   6.150   9.799   1.00 22.06 ? 124 GLY A O   1 
ATOM   959  N N   . ILE A 1 153 ? 5.861   6.629   10.086  1.00 22.71 ? 125 ILE A N   1 
ATOM   960  C CA  . ILE A 1 153 ? 5.861   6.282   11.523  1.00 23.12 ? 125 ILE A CA  1 
ATOM   961  C C   . ILE A 1 153 ? 6.370   4.873   11.831  1.00 22.15 ? 125 ILE A C   1 
ATOM   962  O O   . ILE A 1 153 ? 6.972   4.659   12.879  1.00 22.51 ? 125 ILE A O   1 
ATOM   963  C CB  . ILE A 1 153 ? 4.465   6.437   12.235  1.00 23.53 ? 125 ILE A CB  1 
ATOM   964  C CG1 . ILE A 1 153 ? 3.307   5.890   11.392  1.00 23.47 ? 125 ILE A CG1 1 
ATOM   965  C CG2 . ILE A 1 153 ? 4.222   7.848   12.605  1.00 26.05 ? 125 ILE A CG2 1 
ATOM   966  C CD1 . ILE A 1 153 ? 2.196   5.273   12.247  1.00 25.59 ? 125 ILE A CD1 1 
ATOM   967  N N   . PHE A 1 154 ? 6.156   3.916   10.929  1.00 21.14 ? 126 PHE A N   1 
ATOM   968  C CA  . PHE A 1 154 ? 6.572   2.539   11.211  1.00 20.89 ? 126 PHE A CA  1 
ATOM   969  C C   . PHE A 1 154 ? 8.101   2.388   11.192  1.00 20.16 ? 126 PHE A C   1 
ATOM   970  O O   . PHE A 1 154 ? 8.646   1.417   11.740  1.00 19.73 ? 126 PHE A O   1 
ATOM   971  C CB  . PHE A 1 154 ? 5.881   1.556   10.264  1.00 21.21 ? 126 PHE A CB  1 
ATOM   972  C CG  . PHE A 1 154 ? 4.434   1.241   10.642  1.00 21.62 ? 126 PHE A CG  1 
ATOM   973  C CD1 . PHE A 1 154 ? 3.761   1.964   11.646  1.00 22.25 ? 126 PHE A CD1 1 
ATOM   974  C CD2 . PHE A 1 154 ? 3.753   0.223   9.987   1.00 19.94 ? 126 PHE A CD2 1 
ATOM   975  C CE1 . PHE A 1 154 ? 2.428   1.673   11.985  1.00 22.72 ? 126 PHE A CE1 1 
ATOM   976  C CE2 . PHE A 1 154 ? 2.411   -0.063  10.296  1.00 21.04 ? 126 PHE A CE2 1 
ATOM   977  C CZ  . PHE A 1 154 ? 1.750   0.654   11.313  1.00 22.76 ? 126 PHE A CZ  1 
ATOM   978  N N   . GLY A 1 155 ? 8.765   3.356   10.567  1.00 19.18 ? 127 GLY A N   1 
ATOM   979  C CA  . GLY A 1 155 ? 10.207  3.555   10.700  1.00 19.22 ? 127 GLY A CA  1 
ATOM   980  C C   . GLY A 1 155 ? 11.134  2.791   9.775   1.00 18.94 ? 127 GLY A C   1 
ATOM   981  O O   . GLY A 1 155 ? 12.349  2.889   9.938   1.00 19.09 ? 127 GLY A O   1 
ATOM   982  N N   . ILE A 1 156 ? 10.602  2.028   8.817   1.00 17.83 ? 128 ILE A N   1 
ATOM   983  C CA  . ILE A 1 156 ? 11.469  1.266   7.907   1.00 16.93 ? 128 ILE A CA  1 
ATOM   984  C C   . ILE A 1 156 ? 11.863  2.118   6.703   1.00 16.34 ? 128 ILE A C   1 
ATOM   985  O O   . ILE A 1 156 ? 11.046  2.845   6.159   1.00 14.21 ? 128 ILE A O   1 
ATOM   986  C CB  . ILE A 1 156 ? 10.832  -0.068  7.448   1.00 17.49 ? 128 ILE A CB  1 
ATOM   987  C CG1 . ILE A 1 156 ? 10.611  -0.985  8.665   1.00 16.37 ? 128 ILE A CG1 1 
ATOM   988  C CG2 . ILE A 1 156 ? 11.724  -0.768  6.409   1.00 17.68 ? 128 ILE A CG2 1 
ATOM   989  C CD1 . ILE A 1 156 ? 9.832   -2.286  8.357   1.00 16.21 ? 128 ILE A CD1 1 
ATOM   990  N N   . LYS A 1 157 ? 13.144  2.038   6.330   1.00 15.83 ? 129 LYS A N   1 
ATOM   991  C CA  . LYS A 1 157 ? 13.689  2.802   5.223   1.00 16.05 ? 129 LYS A CA  1 
ATOM   992  C C   . LYS A 1 157 ? 12.943  2.475   3.921   1.00 14.46 ? 129 LYS A C   1 
ATOM   993  O O   . LYS A 1 157 ? 12.698  1.294   3.618   1.00 14.11 ? 129 LYS A O   1 
ATOM   994  C CB  . LYS A 1 157 ? 15.191  2.491   5.086   1.00 16.40 ? 129 LYS A CB  1 
ATOM   995  C CG  . LYS A 1 157 ? 15.903  3.207   3.956   1.00 17.62 ? 129 LYS A CG  1 
ATOM   996  C CD  . LYS A 1 157 ? 17.435  2.989   4.022   1.00 19.09 ? 129 LYS A CD  1 
ATOM   997  C CE  . LYS A 1 157 ? 18.195  3.725   2.934   1.00 20.51 ? 129 LYS A CE  1 
ATOM   998  N NZ  . LYS A 1 157 ? 19.674  3.568   3.162   1.00 21.55 ? 129 LYS A NZ  1 
ATOM   999  N N   . LEU A 1 158 ? 12.612  3.510   3.156   1.00 14.04 ? 130 LEU A N   1 
ATOM   1000 C CA  . LEU A 1 158 ? 11.916  3.343   1.890   1.00 13.95 ? 130 LEU A CA  1 
ATOM   1001 C C   . LEU A 1 158 ? 12.591  2.290   0.995   1.00 13.31 ? 130 LEU A C   1 
ATOM   1002 O O   . LEU A 1 158 ? 11.939  1.367   0.508   1.00 12.15 ? 130 LEU A O   1 
ATOM   1003 C CB  . LEU A 1 158 ? 11.794  4.687   1.167   1.00 13.79 ? 130 LEU A CB  1 
ATOM   1004 C CG  . LEU A 1 158 ? 11.040  4.759   -0.159  1.00 14.09 ? 130 LEU A CG  1 
ATOM   1005 C CD1 . LEU A 1 158 ? 10.596  6.198   -0.417  1.00 13.80 ? 130 LEU A CD1 1 
ATOM   1006 C CD2 . LEU A 1 158 ? 11.865  4.222   -1.326  1.00 13.72 ? 130 LEU A CD2 1 
ATOM   1007 N N   . GLU A 1 159 ? 13.901  2.423   0.807   1.00 13.08 ? 131 GLU A N   1 
ATOM   1008 C CA  . GLU A 1 159 ? 14.637  1.581   -0.116  1.00 13.18 ? 131 GLU A CA  1 
ATOM   1009 C C   . GLU A 1 159 ? 14.641  0.127   0.377   1.00 12.75 ? 131 GLU A C   1 
ATOM   1010 O O   . GLU A 1 159 ? 14.676  -0.804  -0.432  1.00 12.95 ? 131 GLU A O   1 
ATOM   1011 C CB  . GLU A 1 159 ? 16.083  2.096   -0.280  1.00 13.20 ? 131 GLU A CB  1 
ATOM   1012 C CG  . GLU A 1 159 ? 16.215  3.453   -1.015  1.00 13.92 ? 131 GLU A CG  1 
ATOM   1013 C CD  . GLU A 1 159 ? 16.067  4.687   -0.113  1.00 14.39 ? 131 GLU A CD  1 
ATOM   1014 O OE1 . GLU A 1 159 ? 15.713  4.560   1.073   1.00 13.81 ? 131 GLU A OE1 1 
ATOM   1015 O OE2 . GLU A 1 159 ? 16.317  5.791   -0.622  1.00 17.65 ? 131 GLU A OE2 1 
ATOM   1016 N N   . THR A 1 160 ? 14.624  -0.059  1.698   1.00 12.60 ? 132 THR A N   1 
ATOM   1017 C CA  . THR A 1 160 ? 14.599  -1.398  2.303   1.00 13.04 ? 132 THR A CA  1 
ATOM   1018 C C   . THR A 1 160 ? 13.283  -2.102  1.973   1.00 12.60 ? 132 THR A C   1 
ATOM   1019 O O   . THR A 1 160 ? 13.266  -3.255  1.505   1.00 12.37 ? 132 THR A O   1 
ATOM   1020 C CB  . THR A 1 160 ? 14.819  -1.315  3.811   1.00 13.86 ? 132 THR A CB  1 
ATOM   1021 O OG1 . THR A 1 160 ? 16.130  -0.774  4.045   1.00 12.86 ? 132 THR A OG1 1 
ATOM   1022 C CG2 . THR A 1 160 ? 14.692  -2.709  4.467   1.00 14.25 ? 132 THR A CG2 1 
ATOM   1023 N N   . SER A 1 161 ? 12.187  -1.380  2.191   1.00 11.75 ? 133 SER A N   1 
ATOM   1024 C CA  . SER A 1 161 ? 10.845  -1.885  1.886   1.00 11.63 ? 133 SER A CA  1 
ATOM   1025 C C   . SER A 1 161 ? 10.642  -2.112  0.388   1.00 11.12 ? 133 SER A C   1 
ATOM   1026 O O   . SER A 1 161 ? 10.075  -3.141  -0.018  1.00 10.49 ? 133 SER A O   1 
ATOM   1027 C CB  . SER A 1 161 ? 9.799   -0.911  2.380   1.00 11.12 ? 133 SER A CB  1 
ATOM   1028 O OG  . SER A 1 161 ? 8.495   -1.479  2.320   1.00 9.13  ? 133 SER A OG  1 
ATOM   1029 N N   . LEU A 1 162 ? 11.119  -1.161  -0.412  1.00 11.46 ? 134 LEU A N   1 
ATOM   1030 C CA  . LEU A 1 162 ? 10.998  -1.252  -1.872  1.00 11.95 ? 134 LEU A CA  1 
ATOM   1031 C C   . LEU A 1 162 ? 11.760  -2.456  -2.418  1.00 12.28 ? 134 LEU A C   1 
ATOM   1032 O O   . LEU A 1 162 ? 11.318  -3.089  -3.366  1.00 11.47 ? 134 LEU A O   1 
ATOM   1033 C CB  . LEU A 1 162 ? 11.493  0.016   -2.538  1.00 11.98 ? 134 LEU A CB  1 
ATOM   1034 C CG  . LEU A 1 162 ? 11.486  0.094   -4.068  1.00 11.31 ? 134 LEU A CG  1 
ATOM   1035 C CD1 . LEU A 1 162 ? 10.103  -0.185  -4.644  1.00 10.23 ? 134 LEU A CD1 1 
ATOM   1036 C CD2 . LEU A 1 162 ? 11.974  1.469   -4.498  1.00 12.44 ? 134 LEU A CD2 1 
ATOM   1037 N N   . GLU A 1 163 ? 12.912  -2.768  -1.836  1.00 12.32 ? 135 GLU A N   1 
ATOM   1038 C CA  . GLU A 1 163 ? 13.632  -3.947  -2.294  1.00 12.85 ? 135 GLU A CA  1 
ATOM   1039 C C   . GLU A 1 163 ? 12.795  -5.219  -2.125  1.00 12.27 ? 135 GLU A C   1 
ATOM   1040 O O   . GLU A 1 163 ? 12.797  -6.095  -2.993  1.00 11.39 ? 135 GLU A O   1 
ATOM   1041 C CB  . GLU A 1 163 ? 14.949  -4.110  -1.550  1.00 12.83 ? 135 GLU A CB  1 
ATOM   1042 C CG  . GLU A 1 163 ? 15.771  -5.210  -2.157  1.00 14.36 ? 135 GLU A CG  1 
ATOM   1043 C CD  . GLU A 1 163 ? 17.070  -5.407  -1.467  1.00 18.53 ? 135 GLU A CD  1 
ATOM   1044 O OE1 . GLU A 1 163 ? 17.711  -4.410  -1.075  1.00 26.59 ? 135 GLU A OE1 1 
ATOM   1045 O OE2 . GLU A 1 163 ? 17.459  -6.578  -1.344  1.00 27.39 ? 135 GLU A OE2 1 
ATOM   1046 N N   . VAL A 1 164 ? 12.114  -5.339  -0.993  1.00 10.08 ? 136 VAL A N   1 
ATOM   1047 C CA  . VAL A 1 164 ? 11.312  -6.509  -0.740  1.00 10.99 ? 136 VAL A CA  1 
ATOM   1048 C C   . VAL A 1 164 ? 10.120  -6.528  -1.677  1.00 10.80 ? 136 VAL A C   1 
ATOM   1049 O O   . VAL A 1 164 ? 9.749   -7.581  -2.199  1.00 10.75 ? 136 VAL A O   1 
ATOM   1050 C CB  . VAL A 1 164 ? 10.814  -6.568  0.699   1.00 11.23 ? 136 VAL A CB  1 
ATOM   1051 C CG1 . VAL A 1 164 ? 9.983   -7.825  0.917   1.00 10.33 ? 136 VAL A CG1 1 
ATOM   1052 C CG2 . VAL A 1 164 ? 12.003  -6.554  1.698   1.00 10.36 ? 136 VAL A CG2 1 
ATOM   1053 N N   . LEU A 1 165 ? 9.545   -5.350  -1.909  1.00 10.78 ? 137 LEU A N   1 
ATOM   1054 C CA  . LEU A 1 165 ? 8.428   -5.219  -2.825  1.00 10.64 ? 137 LEU A CA  1 
ATOM   1055 C C   . LEU A 1 165 ? 8.796   -5.806  -4.210  1.00 10.89 ? 137 LEU A C   1 
ATOM   1056 O O   . LEU A 1 165 ? 8.058   -6.648  -4.737  1.00 9.32  ? 137 LEU A O   1 
ATOM   1057 C CB  . LEU A 1 165 ? 7.983   -3.767  -2.910  1.00 10.93 ? 137 LEU A CB  1 
ATOM   1058 C CG  . LEU A 1 165 ? 6.645   -3.416  -3.597  1.00 10.48 ? 137 LEU A CG  1 
ATOM   1059 C CD1 . LEU A 1 165 ? 6.194   -2.001  -3.209  1.00 11.19 ? 137 LEU A CD1 1 
ATOM   1060 C CD2 . LEU A 1 165 ? 6.777   -3.563  -5.102  1.00 10.43 ? 137 LEU A CD2 1 
ATOM   1061 N N   . LEU A 1 166 ? 9.922   -5.373  -4.763  1.00 11.06 ? 138 LEU A N   1 
ATOM   1062 C CA  . LEU A 1 166 ? 10.348  -5.771  -6.114  1.00 12.13 ? 138 LEU A CA  1 
ATOM   1063 C C   . LEU A 1 166 ? 10.762  -7.240  -6.165  1.00 12.34 ? 138 LEU A C   1 
ATOM   1064 O O   . LEU A 1 166 ? 10.556  -7.928  -7.182  1.00 13.40 ? 138 LEU A O   1 
ATOM   1065 C CB  . LEU A 1 166 ? 11.506  -4.883  -6.563  1.00 12.57 ? 138 LEU A CB  1 
ATOM   1066 C CG  . LEU A 1 166 ? 11.165  -3.396  -6.761  1.00 13.34 ? 138 LEU A CG  1 
ATOM   1067 C CD1 . LEU A 1 166 ? 12.397  -2.550  -7.044  1.00 16.06 ? 138 LEU A CD1 1 
ATOM   1068 C CD2 . LEU A 1 166 ? 10.080  -3.217  -7.841  1.00 16.34 ? 138 LEU A CD2 1 
ATOM   1069 N N   . ASP A 1 167 ? 11.341  -7.723  -5.073  1.00 12.36 ? 139 ASP A N   1 
ATOM   1070 C CA  . ASP A 1 167 ? 11.697  -9.148  -4.965  1.00 12.69 ? 139 ASP A CA  1 
ATOM   1071 C C   . ASP A 1 167 ? 10.471  -10.069 -4.937  1.00 12.16 ? 139 ASP A C   1 
ATOM   1072 O O   . ASP A 1 167 ? 10.460  -11.112 -5.605  1.00 11.90 ? 139 ASP A O   1 
ATOM   1073 C CB  . ASP A 1 167 ? 12.522  -9.407  -3.715  1.00 13.85 ? 139 ASP A CB  1 
ATOM   1074 C CG  . ASP A 1 167 ? 13.945  -8.881  -3.804  1.00 17.72 ? 139 ASP A CG  1 
ATOM   1075 O OD1 . ASP A 1 167 ? 14.437  -8.496  -4.883  1.00 23.34 ? 139 ASP A OD1 1 
ATOM   1076 O OD2 . ASP A 1 167 ? 14.578  -8.876  -2.733  1.00 24.78 ? 139 ASP A OD2 1 
ATOM   1077 N N   . VAL A 1 168 ? 9.453   -9.713  -4.149  1.00 10.68 ? 140 VAL A N   1 
ATOM   1078 C CA  . VAL A 1 168 ? 8.259   -10.545 -3.998  1.00 10.73 ? 140 VAL A CA  1 
ATOM   1079 C C   . VAL A 1 168 ? 7.380   -10.410 -5.242  1.00 10.66 ? 140 VAL A C   1 
ATOM   1080 O O   . VAL A 1 168 ? 6.987   -11.415 -5.819  1.00 11.16 ? 140 VAL A O   1 
ATOM   1081 C CB  . VAL A 1 168 ? 7.476   -10.240 -2.665  1.00 10.89 ? 140 VAL A CB  1 
ATOM   1082 C CG1 . VAL A 1 168 ? 6.124   -10.971 -2.594  1.00 10.07 ? 140 VAL A CG1 1 
ATOM   1083 C CG2 . VAL A 1 168 ? 8.341   -10.617 -1.426  1.00 10.74 ? 140 VAL A CG2 1 
ATOM   1084 N N   . CYS A 1 169 ? 7.094   -9.176  -5.650  1.00 9.85  ? 141 CYS A N   1 
ATOM   1085 C CA  . CYS A 1 169 ? 6.106   -8.892  -6.699  1.00 10.63 ? 141 CYS A CA  1 
ATOM   1086 C C   . CYS A 1 169 ? 6.810   -8.915  -8.037  1.00 9.69  ? 141 CYS A C   1 
ATOM   1087 O O   . CYS A 1 169 ? 7.093   -7.885  -8.628  1.00 10.07 ? 141 CYS A O   1 
ATOM   1088 C CB  . CYS A 1 169 ? 5.423   -7.551  -6.478  1.00 9.34  ? 141 CYS A CB  1 
ATOM   1089 S SG  . CYS A 1 169 ? 4.557   -7.452  -4.876  1.00 11.96 ? 141 CYS A SG  1 
ATOM   1090 N N   . ASN A 1 170 ? 7.123   -10.125 -8.478  1.00 11.21 ? 142 ASN A N   1 
ATOM   1091 C CA  . ASN A 1 170 ? 7.941   -10.320 -9.667  1.00 11.61 ? 142 ASN A CA  1 
ATOM   1092 C C   . ASN A 1 170 ? 7.241   -11.033 -10.826 1.00 11.77 ? 142 ASN A C   1 
ATOM   1093 O O   . ASN A 1 170 ? 7.925   -11.520 -11.765 1.00 11.78 ? 142 ASN A O   1 
ATOM   1094 C CB  . ASN A 1 170 ? 9.214   -11.062 -9.276  1.00 12.51 ? 142 ASN A CB  1 
ATOM   1095 C CG  . ASN A 1 170 ? 8.964   -12.495 -8.863  1.00 14.32 ? 142 ASN A CG  1 
ATOM   1096 O OD1 . ASN A 1 170 ? 7.837   -12.932 -8.628  1.00 13.78 ? 142 ASN A OD1 1 
ATOM   1097 N ND2 . ASN A 1 170 ? 10.050  -13.243 -8.738  1.00 20.44 ? 142 ASN A ND2 1 
ATOM   1098 N N   . THR A 1 171 ? 5.914   -11.131 -10.761 1.00 11.14 ? 143 THR A N   1 
ATOM   1099 C CA  . THR A 1 171 ? 5.139   -11.720 -11.868 1.00 10.76 ? 143 THR A CA  1 
ATOM   1100 C C   . THR A 1 171 ? 3.986   -10.828 -12.351 1.00 10.68 ? 143 THR A C   1 
ATOM   1101 O O   . THR A 1 171 ? 4.154   -10.120 -13.349 1.00 10.50 ? 143 THR A O   1 
ATOM   1102 C CB  . THR A 1 171 ? 4.629   -13.146 -11.501 1.00 10.91 ? 143 THR A CB  1 
ATOM   1103 O OG1 . THR A 1 171 ? 3.851   -13.122 -10.299 1.00 11.79 ? 143 THR A OG1 1 
ATOM   1104 C CG2 . THR A 1 171 ? 5.814   -14.104 -11.369 1.00 12.70 ? 143 THR A CG2 1 
ATOM   1105 N N   . LYS A 1 172 ? 2.834   -10.851 -11.671 1.00 9.42  ? 144 LYS A N   1 
ATOM   1106 C CA  . LYS A 1 172 ? 1.681   -10.046 -12.106 1.00 9.77  ? 144 LYS A CA  1 
ATOM   1107 C C   . LYS A 1 172 ? 2.049   -8.560  -12.026 1.00 9.13  ? 144 LYS A C   1 
ATOM   1108 O O   . LYS A 1 172 ? 2.894   -8.163  -11.206 1.00 8.65  ? 144 LYS A O   1 
ATOM   1109 C CB  . LYS A 1 172 ? 0.418   -10.307 -11.273 1.00 9.24  ? 144 LYS A CB  1 
ATOM   1110 C CG  . LYS A 1 172 ? 0.407   -9.727  -9.855  1.00 9.79  ? 144 LYS A CG  1 
ATOM   1111 C CD  . LYS A 1 172 ? -0.933  -9.957  -9.157  1.00 10.98 ? 144 LYS A CD  1 
ATOM   1112 C CE  . LYS A 1 172 ? -0.862  -9.505  -7.689  1.00 11.17 ? 144 LYS A CE  1 
ATOM   1113 N NZ  . LYS A 1 172 ? -2.129  -9.829  -6.948  1.00 11.87 ? 144 LYS A NZ  1 
ATOM   1114 N N   . GLU A 1 173 ? 1.384   -7.759  -12.851 1.00 9.09  ? 145 GLU A N   1 
ATOM   1115 C CA  . GLU A 1 173 ? 1.511   -6.304  -12.820 1.00 8.97  ? 145 GLU A CA  1 
ATOM   1116 C C   . GLU A 1 173 ? 1.148   -5.796  -11.411 1.00 7.95  ? 145 GLU A C   1 
ATOM   1117 O O   . GLU A 1 173 ? 0.112   -6.154  -10.855 1.00 8.18  ? 145 GLU A O   1 
ATOM   1118 C CB  . GLU A 1 173 ? 0.619   -5.651  -13.881 1.00 9.55  ? 145 GLU A CB  1 
ATOM   1119 C CG  . GLU A 1 173 ? 0.847   -4.140  -14.106 1.00 10.12 ? 145 GLU A CG  1 
ATOM   1120 C CD  . GLU A 1 173 ? 0.000   -3.574  -15.240 1.00 10.67 ? 145 GLU A CD  1 
ATOM   1121 O OE1 . GLU A 1 173 ? -1.028  -4.189  -15.605 1.00 12.68 ? 145 GLU A OE1 1 
ATOM   1122 O OE2 . GLU A 1 173 ? 0.363   -2.492  -15.755 1.00 12.66 ? 145 GLU A OE2 1 
ATOM   1123 N N   . VAL A 1 174 ? 2.016   -4.972  -10.855 1.00 7.88  ? 146 VAL A N   1 
ATOM   1124 C CA  . VAL A 1 174 ? 1.784   -4.313  -9.559  1.00 8.11  ? 146 VAL A CA  1 
ATOM   1125 C C   . VAL A 1 174 ? 2.086   -2.844  -9.750  1.00 7.91  ? 146 VAL A C   1 
ATOM   1126 O O   . VAL A 1 174 ? 3.140   -2.481  -10.305 1.00 9.22  ? 146 VAL A O   1 
ATOM   1127 C CB  . VAL A 1 174 ? 2.610   -4.918  -8.432  1.00 8.00  ? 146 VAL A CB  1 
ATOM   1128 C CG1 . VAL A 1 174 ? 2.544   -4.066  -7.118  1.00 9.03  ? 146 VAL A CG1 1 
ATOM   1129 C CG2 . VAL A 1 174 ? 2.154   -6.387  -8.180  1.00 7.99  ? 146 VAL A CG2 1 
ATOM   1130 N N   . LYS A 1 175 ? 1.167   -2.005  -9.283  1.00 6.92  ? 147 LYS A N   1 
ATOM   1131 C CA  . LYS A 1 175 ? 1.343   -0.553  -9.366  1.00 7.98  ? 147 LYS A CA  1 
ATOM   1132 C C   . LYS A 1 175 ? 1.650   -0.033  -7.976  1.00 7.93  ? 147 LYS A C   1 
ATOM   1133 O O   . LYS A 1 175 ? 1.066   -0.486  -6.991  1.00 8.03  ? 147 LYS A O   1 
ATOM   1134 C CB  . LYS A 1 175 ? 0.123   0.110   -10.010 1.00 6.92  ? 147 LYS A CB  1 
ATOM   1135 C CG  . LYS A 1 175 ? -0.085  -0.407  -11.470 1.00 7.69  ? 147 LYS A CG  1 
ATOM   1136 C CD  . LYS A 1 175 ? -1.267  0.192   -12.206 1.00 8.71  ? 147 LYS A CD  1 
ATOM   1137 C CE  . LYS A 1 175 ? -1.374  -0.381  -13.622 1.00 9.12  ? 147 LYS A CE  1 
ATOM   1138 N NZ  . LYS A 1 175 ? -2.489  0.276   -14.392 1.00 10.34 ? 147 LYS A NZ  1 
ATOM   1139 N N   . VAL A 1 176 ? 2.592   0.897   -7.924  1.00 7.54  ? 148 VAL A N   1 
ATOM   1140 C CA  . VAL A 1 176 ? 3.133   1.430   -6.673  1.00 7.72  ? 148 VAL A CA  1 
ATOM   1141 C C   . VAL A 1 176 ? 2.976   2.945   -6.745  1.00 8.57  ? 148 VAL A C   1 
ATOM   1142 O O   . VAL A 1 176 ? 3.254   3.558   -7.807  1.00 9.33  ? 148 VAL A O   1 
ATOM   1143 C CB  . VAL A 1 176 ? 4.595   1.023   -6.478  1.00 8.27  ? 148 VAL A CB  1 
ATOM   1144 C CG1 . VAL A 1 176 ? 5.175   1.620   -5.164  1.00 8.48  ? 148 VAL A CG1 1 
ATOM   1145 C CG2 . VAL A 1 176 ? 4.741   -0.525  -6.447  1.00 6.16  ? 148 VAL A CG2 1 
ATOM   1146 N N   . PHE A 1 177 ? 2.560   3.571   -5.642  1.00 8.30  ? 149 PHE A N   1 
ATOM   1147 C CA  . PHE A 1 177 ? 2.459   5.027   -5.613  1.00 8.22  ? 149 PHE A CA  1 
ATOM   1148 C C   . PHE A 1 177 ? 3.191   5.641   -4.418  1.00 8.75  ? 149 PHE A C   1 
ATOM   1149 O O   . PHE A 1 177 ? 3.262   5.046   -3.330  1.00 8.27  ? 149 PHE A O   1 
ATOM   1150 C CB  . PHE A 1 177 ? 1.005   5.533   -5.723  1.00 9.49  ? 149 PHE A CB  1 
ATOM   1151 C CG  . PHE A 1 177 ? 0.122   5.247   -4.508  1.00 7.90  ? 149 PHE A CG  1 
ATOM   1152 C CD1 . PHE A 1 177 ? -0.382  3.978   -4.279  1.00 10.90 ? 149 PHE A CD1 1 
ATOM   1153 C CD2 . PHE A 1 177 ? -0.231  6.269   -3.642  1.00 11.69 ? 149 PHE A CD2 1 
ATOM   1154 C CE1 . PHE A 1 177 ? -1.216  3.732   -3.191  1.00 11.63 ? 149 PHE A CE1 1 
ATOM   1155 C CE2 . PHE A 1 177 ? -1.035  6.042   -2.541  1.00 11.18 ? 149 PHE A CE2 1 
ATOM   1156 C CZ  . PHE A 1 177 ? -1.532  4.767   -2.311  1.00 11.75 ? 149 PHE A CZ  1 
ATOM   1157 N N   . VAL A 1 178 ? 3.742   6.834   -4.678  1.00 8.69  ? 150 VAL A N   1 
ATOM   1158 C CA  . VAL A 1 178 ? 4.326   7.653   -3.642  1.00 9.02  ? 150 VAL A CA  1 
ATOM   1159 C C   . VAL A 1 178 ? 3.740   9.051   -3.763  1.00 9.80  ? 150 VAL A C   1 
ATOM   1160 O O   . VAL A 1 178 ? 3.156   9.406   -4.778  1.00 9.79  ? 150 VAL A O   1 
ATOM   1161 C CB  . VAL A 1 178 ? 5.867   7.691   -3.733  1.00 8.94  ? 150 VAL A CB  1 
ATOM   1162 C CG1 . VAL A 1 178 ? 6.454   6.278   -3.570  1.00 7.60  ? 150 VAL A CG1 1 
ATOM   1163 C CG2 . VAL A 1 178 ? 6.335   8.330   -5.050  1.00 8.79  ? 150 VAL A CG2 1 
ATOM   1164 N N   . TYR A 1 179 ? 3.916   9.828   -2.706  1.00 10.45 ? 151 TYR A N   1 
ATOM   1165 C CA  . TYR A 1 179 ? 3.312   11.135  -2.616  1.00 10.56 ? 151 TYR A CA  1 
ATOM   1166 C C   . TYR A 1 179 ? 4.280   12.256  -3.013  1.00 10.77 ? 151 TYR A C   1 
ATOM   1167 O O   . TYR A 1 179 ? 3.926   13.087  -3.858  1.00 11.53 ? 151 TYR A O   1 
ATOM   1168 C CB  . TYR A 1 179 ? 2.806   11.372  -1.205  1.00 11.79 ? 151 TYR A CB  1 
ATOM   1169 C CG  . TYR A 1 179 ? 2.090   12.685  -1.031  1.00 11.72 ? 151 TYR A CG  1 
ATOM   1170 C CD1 . TYR A 1 179 ? 1.145   13.120  -1.971  1.00 13.62 ? 151 TYR A CD1 1 
ATOM   1171 C CD2 . TYR A 1 179 ? 2.328   13.486  0.080   1.00 15.12 ? 151 TYR A CD2 1 
ATOM   1172 C CE1 . TYR A 1 179 ? 0.490   14.342  -1.813  1.00 14.87 ? 151 TYR A CE1 1 
ATOM   1173 C CE2 . TYR A 1 179 ? 1.653   14.683  0.248   1.00 13.80 ? 151 TYR A CE2 1 
ATOM   1174 C CZ  . TYR A 1 179 ? 0.741   15.101  -0.693  1.00 14.57 ? 151 TYR A CZ  1 
ATOM   1175 O OH  . TYR A 1 179 ? 0.051   16.303  -0.531  1.00 15.48 ? 151 TYR A OH  1 
ATOM   1176 N N   . THR A 1 180 ? 5.469   12.281  -2.402  1.00 10.63 ? 152 THR A N   1 
ATOM   1177 C CA  . THR A 1 180 ? 6.320   13.468  -2.472  1.00 11.65 ? 152 THR A CA  1 
ATOM   1178 C C   . THR A 1 180 ? 7.416   13.367  -3.545  1.00 11.96 ? 152 THR A C   1 
ATOM   1179 O O   . THR A 1 180 ? 7.799   12.275  -3.980  1.00 12.06 ? 152 THR A O   1 
ATOM   1180 C CB  . THR A 1 180 ? 7.018   13.767  -1.129  1.00 10.61 ? 152 THR A CB  1 
ATOM   1181 O OG1 . THR A 1 180 ? 8.030   12.780  -0.841  1.00 12.50 ? 152 THR A OG1 1 
ATOM   1182 C CG2 . THR A 1 180 ? 6.014   13.872  0.055   1.00 11.95 ? 152 THR A CG2 1 
ATOM   1183 N N   . ASP A 1 181 ? 7.931   14.515  -3.967  1.00 12.67 ? 153 ASP A N   1 
ATOM   1184 C CA  . ASP A 1 181 ? 9.011   14.545  -4.970  1.00 13.43 ? 153 ASP A CA  1 
ATOM   1185 C C   . ASP A 1 181 ? 10.286  13.856  -4.472  1.00 13.69 ? 153 ASP A C   1 
ATOM   1186 O O   . ASP A 1 181 ? 11.027  13.278  -5.272  1.00 12.98 ? 153 ASP A O   1 
ATOM   1187 C CB  . ASP A 1 181 ? 9.386   15.980  -5.347  1.00 14.27 ? 153 ASP A CB  1 
ATOM   1188 C CG  . ASP A 1 181 ? 8.276   16.732  -6.049  1.00 16.00 ? 153 ASP A CG  1 
ATOM   1189 O OD1 . ASP A 1 181 ? 7.333   16.117  -6.578  1.00 16.61 ? 153 ASP A OD1 1 
ATOM   1190 O OD2 . ASP A 1 181 ? 8.345   17.982  -6.054  1.00 17.97 ? 153 ASP A OD2 1 
ATOM   1191 N N   . THR A 1 182 ? 10.547  13.929  -3.165  1.00 14.01 ? 154 THR A N   1 
ATOM   1192 C CA  . THR A 1 182 ? 11.681  13.221  -2.565  1.00 14.19 ? 154 THR A CA  1 
ATOM   1193 C C   . THR A 1 182 ? 11.529  11.703  -2.631  1.00 13.11 ? 154 THR A C   1 
ATOM   1194 O O   . THR A 1 182 ? 12.479  10.993  -2.933  1.00 11.42 ? 154 THR A O   1 
ATOM   1195 C CB  . THR A 1 182 ? 11.955  13.697  -1.116  1.00 14.99 ? 154 THR A CB  1 
ATOM   1196 O OG1 . THR A 1 182 ? 12.470  15.039  -1.182  1.00 18.43 ? 154 THR A OG1 1 
ATOM   1197 C CG2 . THR A 1 182 ? 13.007  12.803  -0.420  1.00 16.54 ? 154 THR A CG2 1 
ATOM   1198 N N   . GLU A 1 183 ? 10.326  11.209  -2.355  1.00 12.57 ? 155 GLU A N   1 
ATOM   1199 C CA  . GLU A 1 183 ? 10.044  9.794   -2.548  1.00 12.71 ? 155 GLU A CA  1 
ATOM   1200 C C   . GLU A 1 183 ? 10.237  9.348   -3.995  1.00 11.83 ? 155 GLU A C   1 
ATOM   1201 O O   . GLU A 1 183 ? 10.798  8.285   -4.242  1.00 11.31 ? 155 GLU A O   1 
ATOM   1202 C CB  . GLU A 1 183 ? 8.636   9.455   -2.082  1.00 12.46 ? 155 GLU A CB  1 
ATOM   1203 C CG  . GLU A 1 183 ? 8.463   9.599   -0.566  1.00 13.04 ? 155 GLU A CG  1 
ATOM   1204 C CD  . GLU A 1 183 ? 7.031   9.405   -0.154  1.00 16.06 ? 155 GLU A CD  1 
ATOM   1205 O OE1 . GLU A 1 183 ? 6.179   10.189  -0.573  1.00 17.46 ? 155 GLU A OE1 1 
ATOM   1206 O OE2 . GLU A 1 183 ? 6.723   8.431   0.564   1.00 22.57 ? 155 GLU A OE2 1 
ATOM   1207 N N   . VAL A 1 184 ? 9.722   10.126  -4.942  1.00 11.90 ? 156 VAL A N   1 
ATOM   1208 C CA  . VAL A 1 184 ? 9.973   9.869   -6.366  1.00 12.12 ? 156 VAL A CA  1 
ATOM   1209 C C   . VAL A 1 184 ? 11.454  9.741   -6.693  1.00 12.59 ? 156 VAL A C   1 
ATOM   1210 O O   . VAL A 1 184 ? 11.878  8.790   -7.357  1.00 13.01 ? 156 VAL A O   1 
ATOM   1211 C CB  . VAL A 1 184 ? 9.311   10.931  -7.264  1.00 11.96 ? 156 VAL A CB  1 
ATOM   1212 C CG1 . VAL A 1 184 ? 9.669   10.712  -8.750  1.00 10.48 ? 156 VAL A CG1 1 
ATOM   1213 C CG2 . VAL A 1 184 ? 7.759   10.892  -7.090  1.00 11.43 ? 156 VAL A CG2 1 
ATOM   1214 N N   . CYS A 1 185 ? 12.237  10.700  -6.212  1.00 14.27 ? 157 CYS A N   1 
ATOM   1215 C CA  A CYS A 1 185 ? 13.685  10.696  -6.440  0.50 13.96 ? 157 CYS A CA  1 
ATOM   1216 C CA  B CYS A 1 185 ? 13.669  10.717  -6.431  0.50 13.97 ? 157 CYS A CA  1 
ATOM   1217 C C   . CYS A 1 185 ? 14.352  9.453   -5.895  1.00 13.62 ? 157 CYS A C   1 
ATOM   1218 O O   . CYS A 1 185 ? 15.197  8.872   -6.568  1.00 14.64 ? 157 CYS A O   1 
ATOM   1219 C CB  A CYS A 1 185 ? 14.338  11.934  -5.830  0.50 14.55 ? 157 CYS A CB  1 
ATOM   1220 C CB  B CYS A 1 185 ? 14.242  11.970  -5.776  0.50 14.56 ? 157 CYS A CB  1 
ATOM   1221 S SG  A CYS A 1 185 ? 13.961  13.398  -6.739  0.50 17.85 ? 157 CYS A SG  1 
ATOM   1222 S SG  B CYS A 1 185 ? 15.977  12.104  -5.935  0.50 17.90 ? 157 CYS A SG  1 
ATOM   1223 N N   . LYS A 1 186 ? 13.985  9.046   -4.682  1.00 12.77 ? 158 LYS A N   1 
ATOM   1224 C CA  . LYS A 1 186 ? 14.536  7.840   -4.042  1.00 13.29 ? 158 LYS A CA  1 
ATOM   1225 C C   . LYS A 1 186 ? 14.174  6.562   -4.798  1.00 12.83 ? 158 LYS A C   1 
ATOM   1226 O O   . LYS A 1 186 ? 14.979  5.632   -4.893  1.00 12.82 ? 158 LYS A O   1 
ATOM   1227 C CB  . LYS A 1 186 ? 14.054  7.719   -2.610  1.00 13.30 ? 158 LYS A CB  1 
ATOM   1228 C CG  . LYS A 1 186 ? 14.660  8.758   -1.668  1.00 13.44 ? 158 LYS A CG  1 
ATOM   1229 C CD  . LYS A 1 186 ? 14.105  8.634   -0.267  1.00 14.20 ? 158 LYS A CD  1 
ATOM   1230 C CE  . LYS A 1 186 ? 14.841  9.583   0.665   1.00 15.57 ? 158 LYS A CE  1 
ATOM   1231 N NZ  . LYS A 1 186 ? 14.501  9.332   2.062   1.00 18.26 ? 158 LYS A NZ  1 
ATOM   1232 N N   . VAL A 1 187 ? 12.953  6.513   -5.318  1.00 12.24 ? 159 VAL A N   1 
ATOM   1233 C CA  . VAL A 1 187 ? 12.539  5.377   -6.124  1.00 12.91 ? 159 VAL A CA  1 
ATOM   1234 C C   . VAL A 1 187 ? 13.403  5.290   -7.374  1.00 13.33 ? 159 VAL A C   1 
ATOM   1235 O O   . VAL A 1 187 ? 14.009  4.242   -7.638  1.00 13.30 ? 159 VAL A O   1 
ATOM   1236 C CB  . VAL A 1 187 ? 11.050  5.420   -6.522  1.00 12.29 ? 159 VAL A CB  1 
ATOM   1237 C CG1 . VAL A 1 187 ? 10.749  4.337   -7.560  1.00 11.01 ? 159 VAL A CG1 1 
ATOM   1238 C CG2 . VAL A 1 187 ? 10.153  5.216   -5.279  1.00 10.50 ? 159 VAL A CG2 1 
ATOM   1239 N N   . LYS A 1 188 ? 13.444  6.378   -8.132  1.00 14.43 ? 160 LYS A N   1 
ATOM   1240 C CA  . LYS A 1 188 ? 14.233  6.446   -9.362  1.00 15.92 ? 160 LYS A CA  1 
ATOM   1241 C C   . LYS A 1 188 ? 15.690  6.063   -9.079  1.00 16.73 ? 160 LYS A C   1 
ATOM   1242 O O   . LYS A 1 188 ? 16.243  5.206   -9.752  1.00 17.37 ? 160 LYS A O   1 
ATOM   1243 C CB  . LYS A 1 188 ? 14.174  7.853   -9.969  1.00 16.25 ? 160 LYS A CB  1 
ATOM   1244 C CG  . LYS A 1 188 ? 12.823  8.233   -10.565 1.00 17.06 ? 160 LYS A CG  1 
ATOM   1245 C CD  . LYS A 1 188 ? 12.847  9.630   -11.171 1.00 17.84 ? 160 LYS A CD  1 
ATOM   1246 C CE  . LYS A 1 188 ? 11.628  9.898   -12.016 1.00 19.26 ? 160 LYS A CE  1 
ATOM   1247 N NZ  . LYS A 1 188 ? 11.414  11.362  -12.318 1.00 20.19 ? 160 LYS A NZ  1 
ATOM   1248 N N   . ASP A 1 189 ? 16.298  6.695   -8.078  1.00 17.54 ? 161 ASP A N   1 
ATOM   1249 C CA  . ASP A 1 189 ? 17.687  6.383   -7.703  1.00 17.85 ? 161 ASP A CA  1 
ATOM   1250 C C   . ASP A 1 189 ? 17.885  4.896   -7.391  1.00 17.93 ? 161 ASP A C   1 
ATOM   1251 O O   . ASP A 1 189 ? 18.852  4.297   -7.843  1.00 17.94 ? 161 ASP A O   1 
ATOM   1252 C CB  . ASP A 1 189 ? 18.133  7.227   -6.518  1.00 19.11 ? 161 ASP A CB  1 
ATOM   1253 C CG  . ASP A 1 189 ? 18.444  8.661   -6.906  1.00 21.70 ? 161 ASP A CG  1 
ATOM   1254 O OD1 . ASP A 1 189 ? 18.217  9.035   -8.071  1.00 28.46 ? 161 ASP A OD1 1 
ATOM   1255 O OD2 . ASP A 1 189 ? 18.915  9.425   -6.029  1.00 29.59 ? 161 ASP A OD2 1 
ATOM   1256 N N   . PHE A 1 190 ? 16.970  4.307   -6.621  1.00 17.24 ? 162 PHE A N   1 
ATOM   1257 C CA  . PHE A 1 190 ? 17.114  2.912   -6.219  1.00 17.43 ? 162 PHE A CA  1 
ATOM   1258 C C   . PHE A 1 190 ? 17.033  1.954   -7.409  1.00 17.95 ? 162 PHE A C   1 
ATOM   1259 O O   . PHE A 1 190 ? 17.846  1.036   -7.542  1.00 17.73 ? 162 PHE A O   1 
ATOM   1260 C CB  . PHE A 1 190 ? 16.061  2.515   -5.181  1.00 16.92 ? 162 PHE A CB  1 
ATOM   1261 C CG  . PHE A 1 190 ? 16.230  1.117   -4.686  1.00 16.25 ? 162 PHE A CG  1 
ATOM   1262 C CD1 . PHE A 1 190 ? 17.263  0.803   -3.809  1.00 13.86 ? 162 PHE A CD1 1 
ATOM   1263 C CD2 . PHE A 1 190 ? 15.401  0.092   -5.144  1.00 16.16 ? 162 PHE A CD2 1 
ATOM   1264 C CE1 . PHE A 1 190 ? 17.445  -0.504  -3.367  1.00 14.15 ? 162 PHE A CE1 1 
ATOM   1265 C CE2 . PHE A 1 190 ? 15.592  -1.220  -4.709  1.00 16.11 ? 162 PHE A CE2 1 
ATOM   1266 C CZ  . PHE A 1 190 ? 16.598  -1.510  -3.829  1.00 15.84 ? 162 PHE A CZ  1 
ATOM   1267 N N   . VAL A 1 191 ? 16.014  2.149   -8.235  1.00 18.36 ? 163 VAL A N   1 
ATOM   1268 C CA  . VAL A 1 191 ? 15.737  1.250   -9.340  1.00 19.59 ? 163 VAL A CA  1 
ATOM   1269 C C   . VAL A 1 191 ? 16.696  1.514   -10.498 1.00 20.83 ? 163 VAL A C   1 
ATOM   1270 O O   . VAL A 1 191 ? 17.286  0.577   -11.058 1.00 21.26 ? 163 VAL A O   1 
ATOM   1271 C CB  . VAL A 1 191 ? 14.262  1.404   -9.818  1.00 18.93 ? 163 VAL A CB  1 
ATOM   1272 C CG1 . VAL A 1 191 ? 14.020  0.586   -11.091 1.00 19.86 ? 163 VAL A CG1 1 
ATOM   1273 C CG2 . VAL A 1 191 ? 13.286  0.989   -8.698  1.00 18.58 ? 163 VAL A CG2 1 
ATOM   1274 N N   . SER A 1 192 ? 16.861  2.785   -10.847 1.00 21.79 ? 164 SER A N   1 
ATOM   1275 C CA  . SER A 1 192 ? 17.542  3.186   -12.080 1.00 23.22 ? 164 SER A CA  1 
ATOM   1276 C C   . SER A 1 192 ? 18.972  3.718   -11.897 1.00 24.37 ? 164 SER A C   1 
ATOM   1277 O O   . SER A 1 192 ? 19.719  3.864   -12.879 1.00 25.46 ? 164 SER A O   1 
ATOM   1278 C CB  . SER A 1 192 ? 16.679  4.227   -12.805 1.00 23.73 ? 164 SER A CB  1 
ATOM   1279 O OG  . SER A 1 192 ? 15.368  3.715   -13.035 1.00 24.65 ? 164 SER A OG  1 
ATOM   1280 N N   . GLY A 1 193 ? 19.359  4.020   -10.661 1.00 25.30 ? 165 GLY A N   1 
ATOM   1281 C CA  . GLY A 1 193 ? 20.665  4.645   -10.389 1.00 25.48 ? 165 GLY A CA  1 
ATOM   1282 C C   . GLY A 1 193 ? 21.782  3.669   -10.085 1.00 25.83 ? 165 GLY A C   1 
ATOM   1283 O O   . GLY A 1 193 ? 21.531  2.510   -9.759  1.00 27.01 ? 165 GLY A O   1 
HETATM 1284 O O   . HOH B 2 .   ? -0.206  -1.845  14.025  1.00 15.46 ? 166 HOH A O   1 
HETATM 1285 O O   . HOH B 2 .   ? 13.039  6.134   4.212   1.00 21.14 ? 167 HOH A O   1 
HETATM 1286 O O   . HOH B 2 .   ? -8.987  1.926   -11.418 1.00 21.51 ? 168 HOH A O   1 
HETATM 1287 O O   . HOH B 2 .   ? -0.723  -8.883  -14.371 1.00 15.88 ? 169 HOH A O   1 
HETATM 1288 O O   . HOH B 2 .   ? -4.357  -11.579 -9.883  1.00 14.65 ? 170 HOH A O   1 
HETATM 1289 O O   . HOH B 2 .   ? -10.105 -9.801  3.216   1.00 24.59 ? 171 HOH A O   1 
HETATM 1290 O O   . HOH B 2 .   ? -1.938  -7.537  -12.010 1.00 8.24  ? 172 HOH A O   1 
HETATM 1291 O O   . HOH B 2 .   ? -8.174  12.186  0.536   1.00 13.53 ? 173 HOH A O   1 
HETATM 1292 O O   . HOH B 2 .   ? 5.263   -13.404 -8.097  1.00 16.78 ? 174 HOH A O   1 
HETATM 1293 O O   . HOH B 2 .   ? 0.637   -1.131  7.128   1.00 11.40 ? 175 HOH A O   1 
HETATM 1294 O O   . HOH B 2 .   ? 4.491   4.818   -0.866  1.00 13.02 ? 176 HOH A O   1 
HETATM 1295 O O   . HOH B 2 .   ? 10.032  3.761   -17.371 1.00 19.75 ? 177 HOH A O   1 
HETATM 1296 O O   . HOH B 2 .   ? 11.356  -2.537  -17.656 1.00 21.74 ? 178 HOH A O   1 
HETATM 1297 O O   . HOH B 2 .   ? 9.626   -6.982  -9.664  1.00 14.60 ? 179 HOH A O   1 
HETATM 1298 O O   . HOH B 2 .   ? 3.964   -9.598  -8.995  1.00 9.25  ? 180 HOH A O   1 
HETATM 1299 O O   . HOH B 2 .   ? 3.152   9.424   -11.876 1.00 16.36 ? 181 HOH A O   1 
HETATM 1300 O O   . HOH B 2 .   ? 15.370  -5.071  1.822   1.00 13.96 ? 182 HOH A O   1 
HETATM 1301 O O   . HOH B 2 .   ? -1.232  12.518  9.292   1.00 15.03 ? 183 HOH A O   1 
HETATM 1302 O O   . HOH B 2 .   ? -1.427  5.149   6.577   1.00 17.09 ? 184 HOH A O   1 
HETATM 1303 O O   . HOH B 2 .   ? 17.222  5.863   -3.275  1.00 11.89 ? 185 HOH A O   1 
HETATM 1304 O O   . HOH B 2 .   ? 7.360   -13.936 -5.146  1.00 18.18 ? 186 HOH A O   1 
HETATM 1305 O O   . HOH B 2 .   ? -2.790  -12.470 -7.684  1.00 21.74 ? 187 HOH A O   1 
HETATM 1306 O O   . HOH B 2 .   ? -10.338 12.971  -0.868  1.00 21.57 ? 188 HOH A O   1 
HETATM 1307 O O   . HOH B 2 .   ? -3.128  6.000   12.473  1.00 14.81 ? 189 HOH A O   1 
HETATM 1308 O O   . HOH B 2 .   ? 24.049  0.669   -11.013 1.00 41.67 ? 190 HOH A O   1 
HETATM 1309 O O   . HOH B 2 .   ? -9.537  -5.925  19.076  1.00 35.07 ? 191 HOH A O   1 
HETATM 1310 O O   . HOH B 2 .   ? -7.870  -10.705 15.829  1.00 17.61 ? 192 HOH A O   1 
HETATM 1311 O O   . HOH B 2 .   ? 1.234   -13.927 -9.781  1.00 25.19 ? 193 HOH A O   1 
HETATM 1312 O O   . HOH B 2 .   ? -3.977  -12.175 0.021   1.00 19.01 ? 194 HOH A O   1 
HETATM 1313 O O   . HOH B 2 .   ? 19.121  4.030   -3.780  1.00 16.18 ? 195 HOH A O   1 
HETATM 1314 O O   . HOH B 2 .   ? -1.882  -7.442  15.245  1.00 22.61 ? 196 HOH A O   1 
HETATM 1315 O O   . HOH B 2 .   ? -6.476  12.970  -1.668  1.00 22.46 ? 197 HOH A O   1 
HETATM 1316 O O   . HOH B 2 .   ? -20.083 5.383   6.825   1.00 22.12 ? 198 HOH A O   1 
HETATM 1317 O O   . HOH B 2 .   ? 3.411   -14.090 -3.754  1.00 20.66 ? 199 HOH A O   1 
HETATM 1318 O O   . HOH B 2 .   ? -16.606 6.739   9.771   1.00 17.66 ? 200 HOH A O   1 
HETATM 1319 O O   . HOH B 2 .   ? -3.822  12.365  5.709   1.00 15.03 ? 201 HOH A O   1 
HETATM 1320 O O   . HOH B 2 .   ? -5.902  11.758  -11.472 1.00 23.76 ? 202 HOH A O   1 
HETATM 1321 O O   . HOH B 2 .   ? -9.130  -9.711  -4.828  1.00 14.61 ? 203 HOH A O   1 
HETATM 1322 O O   . HOH B 2 .   ? -4.264  -11.742 4.761   1.00 17.35 ? 204 HOH A O   1 
HETATM 1323 O O   . HOH B 2 .   ? -6.451  13.403  4.911   1.00 17.16 ? 205 HOH A O   1 
HETATM 1324 O O   . HOH B 2 .   ? -10.418 8.816   9.447   1.00 20.81 ? 206 HOH A O   1 
HETATM 1325 O O   . HOH B 2 .   ? -16.911 4.669   11.927  1.00 18.89 ? 207 HOH A O   1 
HETATM 1326 O O   . HOH B 2 .   ? -9.475  -8.214  -7.913  1.00 25.89 ? 208 HOH A O   1 
HETATM 1327 O O   . HOH B 2 .   ? 4.598   -3.500  -16.414 1.00 16.66 ? 209 HOH A O   1 
HETATM 1328 O O   . HOH B 2 .   ? -16.512 -4.731  2.645   1.00 17.59 ? 210 HOH A O   1 
HETATM 1329 O O   . HOH B 2 .   ? -14.439 8.360   9.717   1.00 15.88 ? 211 HOH A O   1 
HETATM 1330 O O   . HOH B 2 .   ? 8.489   -14.698 -0.583  1.00 27.06 ? 212 HOH A O   1 
HETATM 1331 O O   . HOH B 2 .   ? -14.613 -6.848  -1.817  1.00 22.47 ? 213 HOH A O   1 
HETATM 1332 O O   . HOH B 2 .   ? 2.763   0.484   6.389   1.00 21.26 ? 214 HOH A O   1 
HETATM 1333 O O   . HOH B 2 .   ? 1.991   1.279   -16.146 1.00 21.03 ? 215 HOH A O   1 
HETATM 1334 O O   . HOH B 2 .   ? -7.034  14.039  2.281   1.00 15.92 ? 216 HOH A O   1 
HETATM 1335 O O   . HOH B 2 .   ? 11.149  -8.506  -11.343 1.00 27.20 ? 217 HOH A O   1 
HETATM 1336 O O   . HOH B 2 .   ? -3.826  13.703  8.170   1.00 23.34 ? 218 HOH A O   1 
HETATM 1337 O O   . HOH B 2 .   ? 1.829   14.371  -4.979  1.00 20.65 ? 219 HOH A O   1 
HETATM 1338 O O   . HOH B 2 .   ? -7.800  6.915   -15.158 1.00 22.19 ? 220 HOH A O   1 
HETATM 1339 O O   . HOH B 2 .   ? -10.300 -0.309  16.070  1.00 20.68 ? 221 HOH A O   1 
HETATM 1340 O O   . HOH B 2 .   ? -0.133  0.527   15.839  1.00 24.28 ? 222 HOH A O   1 
HETATM 1341 O O   . HOH B 2 .   ? -7.463  14.938  6.749   1.00 25.94 ? 223 HOH A O   1 
HETATM 1342 O O   . HOH B 2 .   ? -15.103 4.416   14.072  1.00 22.13 ? 224 HOH A O   1 
HETATM 1343 O O   . HOH B 2 .   ? -14.769 -2.335  -7.896  1.00 26.46 ? 225 HOH A O   1 
HETATM 1344 O O   . HOH B 2 .   ? -17.230 5.414   -0.170  1.00 26.18 ? 226 HOH A O   1 
HETATM 1345 O O   . HOH B 2 .   ? 11.004  14.106  -8.102  1.00 23.25 ? 227 HOH A O   1 
HETATM 1346 O O   . HOH B 2 .   ? -6.888  -3.102  -13.151 1.00 22.38 ? 228 HOH A O   1 
HETATM 1347 O O   . HOH B 2 .   ? 2.869   -1.359  -16.293 1.00 15.25 ? 229 HOH A O   1 
HETATM 1348 O O   . HOH B 2 .   ? 10.624  -4.774  -11.017 1.00 19.79 ? 230 HOH A O   1 
HETATM 1349 O O   . HOH B 2 .   ? -3.550  4.628   10.133  1.00 18.73 ? 231 HOH A O   1 
HETATM 1350 O O   . HOH B 2 .   ? 9.177   12.969  1.636   1.00 20.03 ? 232 HOH A O   1 
HETATM 1351 O O   . HOH B 2 .   ? -16.072 -2.408  -5.604  1.00 33.61 ? 233 HOH A O   1 
HETATM 1352 O O   . HOH B 2 .   ? -19.907 11.146  5.575   1.00 23.57 ? 234 HOH A O   1 
HETATM 1353 O O   . HOH B 2 .   ? 1.994   5.159   3.592   1.00 35.52 ? 235 HOH A O   1 
HETATM 1354 O O   . HOH B 2 .   ? 13.765  11.285  -14.670 1.00 34.62 ? 236 HOH A O   1 
HETATM 1355 O O   . HOH B 2 .   ? 12.614  12.889  -9.991  1.00 25.45 ? 237 HOH A O   1 
HETATM 1356 O O   . HOH B 2 .   ? -19.371 13.388  4.516   1.00 20.30 ? 238 HOH A O   1 
HETATM 1357 O O   . HOH B 2 .   ? 0.346   -9.060  14.806  1.00 20.41 ? 239 HOH A O   1 
HETATM 1358 O O   . HOH B 2 .   ? 0.633   -14.160 -7.374  1.00 26.81 ? 240 HOH A O   1 
HETATM 1359 O O   . HOH B 2 .   ? -16.853 -4.718  7.543   1.00 19.22 ? 241 HOH A O   1 
HETATM 1360 O O   . HOH B 2 .   ? 10.010  19.719  -5.021  1.00 21.99 ? 242 HOH A O   1 
HETATM 1361 O O   . HOH B 2 .   ? 0.915   6.971   5.484   1.00 25.08 ? 243 HOH A O   1 
HETATM 1362 O O   . HOH B 2 .   ? -4.231  13.710  1.089   1.00 29.90 ? 244 HOH A O   1 
HETATM 1363 O O   . HOH B 2 .   ? 8.395   14.468  -8.990  1.00 22.12 ? 245 HOH A O   1 
HETATM 1364 O O   . HOH B 2 .   ? -0.089  9.167   -1.698  1.00 26.44 ? 246 HOH A O   1 
HETATM 1365 O O   . HOH B 2 .   ? 18.130  7.262   0.817   1.00 31.10 ? 247 HOH A O   1 
HETATM 1366 O O   . HOH B 2 .   ? -10.649 12.697  -5.986  1.00 32.40 ? 248 HOH A O   1 
HETATM 1367 O O   . HOH B 2 .   ? 2.017   9.860   4.873   1.00 35.51 ? 249 HOH A O   1 
HETATM 1368 O O   . HOH B 2 .   ? -11.240 -11.256 -5.666  1.00 22.95 ? 250 HOH A O   1 
HETATM 1369 O O   . HOH B 2 .   ? 12.767  -6.380  -12.148 1.00 18.03 ? 251 HOH A O   1 
HETATM 1370 O O   . HOH B 2 .   ? -15.389 5.143   -2.193  1.00 19.69 ? 252 HOH A O   1 
HETATM 1371 O O   . HOH B 2 .   ? -5.550  15.317  8.791   1.00 21.83 ? 253 HOH A O   1 
HETATM 1372 O O   . HOH B 2 .   ? -5.506  -9.231  -13.713 1.00 18.42 ? 254 HOH A O   1 
HETATM 1373 O O   . HOH B 2 .   ? -3.329  11.398  0.011   1.00 21.06 ? 255 HOH A O   1 
HETATM 1374 O O   . HOH B 2 .   ? -3.312  -9.873  -11.925 1.00 13.51 ? 256 HOH A O   1 
HETATM 1375 O O   . HOH B 2 .   ? -11.145 -0.824  -6.564  1.00 21.41 ? 257 HOH A O   1 
HETATM 1376 O O   . HOH B 2 .   ? 3.754   3.435   4.165   1.00 30.29 ? 258 HOH A O   1 
HETATM 1377 O O   . HOH B 2 .   ? 3.499   2.996   7.068   1.00 40.43 ? 259 HOH A O   1 
HETATM 1378 O O   . HOH B 2 .   ? -11.699 0.345   13.420  1.00 18.80 ? 260 HOH A O   1 
HETATM 1379 O O   . HOH B 2 .   ? -12.464 -5.813  18.698  1.00 13.30 ? 261 HOH A O   1 
HETATM 1380 O O   . HOH B 2 .   ? 2.700   -3.000  12.689  1.00 25.17 ? 262 HOH A O   1 
HETATM 1381 O O   . HOH B 2 .   ? 1.484   -13.683 3.233   1.00 15.72 ? 263 HOH A O   1 
HETATM 1382 O O   . HOH B 2 .   ? 15.499  6.517   2.699   1.00 21.47 ? 264 HOH A O   1 
HETATM 1383 O O   . HOH B 2 .   ? -2.041  -6.823  -15.770 1.00 19.01 ? 265 HOH A O   1 
HETATM 1384 O O   . HOH B 2 .   ? 10.745  -7.659  14.482  1.00 32.38 ? 266 HOH A O   1 
HETATM 1385 O O   . HOH B 2 .   ? -19.855 7.362   3.415   1.00 32.24 ? 267 HOH A O   1 
HETATM 1386 O O   . HOH B 2 .   ? -14.227 13.217  0.318   1.00 33.40 ? 268 HOH A O   1 
HETATM 1387 O O   . HOH B 2 .   ? 5.967   -5.594  13.629  1.00 29.16 ? 269 HOH A O   1 
HETATM 1388 O O   . HOH B 2 .   ? 14.228  6.378   -13.287 1.00 25.12 ? 270 HOH A O   1 
HETATM 1389 O O   . HOH B 2 .   ? -13.974 5.921   -6.340  1.00 31.45 ? 271 HOH A O   1 
HETATM 1390 O O   . HOH B 2 .   ? 8.389   -14.330 5.656   1.00 22.47 ? 272 HOH A O   1 
HETATM 1391 O O   . HOH B 2 .   ? 0.835   13.357  -9.806  1.00 24.01 ? 273 HOH A O   1 
HETATM 1392 O O   . HOH B 2 .   ? -1.119  3.409   9.288   1.00 36.61 ? 274 HOH A O   1 
HETATM 1393 O O   . HOH B 2 .   ? -7.664  -7.812  -13.207 1.00 26.47 ? 275 HOH A O   1 
HETATM 1394 O O   . HOH B 2 .   ? -22.583 0.281   3.388   1.00 38.15 ? 276 HOH A O   1 
HETATM 1395 O O   . HOH B 2 .   ? 4.032   8.045   -0.234  1.00 21.05 ? 277 HOH A O   1 
HETATM 1396 O O   . HOH B 2 .   ? 4.595   10.614  1.892   1.00 30.29 ? 278 HOH A O   1 
HETATM 1397 O O   . HOH B 2 .   ? -0.733  -14.705 1.361   1.00 41.57 ? 279 HOH A O   1 
HETATM 1398 O O   . HOH B 2 .   ? -1.234  14.732  -5.920  1.00 25.42 ? 280 HOH A O   1 
HETATM 1399 O O   . HOH B 2 .   ? -7.318  -13.723 -3.893  1.00 24.98 ? 281 HOH A O   1 
HETATM 1400 O O   . HOH B 2 .   ? -3.369  -2.817  -15.275 1.00 30.77 ? 282 HOH A O   1 
HETATM 1401 O O   . HOH B 2 .   ? 10.460  -6.754  -18.762 1.00 24.08 ? 283 HOH A O   1 
HETATM 1402 O O   . HOH B 2 .   ? 13.877  -1.144  16.076  1.00 33.50 ? 284 HOH A O   1 
HETATM 1403 O O   . HOH B 2 .   ? 1.385   8.396   -22.382 1.00 28.29 ? 285 HOH A O   1 
HETATM 1404 O O   . HOH B 2 .   ? 16.290  10.605  -9.098  1.00 41.17 ? 286 HOH A O   1 
HETATM 1405 O O   . HOH B 2 .   ? 12.038  7.093   -14.874 1.00 23.38 ? 287 HOH A O   1 
HETATM 1406 O O   . HOH B 2 .   ? -0.211  5.505   -17.374 1.00 28.60 ? 288 HOH A O   1 
HETATM 1407 O O   . HOH B 2 .   ? 6.903   5.777   0.045   1.00 24.13 ? 289 HOH A O   1 
HETATM 1408 O O   . HOH B 2 .   ? 8.788   -13.514 -13.285 1.00 30.72 ? 290 HOH A O   1 
HETATM 1409 O O   . HOH B 2 .   ? 11.514  9.339   1.950   1.00 32.10 ? 291 HOH A O   1 
HETATM 1410 O O   . HOH B 2 .   ? 13.358  -11.159 9.551   1.00 31.47 ? 292 HOH A O   1 
HETATM 1411 O O   . HOH B 2 .   ? -5.342  -4.608  -14.345 1.00 29.40 ? 293 HOH A O   1 
HETATM 1412 O O   . HOH B 2 .   ? 2.104   5.191   -17.680 1.00 27.96 ? 294 HOH A O   1 
HETATM 1413 O O   . HOH B 2 .   ? -21.607 5.290   0.323   1.00 30.24 ? 295 HOH A O   1 
HETATM 1414 O O   . HOH B 2 .   ? -8.935  5.253   -12.102 1.00 30.52 ? 296 HOH A O   1 
HETATM 1415 O O   . HOH B 2 .   ? -4.144  -14.436 -6.770  1.00 38.60 ? 297 HOH A O   1 
HETATM 1416 O O   . HOH B 2 .   ? 8.048   -12.694 -15.827 1.00 14.93 ? 298 HOH A O   1 
HETATM 1417 O O   . HOH B 2 .   ? 16.019  -1.611  14.257  1.00 34.57 ? 299 HOH A O   1 
HETATM 1418 O O   . HOH B 2 .   ? -5.067  2.054   9.858   1.00 7.63  ? 300 HOH A O   1 
HETATM 1419 O O   . HOH B 2 .   ? -12.243 -3.510  -8.396  1.00 34.60 ? 301 HOH A O   1 
HETATM 1420 O O   . HOH B 2 .   ? 9.361   -5.888  12.953  1.00 40.46 ? 302 HOH A O   1 
HETATM 1421 O O   . HOH B 2 .   ? 10.715  6.451   8.738   1.00 33.17 ? 303 HOH A O   1 
HETATM 1422 O O   . HOH B 2 .   ? 17.184  -1.830  -0.023  1.00 28.43 ? 304 HOH A O   1 
HETATM 1423 O O   . HOH B 2 .   ? -14.076 -8.635  7.054   1.00 33.91 ? 305 HOH A O   1 
HETATM 1424 O O   . HOH B 2 .   ? -1.987  -13.297 4.673   1.00 23.72 ? 306 HOH A O   1 
HETATM 1425 O O   . HOH B 2 .   ? -4.602  -7.621  -15.592 1.00 23.20 ? 307 HOH A O   1 
HETATM 1426 O O   . HOH B 2 .   ? -9.910  2.392   17.024  1.00 19.49 ? 308 HOH A O   1 
HETATM 1427 O O   . HOH B 2 .   ? -10.861 4.309   14.844  1.00 21.54 ? 309 HOH A O   1 
HETATM 1428 O O   . HOH B 2 .   ? -5.677  -10.972 11.259  1.00 29.73 ? 310 HOH A O   1 
HETATM 1429 O O   . HOH B 2 .   ? -8.859  -9.082  12.101  1.00 21.15 ? 311 HOH A O   1 
# 
